data_3OFF
# 
_entry.id   3OFF 
# 
_audit_conform.dict_name       mmcif_pdbx.dic 
_audit_conform.dict_version    5.398 
_audit_conform.dict_location   http://mmcif.pdb.org/dictionaries/ascii/mmcif_pdbx.dic 
# 
loop_
_database_2.database_id 
_database_2.database_code 
_database_2.pdbx_database_accession 
_database_2.pdbx_DOI 
PDB   3OFF         pdb_00003off 10.2210/pdb3off/pdb 
RCSB  RCSB061047   ?            ?                   
WWPDB D_1000061047 ?            ?                   
# 
loop_
_pdbx_audit_revision_history.ordinal 
_pdbx_audit_revision_history.data_content_type 
_pdbx_audit_revision_history.major_revision 
_pdbx_audit_revision_history.minor_revision 
_pdbx_audit_revision_history.revision_date 
1 'Structure model' 1 0 2011-03-02 
2 'Structure model' 1 1 2011-07-13 
3 'Structure model' 1 2 2017-11-08 
4 'Structure model' 1 3 2024-11-06 
# 
_pdbx_audit_revision_details.ordinal             1 
_pdbx_audit_revision_details.revision_ordinal    1 
_pdbx_audit_revision_details.data_content_type   'Structure model' 
_pdbx_audit_revision_details.provider            repository 
_pdbx_audit_revision_details.type                'Initial release' 
_pdbx_audit_revision_details.description         ? 
_pdbx_audit_revision_details.details             ? 
# 
loop_
_pdbx_audit_revision_group.ordinal 
_pdbx_audit_revision_group.revision_ordinal 
_pdbx_audit_revision_group.data_content_type 
_pdbx_audit_revision_group.group 
1 2 'Structure model' 'Version format compliance' 
2 3 'Structure model' 'Refinement description'    
3 4 'Structure model' 'Data collection'           
4 4 'Structure model' 'Database references'       
5 4 'Structure model' 'Derived calculations'      
6 4 'Structure model' 'Structure summary'         
# 
loop_
_pdbx_audit_revision_category.ordinal 
_pdbx_audit_revision_category.revision_ordinal 
_pdbx_audit_revision_category.data_content_type 
_pdbx_audit_revision_category.category 
1 3 'Structure model' software                  
2 4 'Structure model' chem_comp_atom            
3 4 'Structure model' chem_comp_bond            
4 4 'Structure model' database_2                
5 4 'Structure model' pdbx_entry_details        
6 4 'Structure model' pdbx_modification_feature 
7 4 'Structure model' struct_conn               
8 4 'Structure model' struct_ref_seq_dif        
9 4 'Structure model' struct_site               
# 
loop_
_pdbx_audit_revision_item.ordinal 
_pdbx_audit_revision_item.revision_ordinal 
_pdbx_audit_revision_item.data_content_type 
_pdbx_audit_revision_item.item 
1 3 'Structure model' '_software.name'                      
2 4 'Structure model' '_database_2.pdbx_DOI'                
3 4 'Structure model' '_database_2.pdbx_database_accession' 
4 4 'Structure model' '_struct_conn.pdbx_leaving_atom_flag' 
5 4 'Structure model' '_struct_ref_seq_dif.details'         
6 4 'Structure model' '_struct_site.pdbx_auth_asym_id'      
7 4 'Structure model' '_struct_site.pdbx_auth_comp_id'      
8 4 'Structure model' '_struct_site.pdbx_auth_seq_id'       
# 
_pdbx_database_status.entry_id                        3OFF 
_pdbx_database_status.status_code                     REL 
_pdbx_database_status.deposit_site                    RCSB 
_pdbx_database_status.process_site                    RCSB 
_pdbx_database_status.recvd_initial_deposition_date   2010-08-14 
_pdbx_database_status.status_code_sf                  REL 
_pdbx_database_status.status_code_mr                  ? 
_pdbx_database_status.SG_entry                        ? 
_pdbx_database_status.status_code_cs                  ? 
_pdbx_database_status.pdb_format_compatible           Y 
_pdbx_database_status.methods_development_category    ? 
_pdbx_database_status.status_code_nmr_data            ? 
# 
loop_
_pdbx_database_related.db_name 
_pdbx_database_related.db_id 
_pdbx_database_related.details 
_pdbx_database_related.content_type 
PDB 3OFE Ortholog                                          unspecified 
PDB 3OFG Ortholog                                          unspecified 
PDB 3OFH Ortholog                                          unspecified 
PDB 2I9S 'NMR solution structure of Mesd structure domain' unspecified 
PDB 2RQK 'NMR solution structure of Mesd'                  unspecified 
PDB 2RQM 'NMR solution structure of Mesd'                  unspecified 
# 
loop_
_audit_author.name 
_audit_author.pdbx_ordinal 
'Collins, M.N.'     1 
'Hendrickson, W.A.' 2 
# 
_citation.id                        primary 
_citation.title                     
'Structural Characterization of the Boca/Mesd Maturation Factors for LDL-Receptor-Type beta-Propeller Domains' 
_citation.journal_abbrev            Structure 
_citation.journal_volume            ? 
_citation.page_first                ? 
_citation.page_last                 ? 
_citation.year                      2011 
_citation.journal_id_ASTM           STRUE6 
_citation.country                   UK 
_citation.journal_id_ISSN           0969-2126 
_citation.journal_id_CSD            2005 
_citation.book_publisher            ? 
_citation.pdbx_database_id_PubMed   ? 
_citation.pdbx_database_id_DOI      ? 
# 
loop_
_citation_author.citation_id 
_citation_author.name 
_citation_author.ordinal 
_citation_author.identifier_ORCID 
primary 'Collins, M.N.'     1 ? 
primary 'Hendrickson, W.A.' 2 ? 
# 
loop_
_entity.id 
_entity.type 
_entity.src_method 
_entity.pdbx_description 
_entity.formula_weight 
_entity.pdbx_number_of_molecules 
_entity.pdbx_ec 
_entity.pdbx_mutation 
_entity.pdbx_fragment 
_entity.details 
1 polymer     man 'LDLR chaperone boca' 10637.482 1  ? ? 'sequence database residues 88-172' ? 
2 non-polymer syn 'SULFATE ION'         96.063    3  ? ? ?                                   ? 
3 non-polymer syn 'ACETATE ION'         59.044    1  ? ? ?                                   ? 
4 non-polymer syn 'SODIUM ION'          22.990    1  ? ? ?                                   ? 
5 water       nat water                 18.015    76 ? ? ?                                   ? 
# 
_entity_poly.entity_id                      1 
_entity_poly.type                           'polypeptide(L)' 
_entity_poly.nstd_linkage                   no 
_entity_poly.nstd_monomer                   yes 
_entity_poly.pdbx_seq_one_letter_code       
;GSQKH(MSE)KKGRTL(MSE)TFVSVTGNPTREESDTITKLWQTSLWNNHIQAERY(MSE)VDDNRAIFLFKDGTQAWDA
KDFLIEQERCKGVTIENKEYPG
;
_entity_poly.pdbx_seq_one_letter_code_can   
;GSQKHMKKGRTLMTFVSVTGNPTREESDTITKLWQTSLWNNHIQAERYMVDDNRAIFLFKDGTQAWDAKDFLIEQERCKG
VTIENKEYPG
;
_entity_poly.pdbx_strand_id                 A 
_entity_poly.pdbx_target_identifier         ? 
# 
loop_
_pdbx_entity_nonpoly.entity_id 
_pdbx_entity_nonpoly.name 
_pdbx_entity_nonpoly.comp_id 
2 'SULFATE ION' SO4 
3 'ACETATE ION' ACT 
4 'SODIUM ION'  NA  
5 water         HOH 
# 
loop_
_entity_poly_seq.entity_id 
_entity_poly_seq.num 
_entity_poly_seq.mon_id 
_entity_poly_seq.hetero 
1 1  GLY n 
1 2  SER n 
1 3  GLN n 
1 4  LYS n 
1 5  HIS n 
1 6  MSE n 
1 7  LYS n 
1 8  LYS n 
1 9  GLY n 
1 10 ARG n 
1 11 THR n 
1 12 LEU n 
1 13 MSE n 
1 14 THR n 
1 15 PHE n 
1 16 VAL n 
1 17 SER n 
1 18 VAL n 
1 19 THR n 
1 20 GLY n 
1 21 ASN n 
1 22 PRO n 
1 23 THR n 
1 24 ARG n 
1 25 GLU n 
1 26 GLU n 
1 27 SER n 
1 28 ASP n 
1 29 THR n 
1 30 ILE n 
1 31 THR n 
1 32 LYS n 
1 33 LEU n 
1 34 TRP n 
1 35 GLN n 
1 36 THR n 
1 37 SER n 
1 38 LEU n 
1 39 TRP n 
1 40 ASN n 
1 41 ASN n 
1 42 HIS n 
1 43 ILE n 
1 44 GLN n 
1 45 ALA n 
1 46 GLU n 
1 47 ARG n 
1 48 TYR n 
1 49 MSE n 
1 50 VAL n 
1 51 ASP n 
1 52 ASP n 
1 53 ASN n 
1 54 ARG n 
1 55 ALA n 
1 56 ILE n 
1 57 PHE n 
1 58 LEU n 
1 59 PHE n 
1 60 LYS n 
1 61 ASP n 
1 62 GLY n 
1 63 THR n 
1 64 GLN n 
1 65 ALA n 
1 66 TRP n 
1 67 ASP n 
1 68 ALA n 
1 69 LYS n 
1 70 ASP n 
1 71 PHE n 
1 72 LEU n 
1 73 ILE n 
1 74 GLU n 
1 75 GLN n 
1 76 GLU n 
1 77 ARG n 
1 78 CYS n 
1 79 LYS n 
1 80 GLY n 
1 81 VAL n 
1 82 THR n 
1 83 ILE n 
1 84 GLU n 
1 85 ASN n 
1 86 LYS n 
1 87 GLU n 
1 88 TYR n 
1 89 PRO n 
1 90 GLY n 
# 
_entity_src_gen.entity_id                          1 
_entity_src_gen.pdbx_src_id                        1 
_entity_src_gen.pdbx_alt_source_flag               sample 
_entity_src_gen.pdbx_seq_type                      ? 
_entity_src_gen.pdbx_beg_seq_num                   ? 
_entity_src_gen.pdbx_end_seq_num                   ? 
_entity_src_gen.gene_src_common_name               'Fruit fly' 
_entity_src_gen.gene_src_genus                     ? 
_entity_src_gen.pdbx_gene_src_gene                 'boca, CG30498' 
_entity_src_gen.gene_src_species                   ? 
_entity_src_gen.gene_src_strain                    ? 
_entity_src_gen.gene_src_tissue                    ? 
_entity_src_gen.gene_src_tissue_fraction           ? 
_entity_src_gen.gene_src_details                   ? 
_entity_src_gen.pdbx_gene_src_fragment             ? 
_entity_src_gen.pdbx_gene_src_scientific_name      'Drosophila melanogaster' 
_entity_src_gen.pdbx_gene_src_ncbi_taxonomy_id     7227 
_entity_src_gen.pdbx_gene_src_variant              ? 
_entity_src_gen.pdbx_gene_src_cell_line            ? 
_entity_src_gen.pdbx_gene_src_atcc                 ? 
_entity_src_gen.pdbx_gene_src_organ                ? 
_entity_src_gen.pdbx_gene_src_organelle            ? 
_entity_src_gen.pdbx_gene_src_cell                 ? 
_entity_src_gen.pdbx_gene_src_cellular_location    ? 
_entity_src_gen.host_org_common_name               ? 
_entity_src_gen.pdbx_host_org_scientific_name      'Escherichia coli' 
_entity_src_gen.pdbx_host_org_ncbi_taxonomy_id     469008 
_entity_src_gen.host_org_genus                     ? 
_entity_src_gen.pdbx_host_org_gene                 ? 
_entity_src_gen.pdbx_host_org_organ                ? 
_entity_src_gen.host_org_species                   ? 
_entity_src_gen.pdbx_host_org_tissue               ? 
_entity_src_gen.pdbx_host_org_tissue_fraction      ? 
_entity_src_gen.pdbx_host_org_strain               'BL21(DE3)' 
_entity_src_gen.pdbx_host_org_variant              ? 
_entity_src_gen.pdbx_host_org_cell_line            ? 
_entity_src_gen.pdbx_host_org_atcc                 ? 
_entity_src_gen.pdbx_host_org_culture_collection   ? 
_entity_src_gen.pdbx_host_org_cell                 ? 
_entity_src_gen.pdbx_host_org_organelle            ? 
_entity_src_gen.pdbx_host_org_cellular_location    ? 
_entity_src_gen.pdbx_host_org_vector_type          plasmid 
_entity_src_gen.pdbx_host_org_vector               ? 
_entity_src_gen.host_org_details                   ? 
_entity_src_gen.expression_system_id               ? 
_entity_src_gen.plasmid_name                       pET28 
_entity_src_gen.plasmid_details                    ? 
_entity_src_gen.pdbx_description                   ? 
# 
loop_
_chem_comp.id 
_chem_comp.type 
_chem_comp.mon_nstd_flag 
_chem_comp.name 
_chem_comp.pdbx_synonyms 
_chem_comp.formula 
_chem_comp.formula_weight 
ACT non-polymer         . 'ACETATE ION'    ? 'C2 H3 O2 -1'    59.044  
ALA 'L-peptide linking' y ALANINE          ? 'C3 H7 N O2'     89.093  
ARG 'L-peptide linking' y ARGININE         ? 'C6 H15 N4 O2 1' 175.209 
ASN 'L-peptide linking' y ASPARAGINE       ? 'C4 H8 N2 O3'    132.118 
ASP 'L-peptide linking' y 'ASPARTIC ACID'  ? 'C4 H7 N O4'     133.103 
CYS 'L-peptide linking' y CYSTEINE         ? 'C3 H7 N O2 S'   121.158 
GLN 'L-peptide linking' y GLUTAMINE        ? 'C5 H10 N2 O3'   146.144 
GLU 'L-peptide linking' y 'GLUTAMIC ACID'  ? 'C5 H9 N O4'     147.129 
GLY 'peptide linking'   y GLYCINE          ? 'C2 H5 N O2'     75.067  
HIS 'L-peptide linking' y HISTIDINE        ? 'C6 H10 N3 O2 1' 156.162 
HOH non-polymer         . WATER            ? 'H2 O'           18.015  
ILE 'L-peptide linking' y ISOLEUCINE       ? 'C6 H13 N O2'    131.173 
LEU 'L-peptide linking' y LEUCINE          ? 'C6 H13 N O2'    131.173 
LYS 'L-peptide linking' y LYSINE           ? 'C6 H15 N2 O2 1' 147.195 
MSE 'L-peptide linking' n SELENOMETHIONINE ? 'C5 H11 N O2 Se' 196.106 
NA  non-polymer         . 'SODIUM ION'     ? 'Na 1'           22.990  
PHE 'L-peptide linking' y PHENYLALANINE    ? 'C9 H11 N O2'    165.189 
PRO 'L-peptide linking' y PROLINE          ? 'C5 H9 N O2'     115.130 
SER 'L-peptide linking' y SERINE           ? 'C3 H7 N O3'     105.093 
SO4 non-polymer         . 'SULFATE ION'    ? 'O4 S -2'        96.063  
THR 'L-peptide linking' y THREONINE        ? 'C4 H9 N O3'     119.119 
TRP 'L-peptide linking' y TRYPTOPHAN       ? 'C11 H12 N2 O2'  204.225 
TYR 'L-peptide linking' y TYROSINE         ? 'C9 H11 N O3'    181.189 
VAL 'L-peptide linking' y VALINE           ? 'C5 H11 N O2'    117.146 
# 
loop_
_pdbx_poly_seq_scheme.asym_id 
_pdbx_poly_seq_scheme.entity_id 
_pdbx_poly_seq_scheme.seq_id 
_pdbx_poly_seq_scheme.mon_id 
_pdbx_poly_seq_scheme.ndb_seq_num 
_pdbx_poly_seq_scheme.pdb_seq_num 
_pdbx_poly_seq_scheme.auth_seq_num 
_pdbx_poly_seq_scheme.pdb_mon_id 
_pdbx_poly_seq_scheme.auth_mon_id 
_pdbx_poly_seq_scheme.pdb_strand_id 
_pdbx_poly_seq_scheme.pdb_ins_code 
_pdbx_poly_seq_scheme.hetero 
A 1 1  GLY 1  83  ?   ?   ?   A . n 
A 1 2  SER 2  84  ?   ?   ?   A . n 
A 1 3  GLN 3  85  ?   ?   ?   A . n 
A 1 4  LYS 4  86  ?   ?   ?   A . n 
A 1 5  HIS 5  87  ?   ?   ?   A . n 
A 1 6  MSE 6  88  88  MSE MSE A . n 
A 1 7  LYS 7  89  89  LYS LYS A . n 
A 1 8  LYS 8  90  90  LYS LYS A . n 
A 1 9  GLY 9  91  91  GLY GLY A . n 
A 1 10 ARG 10 92  92  ARG ARG A . n 
A 1 11 THR 11 93  93  THR THR A . n 
A 1 12 LEU 12 94  94  LEU LEU A . n 
A 1 13 MSE 13 95  95  MSE MSE A . n 
A 1 14 THR 14 96  96  THR THR A . n 
A 1 15 PHE 15 97  97  PHE PHE A . n 
A 1 16 VAL 16 98  98  VAL VAL A . n 
A 1 17 SER 17 99  99  SER SER A . n 
A 1 18 VAL 18 100 100 VAL VAL A . n 
A 1 19 THR 19 101 101 THR THR A . n 
A 1 20 GLY 20 102 102 GLY GLY A . n 
A 1 21 ASN 21 103 103 ASN ASN A . n 
A 1 22 PRO 22 104 104 PRO PRO A . n 
A 1 23 THR 23 105 105 THR THR A . n 
A 1 24 ARG 24 106 106 ARG ARG A . n 
A 1 25 GLU 25 107 107 GLU GLU A . n 
A 1 26 GLU 26 108 108 GLU GLU A . n 
A 1 27 SER 27 109 109 SER SER A . n 
A 1 28 ASP 28 110 110 ASP ASP A . n 
A 1 29 THR 29 111 111 THR THR A . n 
A 1 30 ILE 30 112 112 ILE ILE A . n 
A 1 31 THR 31 113 113 THR THR A . n 
A 1 32 LYS 32 114 114 LYS LYS A . n 
A 1 33 LEU 33 115 115 LEU LEU A . n 
A 1 34 TRP 34 116 116 TRP TRP A . n 
A 1 35 GLN 35 117 117 GLN GLN A . n 
A 1 36 THR 36 118 118 THR THR A . n 
A 1 37 SER 37 119 119 SER SER A . n 
A 1 38 LEU 38 120 120 LEU LEU A . n 
A 1 39 TRP 39 121 121 TRP TRP A . n 
A 1 40 ASN 40 122 122 ASN ASN A . n 
A 1 41 ASN 41 123 123 ASN ASN A . n 
A 1 42 HIS 42 124 124 HIS HIS A . n 
A 1 43 ILE 43 125 125 ILE ILE A . n 
A 1 44 GLN 44 126 126 GLN GLN A . n 
A 1 45 ALA 45 127 127 ALA ALA A . n 
A 1 46 GLU 46 128 128 GLU GLU A . n 
A 1 47 ARG 47 129 129 ARG ARG A . n 
A 1 48 TYR 48 130 130 TYR TYR A . n 
A 1 49 MSE 49 131 131 MSE MSE A . n 
A 1 50 VAL 50 132 132 VAL VAL A . n 
A 1 51 ASP 51 133 133 ASP ASP A . n 
A 1 52 ASP 52 134 134 ASP ASP A . n 
A 1 53 ASN 53 135 135 ASN ASN A . n 
A 1 54 ARG 54 136 136 ARG ARG A . n 
A 1 55 ALA 55 137 137 ALA ALA A . n 
A 1 56 ILE 56 138 138 ILE ILE A . n 
A 1 57 PHE 57 139 139 PHE PHE A . n 
A 1 58 LEU 58 140 140 LEU LEU A . n 
A 1 59 PHE 59 141 141 PHE PHE A . n 
A 1 60 LYS 60 142 142 LYS LYS A . n 
A 1 61 ASP 61 143 143 ASP ASP A . n 
A 1 62 GLY 62 144 144 GLY GLY A . n 
A 1 63 THR 63 145 145 THR THR A . n 
A 1 64 GLN 64 146 146 GLN GLN A . n 
A 1 65 ALA 65 147 147 ALA ALA A . n 
A 1 66 TRP 66 148 148 TRP TRP A . n 
A 1 67 ASP 67 149 149 ASP ASP A . n 
A 1 68 ALA 68 150 150 ALA ALA A . n 
A 1 69 LYS 69 151 151 LYS LYS A . n 
A 1 70 ASP 70 152 152 ASP ASP A . n 
A 1 71 PHE 71 153 153 PHE PHE A . n 
A 1 72 LEU 72 154 154 LEU LEU A . n 
A 1 73 ILE 73 155 155 ILE ILE A . n 
A 1 74 GLU 74 156 156 GLU GLU A . n 
A 1 75 GLN 75 157 157 GLN GLN A . n 
A 1 76 GLU 76 158 158 GLU GLU A . n 
A 1 77 ARG 77 159 159 ARG ARG A . n 
A 1 78 CYS 78 160 160 CYS CYS A . n 
A 1 79 LYS 79 161 161 LYS LYS A . n 
A 1 80 GLY 80 162 162 GLY GLY A . n 
A 1 81 VAL 81 163 163 VAL VAL A . n 
A 1 82 THR 82 164 164 THR THR A . n 
A 1 83 ILE 83 165 165 ILE ILE A . n 
A 1 84 GLU 84 166 166 GLU GLU A . n 
A 1 85 ASN 85 167 167 ASN ASN A . n 
A 1 86 LYS 86 168 168 LYS LYS A . n 
A 1 87 GLU 87 169 169 GLU GLU A . n 
A 1 88 TYR 88 170 170 TYR TYR A . n 
A 1 89 PRO 89 171 171 PRO PRO A . n 
A 1 90 GLY 90 172 172 GLY GLY A . n 
# 
loop_
_pdbx_nonpoly_scheme.asym_id 
_pdbx_nonpoly_scheme.entity_id 
_pdbx_nonpoly_scheme.mon_id 
_pdbx_nonpoly_scheme.ndb_seq_num 
_pdbx_nonpoly_scheme.pdb_seq_num 
_pdbx_nonpoly_scheme.auth_seq_num 
_pdbx_nonpoly_scheme.pdb_mon_id 
_pdbx_nonpoly_scheme.auth_mon_id 
_pdbx_nonpoly_scheme.pdb_strand_id 
_pdbx_nonpoly_scheme.pdb_ins_code 
B 2 SO4 1  1   1  SO4 SO4 A . 
C 2 SO4 1  2   2  SO4 SO4 A . 
D 2 SO4 1  3   3  SO4 SO4 A . 
E 3 ACT 1  173 1  ACT ACT A . 
F 4 NA  1  174 1  NA  NA  A . 
G 5 HOH 1  4   4  HOH HOH A . 
G 5 HOH 2  5   5  HOH HOH A . 
G 5 HOH 3  6   6  HOH HOH A . 
G 5 HOH 4  7   7  HOH HOH A . 
G 5 HOH 5  8   8  HOH HOH A . 
G 5 HOH 6  9   9  HOH HOH A . 
G 5 HOH 7  10  10 HOH HOH A . 
G 5 HOH 8  11  11 HOH HOH A . 
G 5 HOH 9  12  12 HOH HOH A . 
G 5 HOH 10 13  13 HOH HOH A . 
G 5 HOH 11 14  14 HOH HOH A . 
G 5 HOH 12 15  15 HOH HOH A . 
G 5 HOH 13 16  16 HOH HOH A . 
G 5 HOH 14 17  17 HOH HOH A . 
G 5 HOH 15 18  18 HOH HOH A . 
G 5 HOH 16 19  19 HOH HOH A . 
G 5 HOH 17 20  20 HOH HOH A . 
G 5 HOH 18 21  21 HOH HOH A . 
G 5 HOH 19 22  22 HOH HOH A . 
G 5 HOH 20 23  23 HOH HOH A . 
G 5 HOH 21 24  24 HOH HOH A . 
G 5 HOH 22 25  25 HOH HOH A . 
G 5 HOH 23 26  26 HOH HOH A . 
G 5 HOH 24 27  27 HOH HOH A . 
G 5 HOH 25 28  28 HOH HOH A . 
G 5 HOH 26 29  29 HOH HOH A . 
G 5 HOH 27 30  30 HOH HOH A . 
G 5 HOH 28 31  31 HOH HOH A . 
G 5 HOH 29 32  32 HOH HOH A . 
G 5 HOH 30 33  33 HOH HOH A . 
G 5 HOH 31 34  34 HOH HOH A . 
G 5 HOH 32 35  35 HOH HOH A . 
G 5 HOH 33 36  36 HOH HOH A . 
G 5 HOH 34 37  37 HOH HOH A . 
G 5 HOH 35 38  38 HOH HOH A . 
G 5 HOH 36 39  39 HOH HOH A . 
G 5 HOH 37 40  40 HOH HOH A . 
G 5 HOH 38 41  41 HOH HOH A . 
G 5 HOH 39 42  42 HOH HOH A . 
G 5 HOH 40 43  43 HOH HOH A . 
G 5 HOH 41 44  44 HOH HOH A . 
G 5 HOH 42 45  45 HOH HOH A . 
G 5 HOH 43 46  46 HOH HOH A . 
G 5 HOH 44 47  47 HOH HOH A . 
G 5 HOH 45 48  48 HOH HOH A . 
G 5 HOH 46 49  49 HOH HOH A . 
G 5 HOH 47 51  51 HOH HOH A . 
G 5 HOH 48 52  52 HOH HOH A . 
G 5 HOH 49 53  53 HOH HOH A . 
G 5 HOH 50 54  54 HOH HOH A . 
G 5 HOH 51 55  55 HOH HOH A . 
G 5 HOH 52 56  56 HOH HOH A . 
G 5 HOH 53 57  57 HOH HOH A . 
G 5 HOH 54 58  58 HOH HOH A . 
G 5 HOH 55 59  59 HOH HOH A . 
G 5 HOH 56 60  60 HOH HOH A . 
G 5 HOH 57 61  61 HOH HOH A . 
G 5 HOH 58 62  62 HOH HOH A . 
G 5 HOH 59 63  63 HOH HOH A . 
G 5 HOH 60 64  64 HOH HOH A . 
G 5 HOH 61 65  65 HOH HOH A . 
G 5 HOH 62 66  66 HOH HOH A . 
G 5 HOH 63 67  67 HOH HOH A . 
G 5 HOH 64 68  68 HOH HOH A . 
G 5 HOH 65 69  69 HOH HOH A . 
G 5 HOH 66 70  70 HOH HOH A . 
G 5 HOH 67 72  72 HOH HOH A . 
G 5 HOH 68 73  73 HOH HOH A . 
G 5 HOH 69 74  74 HOH HOH A . 
G 5 HOH 70 75  75 HOH HOH A . 
G 5 HOH 71 76  76 HOH HOH A . 
G 5 HOH 72 77  77 HOH HOH A . 
G 5 HOH 73 78  78 HOH HOH A . 
G 5 HOH 74 175 1  HOH HOH A . 
G 5 HOH 75 176 2  HOH HOH A . 
G 5 HOH 76 177 3  HOH HOH A . 
# 
loop_
_pdbx_unobs_or_zero_occ_atoms.id 
_pdbx_unobs_or_zero_occ_atoms.PDB_model_num 
_pdbx_unobs_or_zero_occ_atoms.polymer_flag 
_pdbx_unobs_or_zero_occ_atoms.occupancy_flag 
_pdbx_unobs_or_zero_occ_atoms.auth_asym_id 
_pdbx_unobs_or_zero_occ_atoms.auth_comp_id 
_pdbx_unobs_or_zero_occ_atoms.auth_seq_id 
_pdbx_unobs_or_zero_occ_atoms.PDB_ins_code 
_pdbx_unobs_or_zero_occ_atoms.auth_atom_id 
_pdbx_unobs_or_zero_occ_atoms.label_alt_id 
_pdbx_unobs_or_zero_occ_atoms.label_asym_id 
_pdbx_unobs_or_zero_occ_atoms.label_comp_id 
_pdbx_unobs_or_zero_occ_atoms.label_seq_id 
_pdbx_unobs_or_zero_occ_atoms.label_atom_id 
1  1 Y 1 A LYS 89  ? CG  ? A LYS 7  CG  
2  1 Y 1 A LYS 89  ? CD  ? A LYS 7  CD  
3  1 Y 1 A LYS 89  ? CE  ? A LYS 7  CE  
4  1 Y 1 A LYS 89  ? NZ  ? A LYS 7  NZ  
5  1 Y 1 A LYS 90  ? CG  ? A LYS 8  CG  
6  1 Y 1 A LYS 90  ? CD  ? A LYS 8  CD  
7  1 Y 1 A LYS 90  ? CE  ? A LYS 8  CE  
8  1 Y 1 A LYS 90  ? NZ  ? A LYS 8  NZ  
9  1 Y 1 A ARG 92  ? CD  ? A ARG 10 CD  
10 1 Y 1 A ARG 92  ? NE  ? A ARG 10 NE  
11 1 Y 1 A ARG 92  ? CZ  ? A ARG 10 CZ  
12 1 Y 1 A ARG 92  ? NH1 ? A ARG 10 NH1 
13 1 Y 1 A ARG 92  ? NH2 ? A ARG 10 NH2 
14 1 Y 1 A GLU 107 ? CG  ? A GLU 25 CG  
15 1 Y 1 A GLU 107 ? CD  ? A GLU 25 CD  
16 1 Y 1 A GLU 107 ? OE1 ? A GLU 25 OE1 
17 1 Y 1 A GLU 107 ? OE2 ? A GLU 25 OE2 
18 1 Y 1 A ARG 136 ? CZ  ? A ARG 54 CZ  
19 1 Y 1 A ARG 136 ? NH1 ? A ARG 54 NH1 
20 1 Y 1 A ARG 136 ? NH2 ? A ARG 54 NH2 
21 1 Y 1 A LYS 142 ? CG  ? A LYS 60 CG  
22 1 Y 1 A LYS 142 ? CD  ? A LYS 60 CD  
23 1 Y 1 A LYS 142 ? CE  ? A LYS 60 CE  
24 1 Y 1 A LYS 142 ? NZ  ? A LYS 60 NZ  
25 1 Y 1 A ASN 167 ? CG  ? A ASN 85 CG  
26 1 Y 1 A ASN 167 ? OD1 ? A ASN 85 OD1 
27 1 Y 1 A ASN 167 ? ND2 ? A ASN 85 ND2 
28 1 Y 1 A GLU 169 ? CG  ? A GLU 87 CG  
29 1 Y 1 A GLU 169 ? CD  ? A GLU 87 CD  
30 1 Y 1 A GLU 169 ? OE1 ? A GLU 87 OE1 
31 1 Y 1 A GLU 169 ? OE2 ? A GLU 87 OE2 
# 
loop_
_software.pdbx_ordinal 
_software.name 
_software.version 
_software.date 
_software.type 
_software.contact_author 
_software.contact_author_email 
_software.classification 
_software.location 
_software.language 
_software.citation_id 
1 DENZO       .        ?               program 'Zbyszek Otwinowski'    hkl@hkl-xray.com         'data reduction'  
http://www.hkl-xray.com/                  ?   ? 
2 SCALEPACK   .        ?               program 'Zbyszek Otwinowski'    hkl@hkl-xray.com         'data scaling'    
http://www.hkl-xray.com/                  ?   ? 
3 SOLVE       2.13     24-Feb-2008     program 'Tom Terwilliger'       terwilliger@LANL.gov     phasing           
http://www.solve.lanl.gov/                ?   ? 
4 RESOLVE     2.13     6-Mar-2008      program 'Thomas C. Terwilliger' terwilliger@lanl.gov     phasing           
http://www.solve.lanl.gov/                ?   ? 
5 PHENIX      .        ?               package 'Paul D. Adams'         PDAdams@lbl.gov          refinement        
http://www.phenix-online.org/             C++ ? 
6 PDB_EXTRACT 3.10     'June 10, 2010' package PDB                     deposit@deposit.rcsb.org 'data extraction' 
http://sw-tools.pdb.org/apps/PDB_EXTRACT/ C++ ? 
7 MAR345      software ?               ?       ?                       ?                        'data collection' ? ?   ? 
# 
_cell.length_a           62.284 
_cell.length_b           62.284 
_cell.length_c           89.675 
_cell.angle_alpha        90.000 
_cell.angle_beta         90.000 
_cell.angle_gamma        120.000 
_cell.entry_id           3OFF 
_cell.pdbx_unique_axis   ? 
_cell.Z_PDB              12 
_cell.length_a_esd       ? 
_cell.length_b_esd       ? 
_cell.length_c_esd       ? 
_cell.angle_alpha_esd    ? 
_cell.angle_beta_esd     ? 
_cell.angle_gamma_esd    ? 
# 
_symmetry.space_group_name_H-M             'P 65 2 2' 
_symmetry.entry_id                         3OFF 
_symmetry.Int_Tables_number                179 
_symmetry.pdbx_full_space_group_name_H-M   ? 
_symmetry.cell_setting                     ? 
_symmetry.space_group_name_Hall            ? 
# 
_exptl.crystals_number   1 
_exptl.entry_id          3OFF 
_exptl.method            'X-RAY DIFFRACTION' 
# 
_exptl_crystal.id                    1 
_exptl_crystal.density_Matthews      2.36 
_exptl_crystal.density_meas          ? 
_exptl_crystal.density_percent_sol   47.88 
_exptl_crystal.description           ? 
_exptl_crystal.F_000                 ? 
_exptl_crystal.preparation           ? 
# 
_exptl_crystal_grow.crystal_id      1 
_exptl_crystal_grow.method          'VAPOR DIFFUSION, HANGING DROP' 
_exptl_crystal_grow.pH              5.7 
_exptl_crystal_grow.temp            293 
_exptl_crystal_grow.pdbx_details    
;48-52% saturated AmSO4, 100mM NaAc pH 5.6-5.8 at 298  C,  one of four crystal morphologies, vapor diffusion, hanging drop, temperature 293K, VAPOR DIFFUSION, HANGING DROP
;
_exptl_crystal_grow.temp_details    ? 
_exptl_crystal_grow.pdbx_pH_range   ? 
# 
_diffrn.id                     1 
_diffrn.ambient_temp           100 
_diffrn.ambient_temp_details   ? 
_diffrn.crystal_id             1 
# 
_diffrn_detector.diffrn_id              1 
_diffrn_detector.detector               CCD 
_diffrn_detector.type                   'MAR CCD 165 mm' 
_diffrn_detector.pdbx_collection_date   2009-03-09 
_diffrn_detector.details                'monochromator + mirror' 
# 
_diffrn_radiation.diffrn_id                        1 
_diffrn_radiation.pdbx_diffrn_protocol             'SINGLE WAVELENGTH' 
_diffrn_radiation.monochromator                    SILICON 
_diffrn_radiation.wavelength_id                    1 
_diffrn_radiation.pdbx_monochromatic_or_laue_m_l   ? 
_diffrn_radiation.pdbx_scattering_type             x-ray 
# 
_diffrn_radiation_wavelength.id           1 
_diffrn_radiation_wavelength.wavelength   0.9790 
_diffrn_radiation_wavelength.wt           1.0 
# 
_diffrn_source.diffrn_id                   1 
_diffrn_source.source                      SYNCHROTRON 
_diffrn_source.type                        'NSLS BEAMLINE X4C' 
_diffrn_source.pdbx_wavelength_list        0.9790 
_diffrn_source.pdbx_wavelength             ? 
_diffrn_source.pdbx_synchrotron_site       NSLS 
_diffrn_source.pdbx_synchrotron_beamline   X4C 
# 
_reflns.entry_id                     3OFF 
_reflns.d_resolution_high            2.000 
_reflns.d_resolution_low             40.000 
_reflns.number_obs                   13036 
_reflns.pdbx_Rmerge_I_obs            0.129 
_reflns.pdbx_netI_over_sigmaI        7.100 
_reflns.pdbx_chi_squared             0.820 
_reflns.pdbx_redundancy              11.100 
_reflns.percent_possible_obs         99.000 
_reflns.observed_criterion_sigma_F   0 
_reflns.observed_criterion_sigma_I   0 
_reflns.number_all                   13168 
_reflns.pdbx_Rsym_value              ? 
_reflns.B_iso_Wilson_estimate        ? 
_reflns.R_free_details               ? 
_reflns.limit_h_max                  ? 
_reflns.limit_h_min                  ? 
_reflns.limit_k_max                  ? 
_reflns.limit_k_min                  ? 
_reflns.limit_l_max                  ? 
_reflns.limit_l_min                  ? 
_reflns.observed_criterion_F_max     ? 
_reflns.observed_criterion_F_min     ? 
_reflns.pdbx_scaling_rejects         ? 
_reflns.pdbx_diffrn_id               1 
_reflns.pdbx_ordinal                 1 
# 
loop_
_reflns_shell.d_res_high 
_reflns_shell.d_res_low 
_reflns_shell.number_measured_obs 
_reflns_shell.number_measured_all 
_reflns_shell.number_unique_obs 
_reflns_shell.Rmerge_I_obs 
_reflns_shell.meanI_over_sigI_obs 
_reflns_shell.pdbx_Rsym_value 
_reflns_shell.pdbx_chi_squared 
_reflns_shell.pdbx_redundancy 
_reflns_shell.percent_possible_obs 
_reflns_shell.number_unique_all 
_reflns_shell.percent_possible_all 
_reflns_shell.pdbx_diffrn_id 
_reflns_shell.pdbx_ordinal 
2.000 2.030  ? ? ? 0.430 ? ? 0.567 9.800  ? 661 100.000 ? 1  
2.030 2.070  ? ? ? 0.433 ? ? 0.528 10.100 ? 655 99.800  ? 2  
2.070 2.110  ? ? ? 0.416 ? ? 0.543 10.400 ? 649 99.800  ? 3  
2.110 2.150  ? ? ? 0.389 ? ? 0.534 10.700 ? 668 99.900  ? 4  
2.150 2.200  ? ? ? 0.319 ? ? 0.573 10.800 ? 642 99.800  ? 5  
2.200 2.250  ? ? ? 0.396 ? ? 0.618 11.100 ? 658 99.700  ? 6  
2.250 2.310  ? ? ? 0.369 ? ? 0.701 11.500 ? 653 99.700  ? 7  
2.310 2.370  ? ? ? 0.268 ? ? 0.621 11.600 ? 670 99.700  ? 8  
2.370 2.440  ? ? ? 0.281 ? ? 0.752 11.700 ? 633 99.700  ? 9  
2.440 2.520  ? ? ? 0.258 ? ? 0.759 11.600 ? 660 99.700  ? 10 
2.520 2.610  ? ? ? 0.273 ? ? 0.844 11.700 ? 664 99.700  ? 11 
2.610 2.710  ? ? ? 0.207 ? ? 0.927 11.600 ? 656 99.200  ? 12 
2.710 2.840  ? ? ? 0.158 ? ? 0.815 11.800 ? 650 99.400  ? 13 
2.840 2.990  ? ? ? 0.117 ? ? 0.855 11.700 ? 645 99.200  ? 14 
2.990 3.170  ? ? ? 0.103 ? ? 0.890 11.500 ? 657 99.200  ? 15 
3.170 3.420  ? ? ? 0.092 ? ? 0.954 11.500 ? 647 99.100  ? 16 
3.420 3.760  ? ? ? 0.083 ? ? 1.127 11.200 ? 650 98.500  ? 17 
3.760 4.310  ? ? ? 0.073 ? ? 1.336 11.000 ? 642 98.500  ? 18 
4.310 5.420  ? ? ? 0.063 ? ? 1.240 10.900 ? 657 98.200  ? 19 
5.420 40.000 ? ? ? 0.064 ? ? 1.187 10.300 ? 619 92.100  ? 20 
# 
_refine.entry_id                                 3OFF 
_refine.ls_d_res_high                            2.0020 
_refine.ls_d_res_low                             29.4190 
_refine.pdbx_ls_sigma_F                          0.060 
_refine.pdbx_data_cutoff_high_absF               ? 
_refine.pdbx_data_cutoff_low_absF                ? 
_refine.ls_percent_reflns_obs                    91.6700 
_refine.ls_number_reflns_obs                     12039 
_refine.ls_number_reflns_all                     13133 
_refine.pdbx_ls_cross_valid_method               ? 
_refine.pdbx_R_Free_selection_details            random 
_refine.details                                  ? 
_refine.ls_R_factor_all                          ? 
_refine.ls_R_factor_obs                          0.1935 
_refine.ls_R_factor_R_work                       0.1900 
_refine.ls_wR_factor_R_work                      ? 
_refine.ls_R_factor_R_free                       0.2257 
_refine.ls_wR_factor_R_free                      ? 
_refine.ls_percent_reflns_R_free                 9.9500 
_refine.ls_number_reflns_R_free                  1198 
_refine.ls_R_factor_R_free_error                 ? 
_refine.B_iso_mean                               24.4629 
_refine.solvent_model_param_bsol                 49.3080 
_refine.solvent_model_param_ksol                 0.3750 
_refine.pdbx_isotropic_thermal_model             ? 
_refine.aniso_B[1][1]                            4.1982 
_refine.aniso_B[2][2]                            4.1982 
_refine.aniso_B[3][3]                            -8.3964 
_refine.aniso_B[1][2]                            -0.0000 
_refine.aniso_B[1][3]                            -0.0000 
_refine.aniso_B[2][3]                            0.0000 
_refine.correlation_coeff_Fo_to_Fc               ? 
_refine.correlation_coeff_Fo_to_Fc_free          ? 
_refine.overall_SU_R_Cruickshank_DPI             ? 
_refine.overall_SU_R_free                        ? 
_refine.pdbx_overall_ESU_R_Free                  ? 
_refine.overall_SU_ML                            0.2200 
_refine.overall_SU_B                             ? 
_refine.solvent_model_details                    'FLAT BULK SOLVENT MODEL' 
_refine.pdbx_solvent_vdw_probe_radii             1.1100 
_refine.pdbx_solvent_ion_probe_radii             ? 
_refine.pdbx_solvent_shrinkage_radii             0.9000 
_refine.ls_number_parameters                     ? 
_refine.ls_number_restraints                     ? 
_refine.pdbx_starting_model                      ? 
_refine.pdbx_method_to_determine_struct          SAD 
_refine.pdbx_stereochemistry_target_values       ML 
_refine.pdbx_stereochem_target_val_spec_case     ? 
_refine.overall_FOM_work_R_set                   ? 
_refine.B_iso_max                                74.080 
_refine.B_iso_min                                9.290 
_refine.occupancy_max                            1.000 
_refine.occupancy_min                            0.250 
_refine.pdbx_ls_sigma_I                          ? 
_refine.ls_redundancy_reflns_obs                 ? 
_refine.ls_R_factor_R_free_error_details         ? 
_refine.pdbx_data_cutoff_high_rms_absF           ? 
_refine.overall_FOM_free_R_set                   ? 
_refine.pdbx_overall_phase_error                 18.92 
_refine.pdbx_refine_id                           'X-RAY DIFFRACTION' 
_refine.pdbx_overall_ESU_R                       ? 
_refine.pdbx_diffrn_id                           1 
_refine.pdbx_TLS_residual_ADP_flag               ? 
_refine.pdbx_overall_SU_R_free_Cruickshank_DPI   ? 
_refine.pdbx_overall_SU_R_Blow_DPI               ? 
_refine.pdbx_overall_SU_R_free_Blow_DPI          ? 
# 
_refine_hist.pdbx_refine_id                   'X-RAY DIFFRACTION' 
_refine_hist.cycle_id                         LAST 
_refine_hist.pdbx_number_atoms_protein        668 
_refine_hist.pdbx_number_atoms_nucleic_acid   0 
_refine_hist.pdbx_number_atoms_ligand         20 
_refine_hist.number_atoms_solvent             76 
_refine_hist.number_atoms_total               764 
_refine_hist.d_res_high                       2.0020 
_refine_hist.d_res_low                        29.4190 
# 
loop_
_refine_ls_restr.type 
_refine_ls_restr.number 
_refine_ls_restr.dev_ideal 
_refine_ls_restr.dev_ideal_target 
_refine_ls_restr.weight 
_refine_ls_restr.pdbx_refine_id 
_refine_ls_restr.pdbx_restraint_function 
f_bond_d           728 0.003  ? ? 'X-RAY DIFFRACTION' ? 
f_angle_d          985 0.667  ? ? 'X-RAY DIFFRACTION' ? 
f_chiral_restr     112 0.046  ? ? 'X-RAY DIFFRACTION' ? 
f_plane_restr      125 0.002  ? ? 'X-RAY DIFFRACTION' ? 
f_dihedral_angle_d 254 15.563 ? ? 'X-RAY DIFFRACTION' ? 
# 
loop_
_refine_ls_shell.d_res_high 
_refine_ls_shell.d_res_low 
_refine_ls_shell.pdbx_total_number_of_bins_used 
_refine_ls_shell.percent_reflns_obs 
_refine_ls_shell.number_reflns_R_work 
_refine_ls_shell.R_factor_all 
_refine_ls_shell.R_factor_R_work 
_refine_ls_shell.R_factor_R_free 
_refine_ls_shell.percent_reflns_R_free 
_refine_ls_shell.number_reflns_R_free 
_refine_ls_shell.R_factor_R_free_error 
_refine_ls_shell.number_reflns_all 
_refine_ls_shell.number_reflns_obs 
_refine_ls_shell.redundancy_reflns_obs 
_refine_ls_shell.pdbx_refine_id 
2.0016 2.0817  9 96.0000 1263 . 0.1991 0.2498 . 144 . 1407 . . 'X-RAY DIFFRACTION' 
2.0817 2.1764  9 92.0000 1193 . 0.1902 0.2452 . 133 . 1326 . . 'X-RAY DIFFRACTION' 
2.1764 2.2911  9 85.0000 1132 . 0.1779 0.1733 . 120 . 1252 . . 'X-RAY DIFFRACTION' 
2.2911 2.4346  9 89.0000 1163 . 0.1859 0.2356 . 134 . 1297 . . 'X-RAY DIFFRACTION' 
2.4346 2.6225  9 83.0000 1063 . 0.1857 0.2105 . 124 . 1187 . . 'X-RAY DIFFRACTION' 
2.6225 2.8862  9 91.0000 1196 . 0.2111 0.1975 . 131 . 1327 . . 'X-RAY DIFFRACTION' 
2.8862 3.3033  9 99.0000 1306 . 0.1828 0.2673 . 142 . 1448 . . 'X-RAY DIFFRACTION' 
3.3033 4.1600  9 95.0000 1261 . 0.1731 0.1843 . 134 . 1395 . . 'X-RAY DIFFRACTION' 
4.1600 29.4217 9 96.0000 1264 . 0.1976 0.2404 . 136 . 1400 . . 'X-RAY DIFFRACTION' 
# 
_struct.entry_id                  3OFF 
_struct.title                     'Structured Domain of Drosophila melanogaster Boca p65 2 2 Crystal form' 
_struct.pdbx_model_details        ? 
_struct.pdbx_CASP_flag            ? 
_struct.pdbx_model_type_details   ? 
# 
_struct_keywords.entry_id        3OFF 
_struct_keywords.text            'mesd, molecular chaperone, protein folding, YWTD propeller, LRP, CHAPERONE' 
_struct_keywords.pdbx_keywords   CHAPERONE 
# 
loop_
_struct_asym.id 
_struct_asym.pdbx_blank_PDB_chainid_flag 
_struct_asym.pdbx_modified 
_struct_asym.entity_id 
_struct_asym.details 
A N N 1 ? 
B N N 2 ? 
C N N 2 ? 
D N N 2 ? 
E N N 3 ? 
F N N 4 ? 
G N N 5 ? 
# 
_struct_ref.id                         1 
_struct_ref.db_name                    UNP 
_struct_ref.db_code                    MESD_DROME 
_struct_ref.pdbx_db_accession          Q8T9B6 
_struct_ref.entity_id                  1 
_struct_ref.pdbx_seq_one_letter_code   
;KKGRTLMTFVSVTGNPTREESDTITKLWQTSLWNNHIQAERYMVDDNRAIFLFKDGTQAWDAKDFLIEQERCKGVTIENK
EYPG
;
_struct_ref.pdbx_align_begin           89 
_struct_ref.pdbx_db_isoform            ? 
# 
_struct_ref_seq.align_id                      1 
_struct_ref_seq.ref_id                        1 
_struct_ref_seq.pdbx_PDB_id_code              3OFF 
_struct_ref_seq.pdbx_strand_id                A 
_struct_ref_seq.seq_align_beg                 7 
_struct_ref_seq.pdbx_seq_align_beg_ins_code   ? 
_struct_ref_seq.seq_align_end                 90 
_struct_ref_seq.pdbx_seq_align_end_ins_code   ? 
_struct_ref_seq.pdbx_db_accession             Q8T9B6 
_struct_ref_seq.db_align_beg                  89 
_struct_ref_seq.pdbx_db_align_beg_ins_code    ? 
_struct_ref_seq.db_align_end                  172 
_struct_ref_seq.pdbx_db_align_end_ins_code    ? 
_struct_ref_seq.pdbx_auth_seq_align_beg       89 
_struct_ref_seq.pdbx_auth_seq_align_end       172 
# 
loop_
_struct_ref_seq_dif.align_id 
_struct_ref_seq_dif.pdbx_pdb_id_code 
_struct_ref_seq_dif.mon_id 
_struct_ref_seq_dif.pdbx_pdb_strand_id 
_struct_ref_seq_dif.seq_num 
_struct_ref_seq_dif.pdbx_pdb_ins_code 
_struct_ref_seq_dif.pdbx_seq_db_name 
_struct_ref_seq_dif.pdbx_seq_db_accession_code 
_struct_ref_seq_dif.db_mon_id 
_struct_ref_seq_dif.pdbx_seq_db_seq_num 
_struct_ref_seq_dif.details 
_struct_ref_seq_dif.pdbx_auth_seq_num 
_struct_ref_seq_dif.pdbx_ordinal 
1 3OFF GLY A 1 ? UNP Q8T9B6 ? ? 'expression tag' 83 1 
1 3OFF GLN A 3 ? UNP Q8T9B6 ? ? 'expression tag' 85 2 
1 3OFF LYS A 4 ? UNP Q8T9B6 ? ? 'expression tag' 86 3 
1 3OFF HIS A 5 ? UNP Q8T9B6 ? ? 'expression tag' 87 4 
1 3OFF MSE A 6 ? UNP Q8T9B6 ? ? 'expression tag' 88 5 
# 
_pdbx_struct_assembly.id                   1 
_pdbx_struct_assembly.details              author_and_software_defined_assembly 
_pdbx_struct_assembly.method_details       PISA 
_pdbx_struct_assembly.oligomeric_details   monomeric 
_pdbx_struct_assembly.oligomeric_count     1 
# 
_pdbx_struct_assembly_gen.assembly_id       1 
_pdbx_struct_assembly_gen.oper_expression   1 
_pdbx_struct_assembly_gen.asym_id_list      A,B,C,D,E,F,G 
# 
_pdbx_struct_oper_list.id                   1 
_pdbx_struct_oper_list.type                 'identity operation' 
_pdbx_struct_oper_list.name                 1_555 
_pdbx_struct_oper_list.symmetry_operation   x,y,z 
_pdbx_struct_oper_list.matrix[1][1]         1.0000000000 
_pdbx_struct_oper_list.matrix[1][2]         0.0000000000 
_pdbx_struct_oper_list.matrix[1][3]         0.0000000000 
_pdbx_struct_oper_list.vector[1]            0.0000000000 
_pdbx_struct_oper_list.matrix[2][1]         0.0000000000 
_pdbx_struct_oper_list.matrix[2][2]         1.0000000000 
_pdbx_struct_oper_list.matrix[2][3]         0.0000000000 
_pdbx_struct_oper_list.vector[2]            0.0000000000 
_pdbx_struct_oper_list.matrix[3][1]         0.0000000000 
_pdbx_struct_oper_list.matrix[3][2]         0.0000000000 
_pdbx_struct_oper_list.matrix[3][3]         1.0000000000 
_pdbx_struct_oper_list.vector[3]            0.0000000000 
# 
_struct_biol.id        1 
_struct_biol.details   ? 
# 
loop_
_struct_conf.conf_type_id 
_struct_conf.id 
_struct_conf.pdbx_PDB_helix_id 
_struct_conf.beg_label_comp_id 
_struct_conf.beg_label_asym_id 
_struct_conf.beg_label_seq_id 
_struct_conf.pdbx_beg_PDB_ins_code 
_struct_conf.end_label_comp_id 
_struct_conf.end_label_asym_id 
_struct_conf.end_label_seq_id 
_struct_conf.pdbx_end_PDB_ins_code 
_struct_conf.beg_auth_comp_id 
_struct_conf.beg_auth_asym_id 
_struct_conf.beg_auth_seq_id 
_struct_conf.end_auth_comp_id 
_struct_conf.end_auth_asym_id 
_struct_conf.end_auth_seq_id 
_struct_conf.pdbx_PDB_helix_class 
_struct_conf.details 
_struct_conf.pdbx_PDB_helix_length 
HELX_P HELX_P1 1 THR A 23 ? ASN A 41 ? THR A 105 ASN A 123 1 ? 19 
HELX_P HELX_P2 2 ASP A 61 ? THR A 63 ? ASP A 143 THR A 145 5 ? 3  
HELX_P HELX_P3 3 GLN A 64 ? ILE A 73 ? GLN A 146 ILE A 155 1 ? 10 
# 
_struct_conf_type.id          HELX_P 
_struct_conf_type.criteria    ? 
_struct_conf_type.reference   ? 
# 
loop_
_struct_conn.id 
_struct_conn.conn_type_id 
_struct_conn.pdbx_leaving_atom_flag 
_struct_conn.pdbx_PDB_id 
_struct_conn.ptnr1_label_asym_id 
_struct_conn.ptnr1_label_comp_id 
_struct_conn.ptnr1_label_seq_id 
_struct_conn.ptnr1_label_atom_id 
_struct_conn.pdbx_ptnr1_label_alt_id 
_struct_conn.pdbx_ptnr1_PDB_ins_code 
_struct_conn.pdbx_ptnr1_standard_comp_id 
_struct_conn.ptnr1_symmetry 
_struct_conn.ptnr2_label_asym_id 
_struct_conn.ptnr2_label_comp_id 
_struct_conn.ptnr2_label_seq_id 
_struct_conn.ptnr2_label_atom_id 
_struct_conn.pdbx_ptnr2_label_alt_id 
_struct_conn.pdbx_ptnr2_PDB_ins_code 
_struct_conn.ptnr1_auth_asym_id 
_struct_conn.ptnr1_auth_comp_id 
_struct_conn.ptnr1_auth_seq_id 
_struct_conn.ptnr2_auth_asym_id 
_struct_conn.ptnr2_auth_comp_id 
_struct_conn.ptnr2_auth_seq_id 
_struct_conn.ptnr2_symmetry 
_struct_conn.pdbx_ptnr3_label_atom_id 
_struct_conn.pdbx_ptnr3_label_seq_id 
_struct_conn.pdbx_ptnr3_label_comp_id 
_struct_conn.pdbx_ptnr3_label_asym_id 
_struct_conn.pdbx_ptnr3_label_alt_id 
_struct_conn.pdbx_ptnr3_PDB_ins_code 
_struct_conn.details 
_struct_conn.pdbx_dist_value 
_struct_conn.pdbx_value_order 
_struct_conn.pdbx_role 
covale1 covale both ? A MSE 6  C ? ? ? 1_555 A LYS 7  N ? ? A MSE 88  A LYS 89  1_555 ? ? ? ? ? ? ? 1.328 ? ? 
covale2 covale both ? A LEU 12 C ? ? ? 1_555 A MSE 13 N ? ? A LEU 94  A MSE 95  1_555 ? ? ? ? ? ? ? 1.328 ? ? 
covale3 covale both ? A MSE 13 C ? ? ? 1_555 A THR 14 N ? ? A MSE 95  A THR 96  1_555 ? ? ? ? ? ? ? 1.327 ? ? 
covale4 covale both ? A TYR 48 C ? ? ? 1_555 A MSE 49 N ? ? A TYR 130 A MSE 131 1_555 ? ? ? ? ? ? ? 1.329 ? ? 
covale5 covale both ? A MSE 49 C ? ? ? 1_555 A VAL 50 N ? ? A MSE 131 A VAL 132 1_555 ? ? ? ? ? ? ? 1.331 ? ? 
# 
_struct_conn_type.id          covale 
_struct_conn_type.criteria    ? 
_struct_conn_type.reference   ? 
# 
loop_
_pdbx_modification_feature.ordinal 
_pdbx_modification_feature.label_comp_id 
_pdbx_modification_feature.label_asym_id 
_pdbx_modification_feature.label_seq_id 
_pdbx_modification_feature.label_alt_id 
_pdbx_modification_feature.modified_residue_label_comp_id 
_pdbx_modification_feature.modified_residue_label_asym_id 
_pdbx_modification_feature.modified_residue_label_seq_id 
_pdbx_modification_feature.modified_residue_label_alt_id 
_pdbx_modification_feature.auth_comp_id 
_pdbx_modification_feature.auth_asym_id 
_pdbx_modification_feature.auth_seq_id 
_pdbx_modification_feature.PDB_ins_code 
_pdbx_modification_feature.symmetry 
_pdbx_modification_feature.modified_residue_auth_comp_id 
_pdbx_modification_feature.modified_residue_auth_asym_id 
_pdbx_modification_feature.modified_residue_auth_seq_id 
_pdbx_modification_feature.modified_residue_PDB_ins_code 
_pdbx_modification_feature.modified_residue_symmetry 
_pdbx_modification_feature.comp_id_linking_atom 
_pdbx_modification_feature.modified_residue_id_linking_atom 
_pdbx_modification_feature.modified_residue_id 
_pdbx_modification_feature.ref_pcm_id 
_pdbx_modification_feature.ref_comp_id 
_pdbx_modification_feature.type 
_pdbx_modification_feature.category 
1 MSE A 6  ? . . . . MSE A 88  ? 1_555 . . . . . . . MET 1 MSE Selenomethionine 'Named protein modification' 
2 MSE A 13 ? . . . . MSE A 95  ? 1_555 . . . . . . . MET 1 MSE Selenomethionine 'Named protein modification' 
3 MSE A 49 ? . . . . MSE A 131 ? 1_555 . . . . . . . MET 1 MSE Selenomethionine 'Named protein modification' 
# 
_struct_sheet.id               A 
_struct_sheet.type             ? 
_struct_sheet.number_strands   5 
_struct_sheet.details          ? 
# 
loop_
_struct_sheet_order.sheet_id 
_struct_sheet_order.range_id_1 
_struct_sheet_order.range_id_2 
_struct_sheet_order.offset 
_struct_sheet_order.sense 
A 1 2 ? anti-parallel 
A 2 3 ? anti-parallel 
A 3 4 ? anti-parallel 
A 4 5 ? anti-parallel 
# 
loop_
_struct_sheet_range.sheet_id 
_struct_sheet_range.id 
_struct_sheet_range.beg_label_comp_id 
_struct_sheet_range.beg_label_asym_id 
_struct_sheet_range.beg_label_seq_id 
_struct_sheet_range.pdbx_beg_PDB_ins_code 
_struct_sheet_range.end_label_comp_id 
_struct_sheet_range.end_label_asym_id 
_struct_sheet_range.end_label_seq_id 
_struct_sheet_range.pdbx_end_PDB_ins_code 
_struct_sheet_range.beg_auth_comp_id 
_struct_sheet_range.beg_auth_asym_id 
_struct_sheet_range.beg_auth_seq_id 
_struct_sheet_range.end_auth_comp_id 
_struct_sheet_range.end_auth_asym_id 
_struct_sheet_range.end_auth_seq_id 
A 1 ALA A 45 ? ASP A 51 ? ALA A 127 ASP A 133 
A 2 ARG A 54 ? PHE A 59 ? ARG A 136 PHE A 141 
A 3 LEU A 12 ? VAL A 18 ? LEU A 94  VAL A 100 
A 4 CYS A 78 ? ILE A 83 ? CYS A 160 ILE A 165 
A 5 LYS A 86 ? PRO A 89 ? LYS A 168 PRO A 171 
# 
loop_
_pdbx_struct_sheet_hbond.sheet_id 
_pdbx_struct_sheet_hbond.range_id_1 
_pdbx_struct_sheet_hbond.range_id_2 
_pdbx_struct_sheet_hbond.range_1_label_atom_id 
_pdbx_struct_sheet_hbond.range_1_label_comp_id 
_pdbx_struct_sheet_hbond.range_1_label_asym_id 
_pdbx_struct_sheet_hbond.range_1_label_seq_id 
_pdbx_struct_sheet_hbond.range_1_PDB_ins_code 
_pdbx_struct_sheet_hbond.range_1_auth_atom_id 
_pdbx_struct_sheet_hbond.range_1_auth_comp_id 
_pdbx_struct_sheet_hbond.range_1_auth_asym_id 
_pdbx_struct_sheet_hbond.range_1_auth_seq_id 
_pdbx_struct_sheet_hbond.range_2_label_atom_id 
_pdbx_struct_sheet_hbond.range_2_label_comp_id 
_pdbx_struct_sheet_hbond.range_2_label_asym_id 
_pdbx_struct_sheet_hbond.range_2_label_seq_id 
_pdbx_struct_sheet_hbond.range_2_PDB_ins_code 
_pdbx_struct_sheet_hbond.range_2_auth_atom_id 
_pdbx_struct_sheet_hbond.range_2_auth_comp_id 
_pdbx_struct_sheet_hbond.range_2_auth_asym_id 
_pdbx_struct_sheet_hbond.range_2_auth_seq_id 
A 1 2 N GLU A 46 ? N GLU A 128 O LEU A 58 ? O LEU A 140 
A 2 3 O ALA A 55 ? O ALA A 137 N VAL A 16 ? N VAL A 98  
A 3 4 N PHE A 15 ? N PHE A 97  O THR A 82 ? O THR A 164 
A 4 5 N VAL A 81 ? N VAL A 163 O TYR A 88 ? O TYR A 170 
# 
loop_
_struct_site.id 
_struct_site.pdbx_evidence_code 
_struct_site.pdbx_auth_asym_id 
_struct_site.pdbx_auth_comp_id 
_struct_site.pdbx_auth_seq_id 
_struct_site.pdbx_auth_ins_code 
_struct_site.pdbx_num_residues 
_struct_site.details 
AC1 Software A SO4 1   ? 9 'BINDING SITE FOR RESIDUE SO4 A 1'   
AC2 Software A SO4 2   ? 4 'BINDING SITE FOR RESIDUE SO4 A 2'   
AC3 Software A SO4 3   ? 5 'BINDING SITE FOR RESIDUE SO4 A 3'   
AC4 Software A ACT 173 ? 4 'BINDING SITE FOR RESIDUE ACT A 173' 
AC5 Software A NA  174 ? 2 'BINDING SITE FOR RESIDUE NA A 174'  
# 
loop_
_struct_site_gen.id 
_struct_site_gen.site_id 
_struct_site_gen.pdbx_num_res 
_struct_site_gen.label_comp_id 
_struct_site_gen.label_asym_id 
_struct_site_gen.label_seq_id 
_struct_site_gen.pdbx_auth_ins_code 
_struct_site_gen.auth_comp_id 
_struct_site_gen.auth_asym_id 
_struct_site_gen.auth_seq_id 
_struct_site_gen.label_atom_id 
_struct_site_gen.label_alt_id 
_struct_site_gen.symmetry 
_struct_site_gen.details 
1  AC1 9 HOH G .  ? HOH A 21  . ? 9_554 ? 
2  AC1 9 HOH G .  ? HOH A 21  . ? 1_555 ? 
3  AC1 9 THR A 19 ? THR A 101 . ? 1_555 ? 
4  AC1 9 THR A 19 ? THR A 101 . ? 9_554 ? 
5  AC1 9 GLY A 20 ? GLY A 102 . ? 9_554 ? 
6  AC1 9 GLY A 20 ? GLY A 102 . ? 1_555 ? 
7  AC1 9 LYS A 79 ? LYS A 161 . ? 9_554 ? 
8  AC1 9 NA  F .  ? NA  A 174 . ? 9_554 ? 
9  AC1 9 NA  F .  ? NA  A 174 . ? 1_555 ? 
10 AC2 4 HOH G .  ? HOH A 13  . ? 1_555 ? 
11 AC2 4 HOH G .  ? HOH A 15  . ? 5_555 ? 
12 AC2 4 HOH G .  ? HOH A 19  . ? 5_555 ? 
13 AC2 4 GLN A 64 ? GLN A 146 . ? 1_555 ? 
14 AC3 5 HOH G .  ? HOH A 33  . ? 1_555 ? 
15 AC3 5 GLY A 20 ? GLY A 102 . ? 1_555 ? 
16 AC3 5 ASN A 21 ? ASN A 103 . ? 1_555 ? 
17 AC3 5 ARG A 77 ? ARG A 159 . ? 1_555 ? 
18 AC3 5 LYS A 86 ? LYS A 168 . ? 6_554 ? 
19 AC4 4 LYS A 7  ? LYS A 89  . ? 1_555 ? 
20 AC4 4 GLY A 9  ? GLY A 91  . ? 1_555 ? 
21 AC4 4 ARG A 10 ? ARG A 92  . ? 1_555 ? 
22 AC4 4 THR A 11 ? THR A 93  . ? 1_555 ? 
23 AC5 2 SO4 B .  ? SO4 A 1   . ? 1_555 ? 
24 AC5 2 SO4 B .  ? SO4 A 1   . ? 9_554 ? 
# 
_pdbx_entry_details.entry_id                   3OFF 
_pdbx_entry_details.compound_details           ? 
_pdbx_entry_details.source_details             ? 
_pdbx_entry_details.nonpolymer_details         ? 
_pdbx_entry_details.sequence_details           ? 
_pdbx_entry_details.has_ligand_of_interest     ? 
_pdbx_entry_details.has_protein_modification   Y 
# 
_pdbx_validate_torsion.id              1 
_pdbx_validate_torsion.PDB_model_num   1 
_pdbx_validate_torsion.auth_comp_id    LYS 
_pdbx_validate_torsion.auth_asym_id    A 
_pdbx_validate_torsion.auth_seq_id     89 
_pdbx_validate_torsion.PDB_ins_code    ? 
_pdbx_validate_torsion.label_alt_id    ? 
_pdbx_validate_torsion.phi             -102.96 
_pdbx_validate_torsion.psi             -61.17 
# 
loop_
_pdbx_struct_mod_residue.id 
_pdbx_struct_mod_residue.label_asym_id 
_pdbx_struct_mod_residue.label_comp_id 
_pdbx_struct_mod_residue.label_seq_id 
_pdbx_struct_mod_residue.auth_asym_id 
_pdbx_struct_mod_residue.auth_comp_id 
_pdbx_struct_mod_residue.auth_seq_id 
_pdbx_struct_mod_residue.PDB_ins_code 
_pdbx_struct_mod_residue.parent_comp_id 
_pdbx_struct_mod_residue.details 
1 A MSE 6  A MSE 88  ? MET SELENOMETHIONINE 
2 A MSE 13 A MSE 95  ? MET SELENOMETHIONINE 
3 A MSE 49 A MSE 131 ? MET SELENOMETHIONINE 
# 
loop_
_pdbx_struct_special_symmetry.id 
_pdbx_struct_special_symmetry.PDB_model_num 
_pdbx_struct_special_symmetry.auth_asym_id 
_pdbx_struct_special_symmetry.auth_comp_id 
_pdbx_struct_special_symmetry.auth_seq_id 
_pdbx_struct_special_symmetry.PDB_ins_code 
_pdbx_struct_special_symmetry.label_asym_id 
_pdbx_struct_special_symmetry.label_comp_id 
_pdbx_struct_special_symmetry.label_seq_id 
1 1 A SO4 1   ? B SO4 . 
2 1 A NA  174 ? F NA  . 
# 
_diffrn_reflns.diffrn_id                   1 
_diffrn_reflns.pdbx_d_res_high             2.000 
_diffrn_reflns.pdbx_d_res_low              40.000 
_diffrn_reflns.pdbx_number_obs             13036 
_diffrn_reflns.pdbx_Rmerge_I_obs           0.129 
_diffrn_reflns.pdbx_Rsym_value             ? 
_diffrn_reflns.pdbx_chi_squared            0.82 
_diffrn_reflns.av_sigmaI_over_netI         20.64 
_diffrn_reflns.pdbx_redundancy             11.10 
_diffrn_reflns.pdbx_percent_possible_obs   99.00 
_diffrn_reflns.number                      144983 
_diffrn_reflns.pdbx_observed_criterion     ? 
_diffrn_reflns.limit_h_max                 ? 
_diffrn_reflns.limit_h_min                 ? 
_diffrn_reflns.limit_k_max                 ? 
_diffrn_reflns.limit_k_min                 ? 
_diffrn_reflns.limit_l_max                 ? 
_diffrn_reflns.limit_l_min                 ? 
# 
loop_
_pdbx_diffrn_reflns_shell.diffrn_id 
_pdbx_diffrn_reflns_shell.d_res_high 
_pdbx_diffrn_reflns_shell.d_res_low 
_pdbx_diffrn_reflns_shell.number_obs 
_pdbx_diffrn_reflns_shell.rejects 
_pdbx_diffrn_reflns_shell.Rmerge_I_obs 
_pdbx_diffrn_reflns_shell.Rsym_value 
_pdbx_diffrn_reflns_shell.chi_squared 
_pdbx_diffrn_reflns_shell.redundancy 
_pdbx_diffrn_reflns_shell.percent_possible_obs 
1 5.42 40.00 ? ? 0.064 ? 1.187 10.30 92.10  
1 4.31 5.42  ? ? 0.063 ? 1.240 10.90 98.20  
1 3.76 4.31  ? ? 0.073 ? 1.336 11.00 98.50  
1 3.42 3.76  ? ? 0.083 ? 1.127 11.20 98.50  
1 3.17 3.42  ? ? 0.092 ? 0.954 11.50 99.10  
1 2.99 3.17  ? ? 0.103 ? 0.890 11.50 99.20  
1 2.84 2.99  ? ? 0.117 ? 0.855 11.70 99.20  
1 2.71 2.84  ? ? 0.158 ? 0.815 11.80 99.40  
1 2.61 2.71  ? ? 0.207 ? 0.927 11.60 99.20  
1 2.52 2.61  ? ? 0.273 ? 0.844 11.70 99.70  
1 2.44 2.52  ? ? 0.258 ? 0.759 11.60 99.70  
1 2.37 2.44  ? ? 0.281 ? 0.752 11.70 99.70  
1 2.31 2.37  ? ? 0.268 ? 0.621 11.60 99.70  
1 2.25 2.31  ? ? 0.369 ? 0.701 11.50 99.70  
1 2.20 2.25  ? ? 0.396 ? 0.618 11.10 99.70  
1 2.15 2.20  ? ? 0.319 ? 0.573 10.80 99.80  
1 2.11 2.15  ? ? 0.389 ? 0.534 10.70 99.90  
1 2.07 2.11  ? ? 0.416 ? 0.543 10.40 99.80  
1 2.03 2.07  ? ? 0.433 ? 0.528 10.10 99.80  
1 2.00 2.03  ? ? 0.430 ? 0.567 9.80  100.00 
# 
_pdbx_phasing_dm.entry_id          3OFF 
_pdbx_phasing_dm.fom_acentric      0.650 
_pdbx_phasing_dm.fom_centric       0.680 
_pdbx_phasing_dm.fom               0.660 
_pdbx_phasing_dm.reflns_acentric   5192 
_pdbx_phasing_dm.reflns_centric    1359 
_pdbx_phasing_dm.reflns            6551 
# 
loop_
_pdbx_phasing_dm_shell.d_res_high 
_pdbx_phasing_dm_shell.d_res_low 
_pdbx_phasing_dm_shell.delta_phi_final 
_pdbx_phasing_dm_shell.delta_phi_initial 
_pdbx_phasing_dm_shell.fom_acentric 
_pdbx_phasing_dm_shell.fom_centric 
_pdbx_phasing_dm_shell.fom 
_pdbx_phasing_dm_shell.reflns_acentric 
_pdbx_phasing_dm_shell.reflns_centric 
_pdbx_phasing_dm_shell.reflns 
5.700 29.419 ? ? 0.930 0.850 0.890 174  168 342  
3.600 5.700  ? ? 0.930 0.840 0.900 695  285 980  
2.900 3.600  ? ? 0.850 0.740 0.820 934  266 1200 
2.500 2.900  ? ? 0.700 0.690 0.700 868  187 1055 
2.100 2.500  ? ? 0.550 0.550 0.550 1522 284 1806 
2.000 2.100  ? ? 0.340 0.370 0.340 999  169 1168 
# 
_phasing.method   SAD 
# 
loop_
_pdbx_unobs_or_zero_occ_residues.id 
_pdbx_unobs_or_zero_occ_residues.PDB_model_num 
_pdbx_unobs_or_zero_occ_residues.polymer_flag 
_pdbx_unobs_or_zero_occ_residues.occupancy_flag 
_pdbx_unobs_or_zero_occ_residues.auth_asym_id 
_pdbx_unobs_or_zero_occ_residues.auth_comp_id 
_pdbx_unobs_or_zero_occ_residues.auth_seq_id 
_pdbx_unobs_or_zero_occ_residues.PDB_ins_code 
_pdbx_unobs_or_zero_occ_residues.label_asym_id 
_pdbx_unobs_or_zero_occ_residues.label_comp_id 
_pdbx_unobs_or_zero_occ_residues.label_seq_id 
1 1 Y 1 A GLY 83 ? A GLY 1 
2 1 Y 1 A SER 84 ? A SER 2 
3 1 Y 1 A GLN 85 ? A GLN 3 
4 1 Y 1 A LYS 86 ? A LYS 4 
5 1 Y 1 A HIS 87 ? A HIS 5 
# 
loop_
_chem_comp_atom.comp_id 
_chem_comp_atom.atom_id 
_chem_comp_atom.type_symbol 
_chem_comp_atom.pdbx_aromatic_flag 
_chem_comp_atom.pdbx_stereo_config 
_chem_comp_atom.pdbx_ordinal 
ACT C    C  N N 1   
ACT O    O  N N 2   
ACT OXT  O  N N 3   
ACT CH3  C  N N 4   
ACT H1   H  N N 5   
ACT H2   H  N N 6   
ACT H3   H  N N 7   
ALA N    N  N N 8   
ALA CA   C  N S 9   
ALA C    C  N N 10  
ALA O    O  N N 11  
ALA CB   C  N N 12  
ALA OXT  O  N N 13  
ALA H    H  N N 14  
ALA H2   H  N N 15  
ALA HA   H  N N 16  
ALA HB1  H  N N 17  
ALA HB2  H  N N 18  
ALA HB3  H  N N 19  
ALA HXT  H  N N 20  
ARG N    N  N N 21  
ARG CA   C  N S 22  
ARG C    C  N N 23  
ARG O    O  N N 24  
ARG CB   C  N N 25  
ARG CG   C  N N 26  
ARG CD   C  N N 27  
ARG NE   N  N N 28  
ARG CZ   C  N N 29  
ARG NH1  N  N N 30  
ARG NH2  N  N N 31  
ARG OXT  O  N N 32  
ARG H    H  N N 33  
ARG H2   H  N N 34  
ARG HA   H  N N 35  
ARG HB2  H  N N 36  
ARG HB3  H  N N 37  
ARG HG2  H  N N 38  
ARG HG3  H  N N 39  
ARG HD2  H  N N 40  
ARG HD3  H  N N 41  
ARG HE   H  N N 42  
ARG HH11 H  N N 43  
ARG HH12 H  N N 44  
ARG HH21 H  N N 45  
ARG HH22 H  N N 46  
ARG HXT  H  N N 47  
ASN N    N  N N 48  
ASN CA   C  N S 49  
ASN C    C  N N 50  
ASN O    O  N N 51  
ASN CB   C  N N 52  
ASN CG   C  N N 53  
ASN OD1  O  N N 54  
ASN ND2  N  N N 55  
ASN OXT  O  N N 56  
ASN H    H  N N 57  
ASN H2   H  N N 58  
ASN HA   H  N N 59  
ASN HB2  H  N N 60  
ASN HB3  H  N N 61  
ASN HD21 H  N N 62  
ASN HD22 H  N N 63  
ASN HXT  H  N N 64  
ASP N    N  N N 65  
ASP CA   C  N S 66  
ASP C    C  N N 67  
ASP O    O  N N 68  
ASP CB   C  N N 69  
ASP CG   C  N N 70  
ASP OD1  O  N N 71  
ASP OD2  O  N N 72  
ASP OXT  O  N N 73  
ASP H    H  N N 74  
ASP H2   H  N N 75  
ASP HA   H  N N 76  
ASP HB2  H  N N 77  
ASP HB3  H  N N 78  
ASP HD2  H  N N 79  
ASP HXT  H  N N 80  
CYS N    N  N N 81  
CYS CA   C  N R 82  
CYS C    C  N N 83  
CYS O    O  N N 84  
CYS CB   C  N N 85  
CYS SG   S  N N 86  
CYS OXT  O  N N 87  
CYS H    H  N N 88  
CYS H2   H  N N 89  
CYS HA   H  N N 90  
CYS HB2  H  N N 91  
CYS HB3  H  N N 92  
CYS HG   H  N N 93  
CYS HXT  H  N N 94  
GLN N    N  N N 95  
GLN CA   C  N S 96  
GLN C    C  N N 97  
GLN O    O  N N 98  
GLN CB   C  N N 99  
GLN CG   C  N N 100 
GLN CD   C  N N 101 
GLN OE1  O  N N 102 
GLN NE2  N  N N 103 
GLN OXT  O  N N 104 
GLN H    H  N N 105 
GLN H2   H  N N 106 
GLN HA   H  N N 107 
GLN HB2  H  N N 108 
GLN HB3  H  N N 109 
GLN HG2  H  N N 110 
GLN HG3  H  N N 111 
GLN HE21 H  N N 112 
GLN HE22 H  N N 113 
GLN HXT  H  N N 114 
GLU N    N  N N 115 
GLU CA   C  N S 116 
GLU C    C  N N 117 
GLU O    O  N N 118 
GLU CB   C  N N 119 
GLU CG   C  N N 120 
GLU CD   C  N N 121 
GLU OE1  O  N N 122 
GLU OE2  O  N N 123 
GLU OXT  O  N N 124 
GLU H    H  N N 125 
GLU H2   H  N N 126 
GLU HA   H  N N 127 
GLU HB2  H  N N 128 
GLU HB3  H  N N 129 
GLU HG2  H  N N 130 
GLU HG3  H  N N 131 
GLU HE2  H  N N 132 
GLU HXT  H  N N 133 
GLY N    N  N N 134 
GLY CA   C  N N 135 
GLY C    C  N N 136 
GLY O    O  N N 137 
GLY OXT  O  N N 138 
GLY H    H  N N 139 
GLY H2   H  N N 140 
GLY HA2  H  N N 141 
GLY HA3  H  N N 142 
GLY HXT  H  N N 143 
HIS N    N  N N 144 
HIS CA   C  N S 145 
HIS C    C  N N 146 
HIS O    O  N N 147 
HIS CB   C  N N 148 
HIS CG   C  Y N 149 
HIS ND1  N  Y N 150 
HIS CD2  C  Y N 151 
HIS CE1  C  Y N 152 
HIS NE2  N  Y N 153 
HIS OXT  O  N N 154 
HIS H    H  N N 155 
HIS H2   H  N N 156 
HIS HA   H  N N 157 
HIS HB2  H  N N 158 
HIS HB3  H  N N 159 
HIS HD1  H  N N 160 
HIS HD2  H  N N 161 
HIS HE1  H  N N 162 
HIS HE2  H  N N 163 
HIS HXT  H  N N 164 
HOH O    O  N N 165 
HOH H1   H  N N 166 
HOH H2   H  N N 167 
ILE N    N  N N 168 
ILE CA   C  N S 169 
ILE C    C  N N 170 
ILE O    O  N N 171 
ILE CB   C  N S 172 
ILE CG1  C  N N 173 
ILE CG2  C  N N 174 
ILE CD1  C  N N 175 
ILE OXT  O  N N 176 
ILE H    H  N N 177 
ILE H2   H  N N 178 
ILE HA   H  N N 179 
ILE HB   H  N N 180 
ILE HG12 H  N N 181 
ILE HG13 H  N N 182 
ILE HG21 H  N N 183 
ILE HG22 H  N N 184 
ILE HG23 H  N N 185 
ILE HD11 H  N N 186 
ILE HD12 H  N N 187 
ILE HD13 H  N N 188 
ILE HXT  H  N N 189 
LEU N    N  N N 190 
LEU CA   C  N S 191 
LEU C    C  N N 192 
LEU O    O  N N 193 
LEU CB   C  N N 194 
LEU CG   C  N N 195 
LEU CD1  C  N N 196 
LEU CD2  C  N N 197 
LEU OXT  O  N N 198 
LEU H    H  N N 199 
LEU H2   H  N N 200 
LEU HA   H  N N 201 
LEU HB2  H  N N 202 
LEU HB3  H  N N 203 
LEU HG   H  N N 204 
LEU HD11 H  N N 205 
LEU HD12 H  N N 206 
LEU HD13 H  N N 207 
LEU HD21 H  N N 208 
LEU HD22 H  N N 209 
LEU HD23 H  N N 210 
LEU HXT  H  N N 211 
LYS N    N  N N 212 
LYS CA   C  N S 213 
LYS C    C  N N 214 
LYS O    O  N N 215 
LYS CB   C  N N 216 
LYS CG   C  N N 217 
LYS CD   C  N N 218 
LYS CE   C  N N 219 
LYS NZ   N  N N 220 
LYS OXT  O  N N 221 
LYS H    H  N N 222 
LYS H2   H  N N 223 
LYS HA   H  N N 224 
LYS HB2  H  N N 225 
LYS HB3  H  N N 226 
LYS HG2  H  N N 227 
LYS HG3  H  N N 228 
LYS HD2  H  N N 229 
LYS HD3  H  N N 230 
LYS HE2  H  N N 231 
LYS HE3  H  N N 232 
LYS HZ1  H  N N 233 
LYS HZ2  H  N N 234 
LYS HZ3  H  N N 235 
LYS HXT  H  N N 236 
MSE N    N  N N 237 
MSE CA   C  N S 238 
MSE C    C  N N 239 
MSE O    O  N N 240 
MSE OXT  O  N N 241 
MSE CB   C  N N 242 
MSE CG   C  N N 243 
MSE SE   SE N N 244 
MSE CE   C  N N 245 
MSE H    H  N N 246 
MSE H2   H  N N 247 
MSE HA   H  N N 248 
MSE HXT  H  N N 249 
MSE HB2  H  N N 250 
MSE HB3  H  N N 251 
MSE HG2  H  N N 252 
MSE HG3  H  N N 253 
MSE HE1  H  N N 254 
MSE HE2  H  N N 255 
MSE HE3  H  N N 256 
NA  NA   NA N N 257 
PHE N    N  N N 258 
PHE CA   C  N S 259 
PHE C    C  N N 260 
PHE O    O  N N 261 
PHE CB   C  N N 262 
PHE CG   C  Y N 263 
PHE CD1  C  Y N 264 
PHE CD2  C  Y N 265 
PHE CE1  C  Y N 266 
PHE CE2  C  Y N 267 
PHE CZ   C  Y N 268 
PHE OXT  O  N N 269 
PHE H    H  N N 270 
PHE H2   H  N N 271 
PHE HA   H  N N 272 
PHE HB2  H  N N 273 
PHE HB3  H  N N 274 
PHE HD1  H  N N 275 
PHE HD2  H  N N 276 
PHE HE1  H  N N 277 
PHE HE2  H  N N 278 
PHE HZ   H  N N 279 
PHE HXT  H  N N 280 
PRO N    N  N N 281 
PRO CA   C  N S 282 
PRO C    C  N N 283 
PRO O    O  N N 284 
PRO CB   C  N N 285 
PRO CG   C  N N 286 
PRO CD   C  N N 287 
PRO OXT  O  N N 288 
PRO H    H  N N 289 
PRO HA   H  N N 290 
PRO HB2  H  N N 291 
PRO HB3  H  N N 292 
PRO HG2  H  N N 293 
PRO HG3  H  N N 294 
PRO HD2  H  N N 295 
PRO HD3  H  N N 296 
PRO HXT  H  N N 297 
SER N    N  N N 298 
SER CA   C  N S 299 
SER C    C  N N 300 
SER O    O  N N 301 
SER CB   C  N N 302 
SER OG   O  N N 303 
SER OXT  O  N N 304 
SER H    H  N N 305 
SER H2   H  N N 306 
SER HA   H  N N 307 
SER HB2  H  N N 308 
SER HB3  H  N N 309 
SER HG   H  N N 310 
SER HXT  H  N N 311 
SO4 S    S  N N 312 
SO4 O1   O  N N 313 
SO4 O2   O  N N 314 
SO4 O3   O  N N 315 
SO4 O4   O  N N 316 
THR N    N  N N 317 
THR CA   C  N S 318 
THR C    C  N N 319 
THR O    O  N N 320 
THR CB   C  N R 321 
THR OG1  O  N N 322 
THR CG2  C  N N 323 
THR OXT  O  N N 324 
THR H    H  N N 325 
THR H2   H  N N 326 
THR HA   H  N N 327 
THR HB   H  N N 328 
THR HG1  H  N N 329 
THR HG21 H  N N 330 
THR HG22 H  N N 331 
THR HG23 H  N N 332 
THR HXT  H  N N 333 
TRP N    N  N N 334 
TRP CA   C  N S 335 
TRP C    C  N N 336 
TRP O    O  N N 337 
TRP CB   C  N N 338 
TRP CG   C  Y N 339 
TRP CD1  C  Y N 340 
TRP CD2  C  Y N 341 
TRP NE1  N  Y N 342 
TRP CE2  C  Y N 343 
TRP CE3  C  Y N 344 
TRP CZ2  C  Y N 345 
TRP CZ3  C  Y N 346 
TRP CH2  C  Y N 347 
TRP OXT  O  N N 348 
TRP H    H  N N 349 
TRP H2   H  N N 350 
TRP HA   H  N N 351 
TRP HB2  H  N N 352 
TRP HB3  H  N N 353 
TRP HD1  H  N N 354 
TRP HE1  H  N N 355 
TRP HE3  H  N N 356 
TRP HZ2  H  N N 357 
TRP HZ3  H  N N 358 
TRP HH2  H  N N 359 
TRP HXT  H  N N 360 
TYR N    N  N N 361 
TYR CA   C  N S 362 
TYR C    C  N N 363 
TYR O    O  N N 364 
TYR CB   C  N N 365 
TYR CG   C  Y N 366 
TYR CD1  C  Y N 367 
TYR CD2  C  Y N 368 
TYR CE1  C  Y N 369 
TYR CE2  C  Y N 370 
TYR CZ   C  Y N 371 
TYR OH   O  N N 372 
TYR OXT  O  N N 373 
TYR H    H  N N 374 
TYR H2   H  N N 375 
TYR HA   H  N N 376 
TYR HB2  H  N N 377 
TYR HB3  H  N N 378 
TYR HD1  H  N N 379 
TYR HD2  H  N N 380 
TYR HE1  H  N N 381 
TYR HE2  H  N N 382 
TYR HH   H  N N 383 
TYR HXT  H  N N 384 
VAL N    N  N N 385 
VAL CA   C  N S 386 
VAL C    C  N N 387 
VAL O    O  N N 388 
VAL CB   C  N N 389 
VAL CG1  C  N N 390 
VAL CG2  C  N N 391 
VAL OXT  O  N N 392 
VAL H    H  N N 393 
VAL H2   H  N N 394 
VAL HA   H  N N 395 
VAL HB   H  N N 396 
VAL HG11 H  N N 397 
VAL HG12 H  N N 398 
VAL HG13 H  N N 399 
VAL HG21 H  N N 400 
VAL HG22 H  N N 401 
VAL HG23 H  N N 402 
VAL HXT  H  N N 403 
# 
loop_
_chem_comp_bond.comp_id 
_chem_comp_bond.atom_id_1 
_chem_comp_bond.atom_id_2 
_chem_comp_bond.value_order 
_chem_comp_bond.pdbx_aromatic_flag 
_chem_comp_bond.pdbx_stereo_config 
_chem_comp_bond.pdbx_ordinal 
ACT C   O    doub N N 1   
ACT C   OXT  sing N N 2   
ACT C   CH3  sing N N 3   
ACT CH3 H1   sing N N 4   
ACT CH3 H2   sing N N 5   
ACT CH3 H3   sing N N 6   
ALA N   CA   sing N N 7   
ALA N   H    sing N N 8   
ALA N   H2   sing N N 9   
ALA CA  C    sing N N 10  
ALA CA  CB   sing N N 11  
ALA CA  HA   sing N N 12  
ALA C   O    doub N N 13  
ALA C   OXT  sing N N 14  
ALA CB  HB1  sing N N 15  
ALA CB  HB2  sing N N 16  
ALA CB  HB3  sing N N 17  
ALA OXT HXT  sing N N 18  
ARG N   CA   sing N N 19  
ARG N   H    sing N N 20  
ARG N   H2   sing N N 21  
ARG CA  C    sing N N 22  
ARG CA  CB   sing N N 23  
ARG CA  HA   sing N N 24  
ARG C   O    doub N N 25  
ARG C   OXT  sing N N 26  
ARG CB  CG   sing N N 27  
ARG CB  HB2  sing N N 28  
ARG CB  HB3  sing N N 29  
ARG CG  CD   sing N N 30  
ARG CG  HG2  sing N N 31  
ARG CG  HG3  sing N N 32  
ARG CD  NE   sing N N 33  
ARG CD  HD2  sing N N 34  
ARG CD  HD3  sing N N 35  
ARG NE  CZ   sing N N 36  
ARG NE  HE   sing N N 37  
ARG CZ  NH1  sing N N 38  
ARG CZ  NH2  doub N N 39  
ARG NH1 HH11 sing N N 40  
ARG NH1 HH12 sing N N 41  
ARG NH2 HH21 sing N N 42  
ARG NH2 HH22 sing N N 43  
ARG OXT HXT  sing N N 44  
ASN N   CA   sing N N 45  
ASN N   H    sing N N 46  
ASN N   H2   sing N N 47  
ASN CA  C    sing N N 48  
ASN CA  CB   sing N N 49  
ASN CA  HA   sing N N 50  
ASN C   O    doub N N 51  
ASN C   OXT  sing N N 52  
ASN CB  CG   sing N N 53  
ASN CB  HB2  sing N N 54  
ASN CB  HB3  sing N N 55  
ASN CG  OD1  doub N N 56  
ASN CG  ND2  sing N N 57  
ASN ND2 HD21 sing N N 58  
ASN ND2 HD22 sing N N 59  
ASN OXT HXT  sing N N 60  
ASP N   CA   sing N N 61  
ASP N   H    sing N N 62  
ASP N   H2   sing N N 63  
ASP CA  C    sing N N 64  
ASP CA  CB   sing N N 65  
ASP CA  HA   sing N N 66  
ASP C   O    doub N N 67  
ASP C   OXT  sing N N 68  
ASP CB  CG   sing N N 69  
ASP CB  HB2  sing N N 70  
ASP CB  HB3  sing N N 71  
ASP CG  OD1  doub N N 72  
ASP CG  OD2  sing N N 73  
ASP OD2 HD2  sing N N 74  
ASP OXT HXT  sing N N 75  
CYS N   CA   sing N N 76  
CYS N   H    sing N N 77  
CYS N   H2   sing N N 78  
CYS CA  C    sing N N 79  
CYS CA  CB   sing N N 80  
CYS CA  HA   sing N N 81  
CYS C   O    doub N N 82  
CYS C   OXT  sing N N 83  
CYS CB  SG   sing N N 84  
CYS CB  HB2  sing N N 85  
CYS CB  HB3  sing N N 86  
CYS SG  HG   sing N N 87  
CYS OXT HXT  sing N N 88  
GLN N   CA   sing N N 89  
GLN N   H    sing N N 90  
GLN N   H2   sing N N 91  
GLN CA  C    sing N N 92  
GLN CA  CB   sing N N 93  
GLN CA  HA   sing N N 94  
GLN C   O    doub N N 95  
GLN C   OXT  sing N N 96  
GLN CB  CG   sing N N 97  
GLN CB  HB2  sing N N 98  
GLN CB  HB3  sing N N 99  
GLN CG  CD   sing N N 100 
GLN CG  HG2  sing N N 101 
GLN CG  HG3  sing N N 102 
GLN CD  OE1  doub N N 103 
GLN CD  NE2  sing N N 104 
GLN NE2 HE21 sing N N 105 
GLN NE2 HE22 sing N N 106 
GLN OXT HXT  sing N N 107 
GLU N   CA   sing N N 108 
GLU N   H    sing N N 109 
GLU N   H2   sing N N 110 
GLU CA  C    sing N N 111 
GLU CA  CB   sing N N 112 
GLU CA  HA   sing N N 113 
GLU C   O    doub N N 114 
GLU C   OXT  sing N N 115 
GLU CB  CG   sing N N 116 
GLU CB  HB2  sing N N 117 
GLU CB  HB3  sing N N 118 
GLU CG  CD   sing N N 119 
GLU CG  HG2  sing N N 120 
GLU CG  HG3  sing N N 121 
GLU CD  OE1  doub N N 122 
GLU CD  OE2  sing N N 123 
GLU OE2 HE2  sing N N 124 
GLU OXT HXT  sing N N 125 
GLY N   CA   sing N N 126 
GLY N   H    sing N N 127 
GLY N   H2   sing N N 128 
GLY CA  C    sing N N 129 
GLY CA  HA2  sing N N 130 
GLY CA  HA3  sing N N 131 
GLY C   O    doub N N 132 
GLY C   OXT  sing N N 133 
GLY OXT HXT  sing N N 134 
HIS N   CA   sing N N 135 
HIS N   H    sing N N 136 
HIS N   H2   sing N N 137 
HIS CA  C    sing N N 138 
HIS CA  CB   sing N N 139 
HIS CA  HA   sing N N 140 
HIS C   O    doub N N 141 
HIS C   OXT  sing N N 142 
HIS CB  CG   sing N N 143 
HIS CB  HB2  sing N N 144 
HIS CB  HB3  sing N N 145 
HIS CG  ND1  sing Y N 146 
HIS CG  CD2  doub Y N 147 
HIS ND1 CE1  doub Y N 148 
HIS ND1 HD1  sing N N 149 
HIS CD2 NE2  sing Y N 150 
HIS CD2 HD2  sing N N 151 
HIS CE1 NE2  sing Y N 152 
HIS CE1 HE1  sing N N 153 
HIS NE2 HE2  sing N N 154 
HIS OXT HXT  sing N N 155 
HOH O   H1   sing N N 156 
HOH O   H2   sing N N 157 
ILE N   CA   sing N N 158 
ILE N   H    sing N N 159 
ILE N   H2   sing N N 160 
ILE CA  C    sing N N 161 
ILE CA  CB   sing N N 162 
ILE CA  HA   sing N N 163 
ILE C   O    doub N N 164 
ILE C   OXT  sing N N 165 
ILE CB  CG1  sing N N 166 
ILE CB  CG2  sing N N 167 
ILE CB  HB   sing N N 168 
ILE CG1 CD1  sing N N 169 
ILE CG1 HG12 sing N N 170 
ILE CG1 HG13 sing N N 171 
ILE CG2 HG21 sing N N 172 
ILE CG2 HG22 sing N N 173 
ILE CG2 HG23 sing N N 174 
ILE CD1 HD11 sing N N 175 
ILE CD1 HD12 sing N N 176 
ILE CD1 HD13 sing N N 177 
ILE OXT HXT  sing N N 178 
LEU N   CA   sing N N 179 
LEU N   H    sing N N 180 
LEU N   H2   sing N N 181 
LEU CA  C    sing N N 182 
LEU CA  CB   sing N N 183 
LEU CA  HA   sing N N 184 
LEU C   O    doub N N 185 
LEU C   OXT  sing N N 186 
LEU CB  CG   sing N N 187 
LEU CB  HB2  sing N N 188 
LEU CB  HB3  sing N N 189 
LEU CG  CD1  sing N N 190 
LEU CG  CD2  sing N N 191 
LEU CG  HG   sing N N 192 
LEU CD1 HD11 sing N N 193 
LEU CD1 HD12 sing N N 194 
LEU CD1 HD13 sing N N 195 
LEU CD2 HD21 sing N N 196 
LEU CD2 HD22 sing N N 197 
LEU CD2 HD23 sing N N 198 
LEU OXT HXT  sing N N 199 
LYS N   CA   sing N N 200 
LYS N   H    sing N N 201 
LYS N   H2   sing N N 202 
LYS CA  C    sing N N 203 
LYS CA  CB   sing N N 204 
LYS CA  HA   sing N N 205 
LYS C   O    doub N N 206 
LYS C   OXT  sing N N 207 
LYS CB  CG   sing N N 208 
LYS CB  HB2  sing N N 209 
LYS CB  HB3  sing N N 210 
LYS CG  CD   sing N N 211 
LYS CG  HG2  sing N N 212 
LYS CG  HG3  sing N N 213 
LYS CD  CE   sing N N 214 
LYS CD  HD2  sing N N 215 
LYS CD  HD3  sing N N 216 
LYS CE  NZ   sing N N 217 
LYS CE  HE2  sing N N 218 
LYS CE  HE3  sing N N 219 
LYS NZ  HZ1  sing N N 220 
LYS NZ  HZ2  sing N N 221 
LYS NZ  HZ3  sing N N 222 
LYS OXT HXT  sing N N 223 
MSE N   CA   sing N N 224 
MSE N   H    sing N N 225 
MSE N   H2   sing N N 226 
MSE CA  C    sing N N 227 
MSE CA  CB   sing N N 228 
MSE CA  HA   sing N N 229 
MSE C   O    doub N N 230 
MSE C   OXT  sing N N 231 
MSE OXT HXT  sing N N 232 
MSE CB  CG   sing N N 233 
MSE CB  HB2  sing N N 234 
MSE CB  HB3  sing N N 235 
MSE CG  SE   sing N N 236 
MSE CG  HG2  sing N N 237 
MSE CG  HG3  sing N N 238 
MSE SE  CE   sing N N 239 
MSE CE  HE1  sing N N 240 
MSE CE  HE2  sing N N 241 
MSE CE  HE3  sing N N 242 
PHE N   CA   sing N N 243 
PHE N   H    sing N N 244 
PHE N   H2   sing N N 245 
PHE CA  C    sing N N 246 
PHE CA  CB   sing N N 247 
PHE CA  HA   sing N N 248 
PHE C   O    doub N N 249 
PHE C   OXT  sing N N 250 
PHE CB  CG   sing N N 251 
PHE CB  HB2  sing N N 252 
PHE CB  HB3  sing N N 253 
PHE CG  CD1  doub Y N 254 
PHE CG  CD2  sing Y N 255 
PHE CD1 CE1  sing Y N 256 
PHE CD1 HD1  sing N N 257 
PHE CD2 CE2  doub Y N 258 
PHE CD2 HD2  sing N N 259 
PHE CE1 CZ   doub Y N 260 
PHE CE1 HE1  sing N N 261 
PHE CE2 CZ   sing Y N 262 
PHE CE2 HE2  sing N N 263 
PHE CZ  HZ   sing N N 264 
PHE OXT HXT  sing N N 265 
PRO N   CA   sing N N 266 
PRO N   CD   sing N N 267 
PRO N   H    sing N N 268 
PRO CA  C    sing N N 269 
PRO CA  CB   sing N N 270 
PRO CA  HA   sing N N 271 
PRO C   O    doub N N 272 
PRO C   OXT  sing N N 273 
PRO CB  CG   sing N N 274 
PRO CB  HB2  sing N N 275 
PRO CB  HB3  sing N N 276 
PRO CG  CD   sing N N 277 
PRO CG  HG2  sing N N 278 
PRO CG  HG3  sing N N 279 
PRO CD  HD2  sing N N 280 
PRO CD  HD3  sing N N 281 
PRO OXT HXT  sing N N 282 
SER N   CA   sing N N 283 
SER N   H    sing N N 284 
SER N   H2   sing N N 285 
SER CA  C    sing N N 286 
SER CA  CB   sing N N 287 
SER CA  HA   sing N N 288 
SER C   O    doub N N 289 
SER C   OXT  sing N N 290 
SER CB  OG   sing N N 291 
SER CB  HB2  sing N N 292 
SER CB  HB3  sing N N 293 
SER OG  HG   sing N N 294 
SER OXT HXT  sing N N 295 
SO4 S   O1   doub N N 296 
SO4 S   O2   doub N N 297 
SO4 S   O3   sing N N 298 
SO4 S   O4   sing N N 299 
THR N   CA   sing N N 300 
THR N   H    sing N N 301 
THR N   H2   sing N N 302 
THR CA  C    sing N N 303 
THR CA  CB   sing N N 304 
THR CA  HA   sing N N 305 
THR C   O    doub N N 306 
THR C   OXT  sing N N 307 
THR CB  OG1  sing N N 308 
THR CB  CG2  sing N N 309 
THR CB  HB   sing N N 310 
THR OG1 HG1  sing N N 311 
THR CG2 HG21 sing N N 312 
THR CG2 HG22 sing N N 313 
THR CG2 HG23 sing N N 314 
THR OXT HXT  sing N N 315 
TRP N   CA   sing N N 316 
TRP N   H    sing N N 317 
TRP N   H2   sing N N 318 
TRP CA  C    sing N N 319 
TRP CA  CB   sing N N 320 
TRP CA  HA   sing N N 321 
TRP C   O    doub N N 322 
TRP C   OXT  sing N N 323 
TRP CB  CG   sing N N 324 
TRP CB  HB2  sing N N 325 
TRP CB  HB3  sing N N 326 
TRP CG  CD1  doub Y N 327 
TRP CG  CD2  sing Y N 328 
TRP CD1 NE1  sing Y N 329 
TRP CD1 HD1  sing N N 330 
TRP CD2 CE2  doub Y N 331 
TRP CD2 CE3  sing Y N 332 
TRP NE1 CE2  sing Y N 333 
TRP NE1 HE1  sing N N 334 
TRP CE2 CZ2  sing Y N 335 
TRP CE3 CZ3  doub Y N 336 
TRP CE3 HE3  sing N N 337 
TRP CZ2 CH2  doub Y N 338 
TRP CZ2 HZ2  sing N N 339 
TRP CZ3 CH2  sing Y N 340 
TRP CZ3 HZ3  sing N N 341 
TRP CH2 HH2  sing N N 342 
TRP OXT HXT  sing N N 343 
TYR N   CA   sing N N 344 
TYR N   H    sing N N 345 
TYR N   H2   sing N N 346 
TYR CA  C    sing N N 347 
TYR CA  CB   sing N N 348 
TYR CA  HA   sing N N 349 
TYR C   O    doub N N 350 
TYR C   OXT  sing N N 351 
TYR CB  CG   sing N N 352 
TYR CB  HB2  sing N N 353 
TYR CB  HB3  sing N N 354 
TYR CG  CD1  doub Y N 355 
TYR CG  CD2  sing Y N 356 
TYR CD1 CE1  sing Y N 357 
TYR CD1 HD1  sing N N 358 
TYR CD2 CE2  doub Y N 359 
TYR CD2 HD2  sing N N 360 
TYR CE1 CZ   doub Y N 361 
TYR CE1 HE1  sing N N 362 
TYR CE2 CZ   sing Y N 363 
TYR CE2 HE2  sing N N 364 
TYR CZ  OH   sing N N 365 
TYR OH  HH   sing N N 366 
TYR OXT HXT  sing N N 367 
VAL N   CA   sing N N 368 
VAL N   H    sing N N 369 
VAL N   H2   sing N N 370 
VAL CA  C    sing N N 371 
VAL CA  CB   sing N N 372 
VAL CA  HA   sing N N 373 
VAL C   O    doub N N 374 
VAL C   OXT  sing N N 375 
VAL CB  CG1  sing N N 376 
VAL CB  CG2  sing N N 377 
VAL CB  HB   sing N N 378 
VAL CG1 HG11 sing N N 379 
VAL CG1 HG12 sing N N 380 
VAL CG1 HG13 sing N N 381 
VAL CG2 HG21 sing N N 382 
VAL CG2 HG22 sing N N 383 
VAL CG2 HG23 sing N N 384 
VAL OXT HXT  sing N N 385 
# 
_atom_sites.entry_id                    3OFF 
_atom_sites.fract_transf_matrix[1][1]   -0.00252709 
_atom_sites.fract_transf_matrix[1][2]   0.01524099 
_atom_sites.fract_transf_matrix[1][3]   0.01024802 
_atom_sites.fract_transf_matrix[2][1]   -0.01267560 
_atom_sites.fract_transf_matrix[2][2]   0.00007774 
_atom_sites.fract_transf_matrix[2][3]   0.01352840 
_atom_sites.fract_transf_matrix[3][1]   0.00769477 
_atom_sites.fract_transf_matrix[3][2]   -0.00358579 
_atom_sites.fract_transf_matrix[3][3]   0.00723031 
_atom_sites.fract_transf_vector[1]      -0.016783 
_atom_sites.fract_transf_vector[2]      0.338373 
_atom_sites.fract_transf_vector[3]      -0.147990 
# 
loop_
_atom_type.symbol 
C  
N  
NA 
O  
S  
SE 
# 
loop_
_atom_site.group_PDB 
_atom_site.id 
_atom_site.type_symbol 
_atom_site.label_atom_id 
_atom_site.label_alt_id 
_atom_site.label_comp_id 
_atom_site.label_asym_id 
_atom_site.label_entity_id 
_atom_site.label_seq_id 
_atom_site.pdbx_PDB_ins_code 
_atom_site.Cartn_x 
_atom_site.Cartn_y 
_atom_site.Cartn_z 
_atom_site.occupancy 
_atom_site.B_iso_or_equiv 
_atom_site.pdbx_formal_charge 
_atom_site.auth_seq_id 
_atom_site.auth_comp_id 
_atom_site.auth_asym_id 
_atom_site.auth_atom_id 
_atom_site.pdbx_PDB_model_num 
HETATM 1   N  N   . MSE A 1 6  ? 17.469  0.455   17.846  1.00 54.50 ? 88  MSE A N   1 
HETATM 2   C  CA  . MSE A 1 6  ? 16.071  0.604   18.229  1.00 45.69 ? 88  MSE A CA  1 
HETATM 3   C  C   . MSE A 1 6  ? 15.137  -0.383  17.534  1.00 58.39 ? 88  MSE A C   1 
HETATM 4   O  O   . MSE A 1 6  ? 15.266  -0.657  16.344  1.00 54.14 ? 88  MSE A O   1 
HETATM 5   C  CB  . MSE A 1 6  ? 15.600  2.039   17.975  1.00 34.86 ? 88  MSE A CB  1 
HETATM 6   C  CG  . MSE A 1 6  ? 15.501  2.892   19.234  1.00 44.87 ? 88  MSE A CG  1 
HETATM 7   SE SE  . MSE A 1 6  ? 15.285  4.806   18.909  1.00 55.02 ? 88  MSE A SE  1 
HETATM 8   C  CE  . MSE A 1 6  ? 15.854  5.495   20.646  1.00 28.41 ? 88  MSE A CE  1 
ATOM   9   N  N   . LYS A 1 7  ? 14.167  -0.886  18.289  1.00 55.21 ? 89  LYS A N   1 
ATOM   10  C  CA  . LYS A 1 7  ? 13.168  -1.820  17.765  1.00 53.00 ? 89  LYS A CA  1 
ATOM   11  C  C   . LYS A 1 7  ? 11.802  -1.153  17.497  1.00 51.93 ? 89  LYS A C   1 
ATOM   12  O  O   . LYS A 1 7  ? 11.333  -1.111  16.359  1.00 51.13 ? 89  LYS A O   1 
ATOM   13  C  CB  . LYS A 1 7  ? 12.971  -2.978  18.750  1.00 56.28 ? 89  LYS A CB  1 
ATOM   14  N  N   . LYS A 1 8  ? 11.190  -0.619  18.557  1.00 45.41 ? 90  LYS A N   1 
ATOM   15  C  CA  . LYS A 1 8  ? 9.787   -0.162  18.567  1.00 43.48 ? 90  LYS A CA  1 
ATOM   16  C  C   . LYS A 1 8  ? 9.470   1.106   17.772  1.00 43.25 ? 90  LYS A C   1 
ATOM   17  O  O   . LYS A 1 8  ? 10.315  1.983   17.628  1.00 40.30 ? 90  LYS A O   1 
ATOM   18  C  CB  . LYS A 1 8  ? 9.311   0.045   20.012  1.00 48.21 ? 90  LYS A CB  1 
ATOM   19  N  N   . GLY A 1 9  ? 8.227   1.204   17.297  1.00 38.51 ? 91  GLY A N   1 
ATOM   20  C  CA  . GLY A 1 9  ? 7.751   2.365   16.559  1.00 39.76 ? 91  GLY A CA  1 
ATOM   21  C  C   . GLY A 1 9  ? 8.542   2.606   15.291  1.00 32.84 ? 91  GLY A C   1 
ATOM   22  O  O   . GLY A 1 9  ? 8.755   3.748   14.887  1.00 30.90 ? 91  GLY A O   1 
ATOM   23  N  N   . ARG A 1 10 ? 9.000   1.522   14.678  1.00 31.55 ? 92  ARG A N   1 
ATOM   24  C  CA  . ARG A 1 10 ? 9.797   1.600   13.461  1.00 23.74 ? 92  ARG A CA  1 
ATOM   25  C  C   . ARG A 1 10 ? 8.951   1.427   12.197  1.00 32.34 ? 92  ARG A C   1 
ATOM   26  O  O   . ARG A 1 10 ? 9.230   2.027   11.155  1.00 29.16 ? 92  ARG A O   1 
ATOM   27  C  CB  . ARG A 1 10 ? 10.900  0.548   13.495  1.00 31.34 ? 92  ARG A CB  1 
ATOM   28  C  CG  . ARG A 1 10 ? 11.294  0.052   12.121  1.00 35.48 ? 92  ARG A CG  1 
ATOM   29  N  N   . THR A 1 11 ? 7.913   0.606   12.298  1.00 28.85 ? 93  THR A N   1 
ATOM   30  C  CA  . THR A 1 11 ? 7.070   0.304   11.148  1.00 28.25 ? 93  THR A CA  1 
ATOM   31  C  C   . THR A 1 11 ? 5.836   1.196   11.112  1.00 26.09 ? 93  THR A C   1 
ATOM   32  O  O   . THR A 1 11 ? 5.487   1.820   12.110  1.00 27.42 ? 93  THR A O   1 
ATOM   33  C  CB  . THR A 1 11 ? 6.613   -1.161  11.161  1.00 28.42 ? 93  THR A CB  1 
ATOM   34  O  OG1 . THR A 1 11 ? 5.611   -1.338  12.169  1.00 25.39 ? 93  THR A OG1 1 
ATOM   35  C  CG2 . THR A 1 11 ? 7.787   -2.078  11.455  1.00 29.88 ? 93  THR A CG2 1 
ATOM   36  N  N   . LEU A 1 12 ? 5.171   1.244   9.962   1.00 21.65 ? 94  LEU A N   1 
ATOM   37  C  CA  . LEU A 1 12 ? 3.930   2.001   9.839   1.00 25.60 ? 94  LEU A CA  1 
ATOM   38  C  C   . LEU A 1 12 ? 2.937   1.272   8.947   1.00 22.07 ? 94  LEU A C   1 
ATOM   39  O  O   . LEU A 1 12 ? 3.283   0.818   7.857   1.00 21.74 ? 94  LEU A O   1 
ATOM   40  C  CB  . LEU A 1 12 ? 4.189   3.407   9.290   1.00 21.39 ? 94  LEU A CB  1 
ATOM   41  C  CG  . LEU A 1 12 ? 2.970   4.334   9.265   1.00 23.81 ? 94  LEU A CG  1 
ATOM   42  C  CD1 . LEU A 1 12 ? 2.470   4.590   10.679  1.00 27.52 ? 94  LEU A CD1 1 
ATOM   43  C  CD2 . LEU A 1 12 ? 3.303   5.640   8.564   1.00 21.08 ? 94  LEU A CD2 1 
HETATM 44  N  N   . MSE A 1 13 ? 1.703   1.158   9.424   1.00 21.28 ? 95  MSE A N   1 
HETATM 45  C  CA  . MSE A 1 13 ? 0.633   0.553   8.647   1.00 26.37 ? 95  MSE A CA  1 
HETATM 46  C  C   . MSE A 1 13 ? -0.075  1.600   7.803   1.00 19.81 ? 95  MSE A C   1 
HETATM 47  O  O   . MSE A 1 13 ? -0.268  2.732   8.240   1.00 24.56 ? 95  MSE A O   1 
HETATM 48  C  CB  . MSE A 1 13 ? -0.381  -0.117  9.569   1.00 27.97 ? 95  MSE A CB  1 
HETATM 49  C  CG  . MSE A 1 13 ? -0.069  -1.557  9.900   1.00 34.43 ? 95  MSE A CG  1 
HETATM 50  SE SE  . MSE A 1 13 ? -1.550  -2.377  10.839  1.00 55.22 ? 95  MSE A SE  1 
HETATM 51  C  CE  . MSE A 1 13 ? -2.996  -1.495  9.874   1.00 39.53 ? 95  MSE A CE  1 
ATOM   52  N  N   . THR A 1 14 ? -0.457  1.219   6.590   1.00 24.45 ? 96  THR A N   1 
ATOM   53  C  CA  . THR A 1 14 ? -1.246  2.093   5.734   1.00 16.97 ? 96  THR A CA  1 
ATOM   54  C  C   . THR A 1 14 ? -2.317  1.286   5.018   1.00 21.40 ? 96  THR A C   1 
ATOM   55  O  O   . THR A 1 14 ? -2.193  0.072   4.865   1.00 21.40 ? 96  THR A O   1 
ATOM   56  C  CB  . THR A 1 14 ? -0.376  2.808   4.683   1.00 20.41 ? 96  THR A CB  1 
ATOM   57  O  OG1 . THR A 1 14 ? 0.136   1.850   3.748   1.00 19.03 ? 96  THR A OG1 1 
ATOM   58  C  CG2 . THR A 1 14 ? 0.785   3.538   5.348   1.00 22.96 ? 96  THR A CG2 1 
ATOM   59  N  N   . PHE A 1 15 ? -3.373  1.964   4.586   1.00 19.80 ? 97  PHE A N   1 
ATOM   60  C  CA  . PHE A 1 15 ? -4.426  1.313   3.821   1.00 23.30 ? 97  PHE A CA  1 
ATOM   61  C  C   . PHE A 1 15 ? -4.399  1.787   2.375   1.00 15.82 ? 97  PHE A C   1 
ATOM   62  O  O   . PHE A 1 15 ? -4.336  2.984   2.103   1.00 16.65 ? 97  PHE A O   1 
ATOM   63  C  CB  . PHE A 1 15 ? -5.798  1.575   4.447   1.00 17.66 ? 97  PHE A CB  1 
ATOM   64  C  CG  . PHE A 1 15 ? -5.971  0.955   5.805   1.00 29.25 ? 97  PHE A CG  1 
ATOM   65  C  CD1 . PHE A 1 15 ? -6.312  -0.381  5.932   1.00 33.32 ? 97  PHE A CD1 1 
ATOM   66  C  CD2 . PHE A 1 15 ? -5.791  1.707   6.954   1.00 39.63 ? 97  PHE A CD2 1 
ATOM   67  C  CE1 . PHE A 1 15 ? -6.471  -0.954  7.179   1.00 41.05 ? 97  PHE A CE1 1 
ATOM   68  C  CE2 . PHE A 1 15 ? -5.949  1.140   8.203   1.00 46.91 ? 97  PHE A CE2 1 
ATOM   69  C  CZ  . PHE A 1 15 ? -6.289  -0.194  8.315   1.00 43.24 ? 97  PHE A CZ  1 
ATOM   70  N  N   . VAL A 1 16 ? -4.434  0.834   1.450   1.00 16.61 ? 98  VAL A N   1 
ATOM   71  C  CA  . VAL A 1 16 ? -4.433  1.145   0.028   1.00 17.47 ? 98  VAL A CA  1 
ATOM   72  C  C   . VAL A 1 16 ? -5.692  0.588   -0.622  1.00 16.02 ? 98  VAL A C   1 
ATOM   73  O  O   . VAL A 1 16 ? -5.972  -0.606  -0.526  1.00 18.73 ? 98  VAL A O   1 
ATOM   74  C  CB  . VAL A 1 16 ? -3.192  0.561   -0.672  1.00 21.23 ? 98  VAL A CB  1 
ATOM   75  C  CG1 . VAL A 1 16 ? -3.179  0.948   -2.142  1.00 21.04 ? 98  VAL A CG1 1 
ATOM   76  C  CG2 . VAL A 1 16 ? -1.923  1.037   0.022   1.00 15.29 ? 98  VAL A CG2 1 
ATOM   77  N  N   . SER A 1 17 ? -6.451  1.457   -1.282  1.00 14.05 ? 99  SER A N   1 
ATOM   78  C  CA  . SER A 1 17 ? -7.708  1.048   -1.900  1.00 15.09 ? 99  SER A CA  1 
ATOM   79  C  C   . SER A 1 17 ? -7.605  0.931   -3.418  1.00 16.69 ? 99  SER A C   1 
ATOM   80  O  O   . SER A 1 17 ? -6.796  1.608   -4.053  1.00 15.61 ? 99  SER A O   1 
ATOM   81  C  CB  . SER A 1 17 ? -8.837  2.005   -1.510  1.00 16.69 ? 99  SER A CB  1 
ATOM   82  O  OG  . SER A 1 17 ? -9.235  1.794   -0.168  1.00 30.06 ? 99  SER A OG  1 
ATOM   83  N  N   . VAL A 1 18 ? -8.438  0.065   -3.987  1.00 14.66 ? 100 VAL A N   1 
ATOM   84  C  CA  . VAL A 1 18 ? -8.436  -0.195  -5.420  1.00 13.93 ? 100 VAL A CA  1 
ATOM   85  C  C   . VAL A 1 18 ? -9.730  0.303   -6.054  1.00 14.63 ? 100 VAL A C   1 
ATOM   86  O  O   . VAL A 1 18 ? -10.809 0.140   -5.487  1.00 18.01 ? 100 VAL A O   1 
ATOM   87  C  CB  . VAL A 1 18 ? -8.279  -1.702  -5.705  1.00 15.89 ? 100 VAL A CB  1 
ATOM   88  C  CG1 . VAL A 1 18 ? -8.244  -1.964  -7.202  1.00 12.96 ? 100 VAL A CG1 1 
ATOM   89  C  CG2 . VAL A 1 18 ? -7.022  -2.235  -5.036  1.00 17.74 ? 100 VAL A CG2 1 
ATOM   90  N  N   . THR A 1 19 ? -9.618  0.907   -7.233  1.00 14.25 ? 101 THR A N   1 
ATOM   91  C  CA  . THR A 1 19 ? -10.775 1.487   -7.908  1.00 15.63 ? 101 THR A CA  1 
ATOM   92  C  C   . THR A 1 19 ? -11.713 0.435   -8.492  1.00 16.78 ? 101 THR A C   1 
ATOM   93  O  O   . THR A 1 19 ? -11.342 -0.728  -8.655  1.00 20.03 ? 101 THR A O   1 
ATOM   94  C  CB  . THR A 1 19 ? -10.350 2.445   -9.040  1.00 17.24 ? 101 THR A CB  1 
ATOM   95  O  OG1 . THR A 1 19 ? -9.594  1.725   -10.021 1.00 17.34 ? 101 THR A OG1 1 
ATOM   96  C  CG2 . THR A 1 19 ? -9.510  3.584   -8.491  1.00 20.02 ? 101 THR A CG2 1 
ATOM   97  N  N   . GLY A 1 20 ? -12.933 0.863   -8.802  1.00 20.29 ? 102 GLY A N   1 
ATOM   98  C  CA  . GLY A 1 20 ? -13.926 0.006   -9.420  1.00 30.84 ? 102 GLY A CA  1 
ATOM   99  C  C   . GLY A 1 20 ? -14.624 -0.911  -8.436  1.00 25.53 ? 102 GLY A C   1 
ATOM   100 O  O   . GLY A 1 20 ? -14.787 -0.579  -7.263  1.00 26.88 ? 102 GLY A O   1 
ATOM   101 N  N   . ASN A 1 21 ? -15.049 -2.069  -8.927  1.00 30.09 ? 103 ASN A N   1 
ATOM   102 C  CA  . ASN A 1 21 ? -15.644 -3.090  -8.079  1.00 28.04 ? 103 ASN A CA  1 
ATOM   103 C  C   . ASN A 1 21 ? -14.893 -4.401  -8.253  1.00 23.54 ? 103 ASN A C   1 
ATOM   104 O  O   . ASN A 1 21 ? -15.448 -5.381  -8.749  1.00 33.06 ? 103 ASN A O   1 
ATOM   105 C  CB  . ASN A 1 21 ? -17.122 -3.278  -8.418  1.00 36.72 ? 103 ASN A CB  1 
ATOM   106 C  CG  . ASN A 1 21 ? -17.852 -4.125  -7.395  1.00 40.24 ? 103 ASN A CG  1 
ATOM   107 O  OD1 . ASN A 1 21 ? -17.389 -4.293  -6.267  1.00 41.01 ? 103 ASN A OD1 1 
ATOM   108 N  ND2 . ASN A 1 21 ? -19.003 -4.661  -7.784  1.00 45.71 ? 103 ASN A ND2 1 
ATOM   109 N  N   . PRO A 1 22 ? -13.614 -4.420  -7.851  1.00 21.92 ? 104 PRO A N   1 
ATOM   110 C  CA  . PRO A 1 22 ? -12.766 -5.594  -8.062  1.00 23.72 ? 104 PRO A CA  1 
ATOM   111 C  C   . PRO A 1 22 ? -13.171 -6.739  -7.150  1.00 25.36 ? 104 PRO A C   1 
ATOM   112 O  O   . PRO A 1 22 ? -13.725 -6.506  -6.074  1.00 24.96 ? 104 PRO A O   1 
ATOM   113 C  CB  . PRO A 1 22 ? -11.385 -5.087  -7.640  1.00 21.79 ? 104 PRO A CB  1 
ATOM   114 C  CG  . PRO A 1 22 ? -11.698 -4.051  -6.613  1.00 20.99 ? 104 PRO A CG  1 
ATOM   115 C  CD  . PRO A 1 22 ? -12.862 -3.326  -7.212  1.00 20.79 ? 104 PRO A CD  1 
ATOM   116 N  N   . THR A 1 23 ? -12.906 -7.967  -7.582  1.00 20.02 ? 105 THR A N   1 
ATOM   117 C  CA  . THR A 1 23 ? -13.004 -9.107  -6.688  1.00 29.50 ? 105 THR A CA  1 
ATOM   118 C  C   . THR A 1 23 ? -11.746 -9.096  -5.831  1.00 27.59 ? 105 THR A C   1 
ATOM   119 O  O   . THR A 1 23 ? -10.780 -8.403  -6.152  1.00 25.06 ? 105 THR A O   1 
ATOM   120 C  CB  . THR A 1 23 ? -13.072 -10.431 -7.460  1.00 30.12 ? 105 THR A CB  1 
ATOM   121 O  OG1 . THR A 1 23 ? -11.813 -10.673 -8.099  1.00 27.31 ? 105 THR A OG1 1 
ATOM   122 C  CG2 . THR A 1 23 ? -14.173 -10.381 -8.511  1.00 29.55 ? 105 THR A CG2 1 
ATOM   123 N  N   . ARG A 1 24 ? -11.759 -9.858  -4.745  1.00 26.10 ? 106 ARG A N   1 
ATOM   124 C  CA  . ARG A 1 24 ? -10.618 -9.906  -3.843  1.00 24.50 ? 106 ARG A CA  1 
ATOM   125 C  C   . ARG A 1 24 ? -9.359  -10.368 -4.569  1.00 27.19 ? 106 ARG A C   1 
ATOM   126 O  O   . ARG A 1 24 ? -8.268  -9.856  -4.323  1.00 23.17 ? 106 ARG A O   1 
ATOM   127 C  CB  . ARG A 1 24 ? -10.926 -10.822 -2.660  1.00 30.68 ? 106 ARG A CB  1 
ATOM   128 C  CG  . ARG A 1 24 ? -9.834  -10.893 -1.610  1.00 31.97 ? 106 ARG A CG  1 
ATOM   129 C  CD  . ARG A 1 24 ? -10.258 -11.819 -0.479  1.00 36.41 ? 106 ARG A CD  1 
ATOM   130 N  NE  . ARG A 1 24 ? -9.205  -12.002 0.515   1.00 36.08 ? 106 ARG A NE  1 
ATOM   131 C  CZ  . ARG A 1 24 ? -9.160  -11.366 1.681   1.00 40.97 ? 106 ARG A CZ  1 
ATOM   132 N  NH1 . ARG A 1 24 ? -10.111 -10.500 2.004   1.00 34.78 ? 106 ARG A NH1 1 
ATOM   133 N  NH2 . ARG A 1 24 ? -8.165  -11.598 2.527   1.00 33.88 ? 106 ARG A NH2 1 
ATOM   134 N  N   . GLU A 1 25 ? -9.523  -11.340 -5.461  1.00 23.70 ? 107 GLU A N   1 
ATOM   135 C  CA  . GLU A 1 25 ? -8.410  -11.897 -6.220  1.00 26.38 ? 107 GLU A CA  1 
ATOM   136 C  C   . GLU A 1 25 ? -7.854  -10.892 -7.228  1.00 27.50 ? 107 GLU A C   1 
ATOM   137 O  O   . GLU A 1 25 ? -6.654  -10.880 -7.507  1.00 22.55 ? 107 GLU A O   1 
ATOM   138 C  CB  . GLU A 1 25 ? -8.841  -13.176 -6.943  1.00 29.32 ? 107 GLU A CB  1 
ATOM   139 N  N   . GLU A 1 26 ? -8.727  -10.055 -7.777  1.00 24.49 ? 108 GLU A N   1 
ATOM   140 C  CA  . GLU A 1 26 ? -8.297  -9.019  -8.708  1.00 22.33 ? 108 GLU A CA  1 
ATOM   141 C  C   . GLU A 1 26 ? -7.474  -7.962  -7.979  1.00 17.29 ? 108 GLU A C   1 
ATOM   142 O  O   . GLU A 1 26 ? -6.397  -7.587  -8.433  1.00 16.75 ? 108 GLU A O   1 
ATOM   143 C  CB  . GLU A 1 26 ? -9.502  -8.392  -9.421  1.00 24.51 ? 108 GLU A CB  1 
ATOM   144 C  CG  . GLU A 1 26 ? -10.010 -9.200  -10.604 1.00 27.93 ? 108 GLU A CG  1 
ATOM   145 C  CD  . GLU A 1 26 ? -11.399 -8.784  -11.043 1.00 34.67 ? 108 GLU A CD  1 
ATOM   146 O  OE1 . GLU A 1 26 ? -12.082 -8.086  -10.263 1.00 32.15 ? 108 GLU A OE1 1 
ATOM   147 O  OE2 . GLU A 1 26 ? -11.812 -9.162  -12.162 1.00 41.54 ? 108 GLU A OE2 1 
ATOM   148 N  N   . SER A 1 27 ? -7.982  -7.487  -6.846  1.00 17.06 ? 109 SER A N   1 
ATOM   149 C  CA  . SER A 1 27 ? -7.240  -6.535  -6.027  1.00 18.15 ? 109 SER A CA  1 
ATOM   150 C  C   . SER A 1 27 ? -5.928  -7.141  -5.535  1.00 19.96 ? 109 SER A C   1 
ATOM   151 O  O   . SER A 1 27 ? -4.937  -6.438  -5.352  1.00 18.72 ? 109 SER A O   1 
ATOM   152 C  CB  . SER A 1 27 ? -8.080  -6.061  -4.840  1.00 20.90 ? 109 SER A CB  1 
ATOM   153 O  OG  . SER A 1 27 ? -9.111  -5.193  -5.249  1.00 17.00 ? 109 SER A OG  1 
ATOM   154 N  N   . ASP A 1 28 ? -5.935  -8.451  -5.317  1.00 20.97 ? 110 ASP A N   1 
ATOM   155 C  CA  . ASP A 1 28 ? -4.745  -9.160  -4.865  1.00 19.19 ? 110 ASP A CA  1 
ATOM   156 C  C   . ASP A 1 28 ? -3.645  -9.105  -5.918  1.00 22.39 ? 110 ASP A C   1 
ATOM   157 O  O   . ASP A 1 28 ? -2.491  -8.796  -5.616  1.00 18.10 ? 110 ASP A O   1 
ATOM   158 C  CB  . ASP A 1 28 ? -5.079  -10.615 -4.529  1.00 21.32 ? 110 ASP A CB  1 
ATOM   159 C  CG  . ASP A 1 28 ? -3.906  -11.348 -3.901  1.00 28.89 ? 110 ASP A CG  1 
ATOM   160 O  OD1 . ASP A 1 28 ? -3.399  -10.879 -2.860  1.00 30.30 ? 110 ASP A OD1 1 
ATOM   161 O  OD2 . ASP A 1 28 ? -3.499  -12.402 -4.432  1.00 30.75 ? 110 ASP A OD2 1 
ATOM   162 N  N   . THR A 1 29 ? -4.014  -9.408  -7.159  1.00 23.35 ? 111 THR A N   1 
ATOM   163 C  CA  . THR A 1 29 ? -3.075  -9.356  -8.276  1.00 19.89 ? 111 THR A CA  1 
ATOM   164 C  C   . THR A 1 29 ? -2.524  -7.943  -8.445  1.00 17.39 ? 111 THR A C   1 
ATOM   165 O  O   . THR A 1 29 ? -1.319  -7.749  -8.616  1.00 17.93 ? 111 THR A O   1 
ATOM   166 C  CB  . THR A 1 29 ? -3.736  -9.792  -9.595  1.00 27.46 ? 111 THR A CB  1 
ATOM   167 O  OG1 . THR A 1 29 ? -4.079  -11.179 -9.516  1.00 27.80 ? 111 THR A OG1 1 
ATOM   168 C  CG2 . THR A 1 29 ? -2.799  -9.564  -10.762 1.00 26.38 ? 111 THR A CG2 1 
ATOM   169 N  N   . ILE A 1 30 ? -3.416  -6.958  -8.390  1.00 17.43 ? 112 ILE A N   1 
ATOM   170 C  CA  . ILE A 1 30 ? -3.039  -5.565  -8.600  1.00 17.90 ? 112 ILE A CA  1 
ATOM   171 C  C   . ILE A 1 30 ? -2.115  -5.037  -7.503  1.00 16.48 ? 112 ILE A C   1 
ATOM   172 O  O   . ILE A 1 30 ? -1.040  -4.516  -7.792  1.00 14.23 ? 112 ILE A O   1 
ATOM   173 C  CB  . ILE A 1 30 ? -4.281  -4.662  -8.719  1.00 16.16 ? 112 ILE A CB  1 
ATOM   174 C  CG1 . ILE A 1 30 ? -5.055  -4.999  -9.998  1.00 15.33 ? 112 ILE A CG1 1 
ATOM   175 C  CG2 . ILE A 1 30 ? -3.877  -3.198  -8.710  1.00 17.03 ? 112 ILE A CG2 1 
ATOM   176 C  CD1 . ILE A 1 30 ? -6.418  -4.350  -10.081 1.00 14.07 ? 112 ILE A CD1 1 
ATOM   177 N  N   . THR A 1 31 ? -2.534  -5.173  -6.248  1.00 16.90 ? 113 THR A N   1 
ATOM   178 C  CA  . THR A 1 31 ? -1.740  -4.669  -5.128  1.00 15.47 ? 113 THR A CA  1 
ATOM   179 C  C   . THR A 1 31 ? -0.409  -5.406  -4.980  1.00 16.75 ? 113 THR A C   1 
ATOM   180 O  O   . THR A 1 31 ? 0.547   -4.862  -4.430  1.00 14.88 ? 113 THR A O   1 
ATOM   181 C  CB  . THR A 1 31 ? -2.515  -4.729  -3.794  1.00 16.18 ? 113 THR A CB  1 
ATOM   182 O  OG1 . THR A 1 31 ? -2.906  -6.081  -3.521  1.00 15.84 ? 113 THR A OG1 1 
ATOM   183 C  CG2 . THR A 1 31 ? -3.751  -3.842  -3.852  1.00 13.78 ? 113 THR A CG2 1 
ATOM   184 N  N   . LYS A 1 32 ? -0.351  -6.641  -5.470  1.00 15.94 ? 114 LYS A N   1 
ATOM   185 C  CA  . LYS A 1 32 ? 0.891   -7.405  -5.436  1.00 18.48 ? 114 LYS A CA  1 
ATOM   186 C  C   . LYS A 1 32 ? 1.913   -6.784  -6.382  1.00 21.12 ? 114 LYS A C   1 
ATOM   187 O  O   . LYS A 1 32 ? 3.101   -6.711  -6.069  1.00 15.27 ? 114 LYS A O   1 
ATOM   188 C  CB  . LYS A 1 32 ? 0.649   -8.869  -5.807  1.00 19.41 ? 114 LYS A CB  1 
ATOM   189 C  CG  . LYS A 1 32 ? 1.898   -9.738  -5.733  1.00 23.91 ? 114 LYS A CG  1 
ATOM   190 C  CD  . LYS A 1 32 ? 2.550   -9.642  -4.362  1.00 29.61 ? 114 LYS A CD  1 
ATOM   191 C  CE  . LYS A 1 32 ? 3.840   -10.447 -4.297  1.00 36.78 ? 114 LYS A CE  1 
ATOM   192 N  NZ  . LYS A 1 32 ? 3.604   -11.905 -4.491  1.00 35.58 ? 114 LYS A NZ  1 
ATOM   193 N  N   . LEU A 1 33 ? 1.438   -6.337  -7.540  1.00 14.37 ? 115 LEU A N   1 
ATOM   194 C  CA  . LEU A 1 33 ? 2.291   -5.654  -8.505  1.00 16.22 ? 115 LEU A CA  1 
ATOM   195 C  C   . LEU A 1 33 ? 2.949   -4.440  -7.860  1.00 11.01 ? 115 LEU A C   1 
ATOM   196 O  O   . LEU A 1 33 ? 4.154   -4.225  -8.003  1.00 12.80 ? 115 LEU A O   1 
ATOM   197 C  CB  . LEU A 1 33 ? 1.477   -5.218  -9.725  1.00 15.42 ? 115 LEU A CB  1 
ATOM   198 C  CG  . LEU A 1 33 ? 0.897   -6.324  -10.608 1.00 15.47 ? 115 LEU A CG  1 
ATOM   199 C  CD1 . LEU A 1 33 ? -0.107  -5.751  -11.596 1.00 18.80 ? 115 LEU A CD1 1 
ATOM   200 C  CD2 . LEU A 1 33 ? 2.006   -7.073  -11.334 1.00 19.06 ? 115 LEU A CD2 1 
ATOM   201 N  N   . TRP A 1 34 ? 2.152   -3.652  -7.145  1.00 11.85 ? 116 TRP A N   1 
ATOM   202 C  CA  . TRP A 1 34 ? 2.653   -2.452  -6.488  1.00 13.24 ? 116 TRP A CA  1 
ATOM   203 C  C   . TRP A 1 34 ? 3.660   -2.792  -5.393  1.00 14.51 ? 116 TRP A C   1 
ATOM   204 O  O   . TRP A 1 34 ? 4.697   -2.140  -5.268  1.00 14.30 ? 116 TRP A O   1 
ATOM   205 C  CB  . TRP A 1 34 ? 1.501   -1.626  -5.909  1.00 13.11 ? 116 TRP A CB  1 
ATOM   206 C  CG  . TRP A 1 34 ? 0.517   -1.161  -6.939  1.00 11.14 ? 116 TRP A CG  1 
ATOM   207 C  CD1 . TRP A 1 34 ? 0.753   -0.971  -8.267  1.00 12.34 ? 116 TRP A CD1 1 
ATOM   208 C  CD2 . TRP A 1 34 ? -0.853  -0.801  -6.719  1.00 12.06 ? 116 TRP A CD2 1 
ATOM   209 N  NE1 . TRP A 1 34 ? -0.390  -0.529  -8.894  1.00 9.29  ? 116 TRP A NE1 1 
ATOM   210 C  CE2 . TRP A 1 34 ? -1.388  -0.415  -7.964  1.00 13.82 ? 116 TRP A CE2 1 
ATOM   211 C  CE3 . TRP A 1 34 ? -1.679  -0.773  -5.591  1.00 11.21 ? 116 TRP A CE3 1 
ATOM   212 C  CZ2 . TRP A 1 34 ? -2.712  -0.006  -8.113  1.00 14.81 ? 116 TRP A CZ2 1 
ATOM   213 C  CZ3 . TRP A 1 34 ? -2.995  -0.367  -5.742  1.00 11.94 ? 116 TRP A CZ3 1 
ATOM   214 C  CH2 . TRP A 1 34 ? -3.497  0.011   -6.993  1.00 14.04 ? 116 TRP A CH2 1 
ATOM   215 N  N   . GLN A 1 35 ? 3.351   -3.815  -4.603  1.00 15.86 ? 117 GLN A N   1 
ATOM   216 C  CA  . GLN A 1 35 ? 4.238   -4.244  -3.528  1.00 13.51 ? 117 GLN A CA  1 
ATOM   217 C  C   . GLN A 1 35 ? 5.611   -4.631  -4.063  1.00 13.62 ? 117 GLN A C   1 
ATOM   218 O  O   . GLN A 1 35 ? 6.634   -4.303  -3.467  1.00 14.32 ? 117 GLN A O   1 
ATOM   219 C  CB  . GLN A 1 35 ? 3.632   -5.422  -2.763  1.00 14.06 ? 117 GLN A CB  1 
ATOM   220 C  CG  . GLN A 1 35 ? 4.545   -5.990  -1.686  1.00 16.57 ? 117 GLN A CG  1 
ATOM   221 C  CD  . GLN A 1 35 ? 4.017   -7.280  -1.092  1.00 23.59 ? 117 GLN A CD  1 
ATOM   222 O  OE1 . GLN A 1 35 ? 3.174   -7.952  -1.687  1.00 22.85 ? 117 GLN A OE1 1 
ATOM   223 N  NE2 . GLN A 1 35 ? 4.514   -7.637  0.086   1.00 22.41 ? 117 GLN A NE2 1 
ATOM   224 N  N   . THR A 1 36 ? 5.626   -5.330  -5.194  1.00 19.30 ? 118 THR A N   1 
ATOM   225 C  CA  A THR A 1 36 ? 6.879   -5.793  -5.779  0.46 16.99 ? 118 THR A CA  1 
ATOM   226 C  CA  B THR A 1 36 ? 6.872   -5.793  -5.794  0.54 17.19 ? 118 THR A CA  1 
ATOM   227 C  C   . THR A 1 36 ? 7.684   -4.647  -6.391  1.00 21.69 ? 118 THR A C   1 
ATOM   228 O  O   . THR A 1 36 ? 8.912   -4.625  -6.294  1.00 19.91 ? 118 THR A O   1 
ATOM   229 C  CB  A THR A 1 36 ? 6.648   -6.894  -6.832  0.46 21.43 ? 118 THR A CB  1 
ATOM   230 C  CB  B THR A 1 36 ? 6.614   -6.853  -6.881  0.54 21.43 ? 118 THR A CB  1 
ATOM   231 O  OG1 A THR A 1 36 ? 5.719   -6.432  -7.820  0.46 18.20 ? 118 THR A OG1 1 
ATOM   232 O  OG1 B THR A 1 36 ? 6.057   -8.028  -6.279  0.54 22.55 ? 118 THR A OG1 1 
ATOM   233 C  CG2 A THR A 1 36 ? 6.093   -8.149  -6.173  0.46 22.50 ? 118 THR A CG2 1 
ATOM   234 C  CG2 B THR A 1 36 ? 7.910   -7.215  -7.585  0.54 23.21 ? 118 THR A CG2 1 
ATOM   235 N  N   . SER A 1 37 ? 6.994   -3.699  -7.018  1.00 19.12 ? 119 SER A N   1 
ATOM   236 C  CA  A SER A 1 37 ? 7.652   -2.526  -7.571  0.75 17.37 ? 119 SER A CA  1 
ATOM   237 C  CA  B SER A 1 37 ? 7.656   -2.519  -7.578  0.25 17.37 ? 119 SER A CA  1 
ATOM   238 C  C   . SER A 1 37 ? 8.328   -1.726  -6.462  1.00 14.88 ? 119 SER A C   1 
ATOM   239 O  O   . SER A 1 37 ? 9.469   -1.288  -6.599  1.00 13.89 ? 119 SER A O   1 
ATOM   240 C  CB  A SER A 1 37 ? 6.658   -1.639  -8.331  0.75 16.84 ? 119 SER A CB  1 
ATOM   241 C  CB  B SER A 1 37 ? 6.652   -1.642  -8.332  0.25 16.73 ? 119 SER A CB  1 
ATOM   242 O  OG  A SER A 1 37 ? 6.321   -2.210  -9.582  0.75 16.97 ? 119 SER A OG  1 
ATOM   243 O  OG  B SER A 1 37 ? 7.247   -0.431  -8.736  0.25 19.78 ? 119 SER A OG  1 
ATOM   244 N  N   . LEU A 1 38 ? 7.608   -1.537  -5.363  1.00 13.57 ? 120 LEU A N   1 
ATOM   245 C  CA  . LEU A 1 38 ? 8.146   -0.834  -4.207  1.00 15.83 ? 120 LEU A CA  1 
ATOM   246 C  C   . LEU A 1 38 ? 9.332   -1.600  -3.638  1.00 13.88 ? 120 LEU A C   1 
ATOM   247 O  O   . LEU A 1 38 ? 10.362  -1.012  -3.308  1.00 18.14 ? 120 LEU A O   1 
ATOM   248 C  CB  . LEU A 1 38 ? 7.066   -0.653  -3.137  1.00 13.71 ? 120 LEU A CB  1 
ATOM   249 C  CG  . LEU A 1 38 ? 5.972   0.363   -3.477  1.00 16.90 ? 120 LEU A CG  1 
ATOM   250 C  CD1 . LEU A 1 38 ? 4.770   0.207   -2.553  1.00 19.35 ? 120 LEU A CD1 1 
ATOM   251 C  CD2 . LEU A 1 38 ? 6.523   1.779   -3.419  1.00 11.20 ? 120 LEU A CD2 1 
ATOM   252 N  N   . TRP A 1 39 ? 9.182   -2.918  -3.534  1.00 14.84 ? 121 TRP A N   1 
ATOM   253 C  CA  . TRP A 1 39 ? 10.252  -3.780  -3.050  1.00 18.98 ? 121 TRP A CA  1 
ATOM   254 C  C   . TRP A 1 39 ? 11.494  -3.609  -3.912  1.00 20.74 ? 121 TRP A C   1 
ATOM   255 O  O   . TRP A 1 39 ? 12.595  -3.404  -3.400  1.00 25.61 ? 121 TRP A O   1 
ATOM   256 C  CB  . TRP A 1 39 ? 9.808   -5.243  -3.067  1.00 19.72 ? 121 TRP A CB  1 
ATOM   257 C  CG  . TRP A 1 39 ? 10.678  -6.143  -2.245  1.00 27.76 ? 121 TRP A CG  1 
ATOM   258 C  CD1 . TRP A 1 39 ? 11.873  -6.692  -2.612  1.00 27.36 ? 121 TRP A CD1 1 
ATOM   259 C  CD2 . TRP A 1 39 ? 10.418  -6.601  -0.915  1.00 21.34 ? 121 TRP A CD2 1 
ATOM   260 N  NE1 . TRP A 1 39 ? 12.373  -7.464  -1.591  1.00 26.50 ? 121 TRP A NE1 1 
ATOM   261 C  CE2 . TRP A 1 39 ? 11.497  -7.424  -0.537  1.00 28.68 ? 121 TRP A CE2 1 
ATOM   262 C  CE3 . TRP A 1 39 ? 9.377   -6.395  -0.005  1.00 17.40 ? 121 TRP A CE3 1 
ATOM   263 C  CZ2 . TRP A 1 39 ? 11.564  -8.041  0.711   1.00 28.48 ? 121 TRP A CZ2 1 
ATOM   264 C  CZ3 . TRP A 1 39 ? 9.445   -7.005  1.231   1.00 28.23 ? 121 TRP A CZ3 1 
ATOM   265 C  CH2 . TRP A 1 39 ? 10.530  -7.818  1.578   1.00 26.28 ? 121 TRP A CH2 1 
ATOM   266 N  N   . ASN A 1 40 ? 11.310  -3.693  -5.226  1.00 22.70 ? 122 ASN A N   1 
ATOM   267 C  CA  . ASN A 1 40 ? 12.410  -3.529  -6.169  1.00 22.98 ? 122 ASN A CA  1 
ATOM   268 C  C   . ASN A 1 40 ? 13.030  -2.133  -6.123  1.00 26.19 ? 122 ASN A C   1 
ATOM   269 O  O   . ASN A 1 40 ? 14.118  -1.913  -6.653  1.00 30.10 ? 122 ASN A O   1 
ATOM   270 C  CB  . ASN A 1 40 ? 11.956  -3.855  -7.595  1.00 29.52 ? 122 ASN A CB  1 
ATOM   271 C  CG  . ASN A 1 40 ? 11.639  -5.328  -7.788  1.00 42.54 ? 122 ASN A CG  1 
ATOM   272 O  OD1 . ASN A 1 40 ? 11.789  -6.136  -6.870  1.00 42.29 ? 122 ASN A OD1 1 
ATOM   273 N  ND2 . ASN A 1 40 ? 11.199  -5.684  -8.989  1.00 44.98 ? 122 ASN A ND2 1 
ATOM   274 N  N   . ASN A 1 41 ? 12.337  -1.191  -5.488  1.00 26.95 ? 123 ASN A N   1 
ATOM   275 C  CA  . ASN A 1 41 ? 12.850  0.169   -5.369  1.00 24.24 ? 123 ASN A CA  1 
ATOM   276 C  C   . ASN A 1 41 ? 13.190  0.530   -3.923  1.00 22.64 ? 123 ASN A C   1 
ATOM   277 O  O   . ASN A 1 41 ? 13.093  1.694   -3.523  1.00 22.58 ? 123 ASN A O   1 
ATOM   278 C  CB  . ASN A 1 41 ? 11.863  1.181   -5.961  1.00 25.00 ? 123 ASN A CB  1 
ATOM   279 C  CG  . ASN A 1 41 ? 12.560  2.343   -6.641  1.00 38.45 ? 123 ASN A CG  1 
ATOM   280 O  OD1 . ASN A 1 41 ? 13.384  2.149   -7.537  1.00 41.14 ? 123 ASN A OD1 1 
ATOM   281 N  ND2 . ASN A 1 41 ? 12.228  3.558   -6.223  1.00 46.02 ? 123 ASN A ND2 1 
ATOM   282 N  N   . HIS A 1 42 ? 13.571  -0.484  -3.149  1.00 18.18 ? 124 HIS A N   1 
ATOM   283 C  CA  . HIS A 1 42 ? 14.116  -0.291  -1.809  1.00 24.98 ? 124 HIS A CA  1 
ATOM   284 C  C   . HIS A 1 42 ? 13.085  0.180   -0.783  1.00 22.97 ? 124 HIS A C   1 
ATOM   285 O  O   . HIS A 1 42 ? 13.442  0.742   0.253   1.00 20.26 ? 124 HIS A O   1 
ATOM   286 C  CB  . HIS A 1 42 ? 15.302  0.678   -1.860  1.00 33.13 ? 124 HIS A CB  1 
ATOM   287 C  CG  . HIS A 1 42 ? 16.285  0.368   -2.948  1.00 33.19 ? 124 HIS A CG  1 
ATOM   288 N  ND1 . HIS A 1 42 ? 17.097  -0.743  -2.923  1.00 36.41 ? 124 HIS A ND1 1 
ATOM   289 C  CD2 . HIS A 1 42 ? 16.582  1.022   -4.100  1.00 41.03 ? 124 HIS A CD2 1 
ATOM   290 C  CE1 . HIS A 1 42 ? 17.855  -0.762  -4.008  1.00 43.28 ? 124 HIS A CE1 1 
ATOM   291 N  NE2 . HIS A 1 42 ? 17.559  0.302   -4.734  1.00 44.15 ? 124 HIS A NE2 1 
ATOM   292 N  N   . ILE A 1 43 ? 11.810  -0.057  -1.071  1.00 16.99 ? 125 ILE A N   1 
ATOM   293 C  CA  . ILE A 1 43 ? 10.746  0.198   -0.106  1.00 16.21 ? 125 ILE A CA  1 
ATOM   294 C  C   . ILE A 1 43 ? 10.012  -1.104  0.194   1.00 15.82 ? 125 ILE A C   1 
ATOM   295 O  O   . ILE A 1 43 ? 9.091   -1.495  -0.522  1.00 18.48 ? 125 ILE A O   1 
ATOM   296 C  CB  . ILE A 1 43 ? 9.761   1.273   -0.604  1.00 20.61 ? 125 ILE A CB  1 
ATOM   297 C  CG1 . ILE A 1 43 ? 10.489  2.606   -0.791  1.00 20.91 ? 125 ILE A CG1 1 
ATOM   298 C  CG2 . ILE A 1 43 ? 8.607   1.427   0.374   1.00 16.36 ? 125 ILE A CG2 1 
ATOM   299 C  CD1 . ILE A 1 43 ? 9.606   3.726   -1.286  1.00 21.17 ? 125 ILE A CD1 1 
ATOM   300 N  N   . GLN A 1 44 ? 10.444  -1.776  1.256   1.00 15.94 ? 126 GLN A N   1 
ATOM   301 C  CA  . GLN A 1 44 ? 9.915   -3.089  1.604   1.00 19.15 ? 126 GLN A CA  1 
ATOM   302 C  C   . GLN A 1 44 ? 8.677   -2.984  2.482   1.00 19.91 ? 126 GLN A C   1 
ATOM   303 O  O   . GLN A 1 44 ? 8.671   -2.273  3.487   1.00 18.02 ? 126 GLN A O   1 
ATOM   304 C  CB  . GLN A 1 44 ? 10.986  -3.924  2.307   1.00 20.54 ? 126 GLN A CB  1 
ATOM   305 C  CG  . GLN A 1 44 ? 12.245  -4.129  1.480   1.00 21.72 ? 126 GLN A CG  1 
ATOM   306 C  CD  . GLN A 1 44 ? 13.269  -4.993  2.186   1.00 27.11 ? 126 GLN A CD  1 
ATOM   307 O  OE1 . GLN A 1 44 ? 13.080  -5.382  3.338   1.00 28.26 ? 126 GLN A OE1 1 
ATOM   308 N  NE2 . GLN A 1 44 ? 14.363  -5.297  1.497   1.00 28.20 ? 126 GLN A NE2 1 
ATOM   309 N  N   . ALA A 1 45 ? 7.627   -3.701  2.095   1.00 18.16 ? 127 ALA A N   1 
ATOM   310 C  CA  . ALA A 1 45 ? 6.385   -3.700  2.852   1.00 18.55 ? 127 ALA A CA  1 
ATOM   311 C  C   . ALA A 1 45 ? 5.716   -5.066  2.802   1.00 18.81 ? 127 ALA A C   1 
ATOM   312 O  O   . ALA A 1 45 ? 5.864   -5.805  1.829   1.00 18.25 ? 127 ALA A O   1 
ATOM   313 C  CB  . ALA A 1 45 ? 5.442   -2.633  2.322   1.00 15.20 ? 127 ALA A CB  1 
ATOM   314 N  N   . GLU A 1 46 ? 4.990   -5.400  3.863   1.00 21.50 ? 128 GLU A N   1 
ATOM   315 C  CA  . GLU A 1 46 ? 4.146   -6.583  3.862   1.00 23.02 ? 128 GLU A CA  1 
ATOM   316 C  C   . GLU A 1 46 ? 2.752   -6.158  3.424   1.00 18.80 ? 128 GLU A C   1 
ATOM   317 O  O   . GLU A 1 46 ? 2.307   -5.055  3.738   1.00 18.35 ? 128 GLU A O   1 
ATOM   318 C  CB  . GLU A 1 46 ? 4.100   -7.223  5.249   1.00 25.49 ? 128 GLU A CB  1 
ATOM   319 C  CG  . GLU A 1 46 ? 5.467   -7.519  5.845   1.00 22.82 ? 128 GLU A CG  1 
ATOM   320 C  CD  . GLU A 1 46 ? 5.383   -8.363  7.101   1.00 38.80 ? 128 GLU A CD  1 
ATOM   321 O  OE1 . GLU A 1 46 ? 4.938   -9.526  7.009   1.00 36.57 ? 128 GLU A OE1 1 
ATOM   322 O  OE2 . GLU A 1 46 ? 5.768   -7.865  8.181   1.00 44.47 ? 128 GLU A OE2 1 
ATOM   323 N  N   . ARG A 1 47 ? 2.067   -7.029  2.697   1.00 14.59 ? 129 ARG A N   1 
ATOM   324 C  CA  . ARG A 1 47 ? 0.785   -6.681  2.103   1.00 21.74 ? 129 ARG A CA  1 
ATOM   325 C  C   . ARG A 1 47 ? -0.294  -7.691  2.478   1.00 19.27 ? 129 ARG A C   1 
ATOM   326 O  O   . ARG A 1 47 ? -0.132  -8.891  2.256   1.00 23.82 ? 129 ARG A O   1 
ATOM   327 C  CB  . ARG A 1 47 ? 0.929   -6.603  0.583   1.00 15.04 ? 129 ARG A CB  1 
ATOM   328 C  CG  . ARG A 1 47 ? -0.348  -6.271  -0.164  1.00 21.74 ? 129 ARG A CG  1 
ATOM   329 C  CD  . ARG A 1 47 ? -0.180  -6.541  -1.648  1.00 20.22 ? 129 ARG A CD  1 
ATOM   330 N  NE  . ARG A 1 47 ? 0.176   -7.935  -1.902  1.00 22.13 ? 129 ARG A NE  1 
ATOM   331 C  CZ  . ARG A 1 47 ? -0.707  -8.896  -2.152  1.00 21.47 ? 129 ARG A CZ  1 
ATOM   332 N  NH1 . ARG A 1 47 ? -2.001  -8.614  -2.188  1.00 19.99 ? 129 ARG A NH1 1 
ATOM   333 N  NH2 . ARG A 1 47 ? -0.296  -10.137 -2.369  1.00 25.66 ? 129 ARG A NH2 1 
ATOM   334 N  N   . TYR A 1 48 ? -1.391  -7.202  3.048   1.00 18.99 ? 130 TYR A N   1 
ATOM   335 C  CA  . TYR A 1 48 ? -2.492  -8.073  3.450   1.00 25.09 ? 130 TYR A CA  1 
ATOM   336 C  C   . TYR A 1 48 ? -3.828  -7.580  2.906   1.00 22.77 ? 130 TYR A C   1 
ATOM   337 O  O   . TYR A 1 48 ? -4.217  -6.435  3.138   1.00 24.05 ? 130 TYR A O   1 
ATOM   338 C  CB  . TYR A 1 48 ? -2.582  -8.167  4.974   1.00 22.54 ? 130 TYR A CB  1 
ATOM   339 C  CG  . TYR A 1 48 ? -1.253  -8.282  5.683   1.00 27.04 ? 130 TYR A CG  1 
ATOM   340 C  CD1 . TYR A 1 48 ? -0.516  -9.457  5.639   1.00 29.09 ? 130 TYR A CD1 1 
ATOM   341 C  CD2 . TYR A 1 48 ? -0.744  -7.216  6.413   1.00 25.99 ? 130 TYR A CD2 1 
ATOM   342 C  CE1 . TYR A 1 48 ? 0.698   -9.564  6.295   1.00 24.78 ? 130 TYR A CE1 1 
ATOM   343 C  CE2 . TYR A 1 48 ? 0.466   -7.312  7.070   1.00 27.99 ? 130 TYR A CE2 1 
ATOM   344 C  CZ  . TYR A 1 48 ? 1.184   -8.488  7.008   1.00 28.01 ? 130 TYR A CZ  1 
ATOM   345 O  OH  . TYR A 1 48 ? 2.389   -8.584  7.663   1.00 35.72 ? 130 TYR A OH  1 
HETATM 346 N  N   . MSE A 1 49 ? -4.534  -8.446  2.188   1.00 22.55 ? 131 MSE A N   1 
HETATM 347 C  CA  . MSE A 1 49 ? -5.885  -8.129  1.743   1.00 23.25 ? 131 MSE A CA  1 
HETATM 348 C  C   . MSE A 1 49 ? -6.824  -8.081  2.947   1.00 30.30 ? 131 MSE A C   1 
HETATM 349 O  O   . MSE A 1 49 ? -6.837  -8.996  3.767   1.00 28.88 ? 131 MSE A O   1 
HETATM 350 C  CB  . MSE A 1 49 ? -6.377  -9.153  0.718   1.00 30.52 ? 131 MSE A CB  1 
HETATM 351 C  CG  . MSE A 1 49 ? -5.594  -9.162  -0.590  1.00 30.77 ? 131 MSE A CG  1 
HETATM 352 SE SE  . MSE A 1 49 ? -5.519  -7.413  -1.456  1.00 27.28 ? 131 MSE A SE  1 
HETATM 353 C  CE  . MSE A 1 49 ? -7.418  -6.980  -1.444  1.00 27.98 ? 131 MSE A CE  1 
ATOM   354 N  N   . VAL A 1 50 ? -7.595  -7.001  3.057   1.00 27.50 ? 132 VAL A N   1 
ATOM   355 C  CA  A VAL A 1 50 ? -8.533  -6.883  4.169   0.53 30.19 ? 132 VAL A CA  1 
ATOM   356 C  CA  B VAL A 1 50 ? -8.518  -6.774  4.166   0.47 30.18 ? 132 VAL A CA  1 
ATOM   357 C  C   . VAL A 1 50 ? -9.967  -6.743  3.678   1.00 31.93 ? 132 VAL A C   1 
ATOM   358 O  O   . VAL A 1 50 ? -10.897 -7.140  4.376   1.00 32.47 ? 132 VAL A O   1 
ATOM   359 C  CB  A VAL A 1 50 ? -8.180  -5.728  5.114   0.53 28.22 ? 132 VAL A CB  1 
ATOM   360 C  CB  B VAL A 1 50 ? -8.191  -5.444  4.879   0.47 28.83 ? 132 VAL A CB  1 
ATOM   361 C  CG1 A VAL A 1 50 ? -6.692  -5.749  5.430   0.53 28.99 ? 132 VAL A CG1 1 
ATOM   362 C  CG1 B VAL A 1 50 ? -9.372  -4.971  5.722   0.47 31.28 ? 132 VAL A CG1 1 
ATOM   363 C  CG2 A VAL A 1 50 ? -8.575  -4.401  4.510   0.53 29.89 ? 132 VAL A CG2 1 
ATOM   364 C  CG2 B VAL A 1 50 ? -6.935  -5.586  5.731   0.47 29.00 ? 132 VAL A CG2 1 
ATOM   365 N  N   . ASP A 1 51 ? -10.135 -6.229  2.468   1.00 30.86 ? 133 ASP A N   1 
ATOM   366 C  CA  . ASP A 1 51 ? -11.440 -6.127  1.830   1.00 31.46 ? 133 ASP A CA  1 
ATOM   367 C  C   . ASP A 1 51 ? -11.317 -6.571  0.379   1.00 27.53 ? 133 ASP A C   1 
ATOM   368 O  O   . ASP A 1 51 ? -10.220 -6.875  -0.090  1.00 27.47 ? 133 ASP A O   1 
ATOM   369 C  CB  . ASP A 1 51 ? -11.961 -4.689  1.887   1.00 31.30 ? 133 ASP A CB  1 
ATOM   370 C  CG  . ASP A 1 51 ? -12.226 -4.217  3.302   1.00 41.74 ? 133 ASP A CG  1 
ATOM   371 O  OD1 . ASP A 1 51 ? -12.369 -5.069  4.204   1.00 51.15 ? 133 ASP A OD1 1 
ATOM   372 O  OD2 . ASP A 1 51 ? -12.300 -2.988  3.511   1.00 35.76 ? 133 ASP A OD2 1 
ATOM   373 N  N   . ASP A 1 52 ? -12.439 -6.602  -0.333  1.00 28.12 ? 134 ASP A N   1 
ATOM   374 C  CA  . ASP A 1 52 ? -12.418 -6.924  -1.755  1.00 25.44 ? 134 ASP A CA  1 
ATOM   375 C  C   . ASP A 1 52 ? -11.589 -5.915  -2.542  1.00 22.08 ? 134 ASP A C   1 
ATOM   376 O  O   . ASP A 1 52 ? -10.990 -6.252  -3.563  1.00 22.39 ? 134 ASP A O   1 
ATOM   377 C  CB  . ASP A 1 52 ? -13.838 -6.979  -2.324  1.00 26.62 ? 134 ASP A CB  1 
ATOM   378 C  CG  . ASP A 1 52 ? -14.464 -8.356  -2.211  1.00 35.12 ? 134 ASP A CG  1 
ATOM   379 O  OD1 . ASP A 1 52 ? -13.874 -9.226  -1.538  1.00 33.99 ? 134 ASP A OD1 1 
ATOM   380 O  OD2 . ASP A 1 52 ? -15.547 -8.566  -2.799  1.00 41.41 ? 134 ASP A OD2 1 
ATOM   381 N  N   . ASN A 1 53 ? -11.558 -4.677  -2.061  1.00 17.20 ? 135 ASN A N   1 
ATOM   382 C  CA  . ASN A 1 53 ? -10.893 -3.594  -2.776  1.00 22.84 ? 135 ASN A CA  1 
ATOM   383 C  C   . ASN A 1 53 ? -9.931  -2.805  -1.893  1.00 22.17 ? 135 ASN A C   1 
ATOM   384 O  O   . ASN A 1 53 ? -9.716  -1.614  -2.114  1.00 21.34 ? 135 ASN A O   1 
ATOM   385 C  CB  . ASN A 1 53 ? -11.936 -2.636  -3.352  1.00 19.14 ? 135 ASN A CB  1 
ATOM   386 C  CG  . ASN A 1 53 ? -12.657 -1.844  -2.277  1.00 25.88 ? 135 ASN A CG  1 
ATOM   387 O  OD1 . ASN A 1 53 ? -12.586 -2.173  -1.092  1.00 24.02 ? 135 ASN A OD1 1 
ATOM   388 N  ND2 . ASN A 1 53 ? -13.353 -0.790  -2.685  1.00 32.62 ? 135 ASN A ND2 1 
ATOM   389 N  N   . ARG A 1 54 ? -9.351  -3.462  -0.895  1.00 17.44 ? 136 ARG A N   1 
ATOM   390 C  CA  . ARG A 1 54 ? -8.579  -2.752  0.118   1.00 17.48 ? 136 ARG A CA  1 
ATOM   391 C  C   . ARG A 1 54 ? -7.519  -3.626  0.774   1.00 24.16 ? 136 ARG A C   1 
ATOM   392 O  O   . ARG A 1 54 ? -7.819  -4.710  1.276   1.00 22.11 ? 136 ARG A O   1 
ATOM   393 C  CB  . ARG A 1 54 ? -9.515  -2.187  1.187   1.00 25.35 ? 136 ARG A CB  1 
ATOM   394 C  CG  . ARG A 1 54 ? -8.851  -1.201  2.131   1.00 28.65 ? 136 ARG A CG  1 
ATOM   395 C  CD  . ARG A 1 54 ? -9.854  -0.677  3.139   1.00 35.94 ? 136 ARG A CD  1 
ATOM   396 N  NE  . ARG A 1 54 ? -9.595  0.716   3.486   1.00 40.47 ? 136 ARG A NE  1 
ATOM   397 N  N   . ALA A 1 55 ? -6.282  -3.140  0.778   1.00 15.82 ? 137 ALA A N   1 
ATOM   398 C  CA  . ALA A 1 55 ? -5.179  -3.877  1.376   1.00 18.55 ? 137 ALA A CA  1 
ATOM   399 C  C   . ALA A 1 55 ? -4.455  -3.042  2.422   1.00 22.49 ? 137 ALA A C   1 
ATOM   400 O  O   . ALA A 1 55 ? -4.435  -1.812  2.344   1.00 21.50 ? 137 ALA A O   1 
ATOM   401 C  CB  . ALA A 1 55 ? -4.206  -4.337  0.305   1.00 17.95 ? 137 ALA A CB  1 
ATOM   402 N  N   . ILE A 1 56 ? -3.863  -3.716  3.402   1.00 19.99 ? 138 ILE A N   1 
ATOM   403 C  CA  . ILE A 1 56 ? -2.948  -3.059  4.320   1.00 19.00 ? 138 ILE A CA  1 
ATOM   404 C  C   . ILE A 1 56 ? -1.541  -3.198  3.773   1.00 14.91 ? 138 ILE A C   1 
ATOM   405 O  O   . ILE A 1 56 ? -1.098  -4.298  3.438   1.00 16.75 ? 138 ILE A O   1 
ATOM   406 C  CB  . ILE A 1 56 ? -2.976  -3.684  5.725   1.00 23.87 ? 138 ILE A CB  1 
ATOM   407 C  CG1 . ILE A 1 56 ? -4.335  -3.470  6.388   1.00 29.03 ? 138 ILE A CG1 1 
ATOM   408 C  CG2 . ILE A 1 56 ? -1.876  -3.085  6.592   1.00 28.58 ? 138 ILE A CG2 1 
ATOM   409 C  CD1 . ILE A 1 56 ? -4.420  -4.043  7.787   1.00 42.95 ? 138 ILE A CD1 1 
ATOM   410 N  N   . PHE A 1 57 ? -0.847  -2.075  3.657   1.00 16.91 ? 139 PHE A N   1 
ATOM   411 C  CA  . PHE A 1 57 ? 0.575   -2.099  3.364   1.00 16.85 ? 139 PHE A CA  1 
ATOM   412 C  C   . PHE A 1 57 ? 1.331   -1.768  4.642   1.00 16.31 ? 139 PHE A C   1 
ATOM   413 O  O   . PHE A 1 57 ? 1.216   -0.665  5.172   1.00 17.05 ? 139 PHE A O   1 
ATOM   414 C  CB  . PHE A 1 57 ? 0.921   -1.098  2.259   1.00 17.14 ? 139 PHE A CB  1 
ATOM   415 C  CG  . PHE A 1 57 ? 0.726   -1.636  0.870   1.00 19.20 ? 139 PHE A CG  1 
ATOM   416 C  CD1 . PHE A 1 57 ? -0.534  -1.995  0.424   1.00 17.43 ? 139 PHE A CD1 1 
ATOM   417 C  CD2 . PHE A 1 57 ? 1.803   -1.781  0.011   1.00 18.18 ? 139 PHE A CD2 1 
ATOM   418 C  CE1 . PHE A 1 57 ? -0.716  -2.489  -0.853  1.00 16.24 ? 139 PHE A CE1 1 
ATOM   419 C  CE2 . PHE A 1 57 ? 1.627   -2.274  -1.267  1.00 14.43 ? 139 PHE A CE2 1 
ATOM   420 C  CZ  . PHE A 1 57 ? 0.365   -2.629  -1.697  1.00 15.19 ? 139 PHE A CZ  1 
ATOM   421 N  N   . LEU A 1 58 ? 2.076   -2.740  5.158   1.00 18.27 ? 140 LEU A N   1 
ATOM   422 C  CA  A LEU A 1 58 ? 2.872   -2.502  6.354   0.60 21.61 ? 140 LEU A CA  1 
ATOM   423 C  CA  B LEU A 1 58 ? 2.878   -2.541  6.363   0.40 21.60 ? 140 LEU A CA  1 
ATOM   424 C  C   . LEU A 1 58 ? 4.333   -2.290  5.986   1.00 18.52 ? 140 LEU A C   1 
ATOM   425 O  O   . LEU A 1 58 ? 5.039   -3.215  5.582   1.00 18.66 ? 140 LEU A O   1 
ATOM   426 C  CB  A LEU A 1 58 ? 2.730   -3.638  7.370   0.60 22.68 ? 140 LEU A CB  1 
ATOM   427 C  CB  B LEU A 1 58 ? 2.786   -3.766  7.280   0.40 22.65 ? 140 LEU A CB  1 
ATOM   428 C  CG  A LEU A 1 58 ? 3.357   -3.345  8.741   0.60 23.31 ? 140 LEU A CG  1 
ATOM   429 C  CG  B LEU A 1 58 ? 3.409   -3.706  8.683   0.40 24.23 ? 140 LEU A CG  1 
ATOM   430 C  CD1 A LEU A 1 58 ? 2.563   -4.010  9.856   0.60 25.14 ? 140 LEU A CD1 1 
ATOM   431 C  CD1 B LEU A 1 58 ? 4.935   -3.696  8.638   0.40 28.24 ? 140 LEU A CD1 1 
ATOM   432 C  CD2 A LEU A 1 58 ? 4.808   -3.803  8.784   0.60 28.54 ? 140 LEU A CD2 1 
ATOM   433 C  CD2 B LEU A 1 58 ? 2.892   -2.506  9.454   0.40 22.56 ? 140 LEU A CD2 1 
ATOM   434 N  N   . PHE A 1 59 ? 4.776   -1.050  6.127   1.00 19.45 ? 141 PHE A N   1 
ATOM   435 C  CA  . PHE A 1 59 ? 6.135   -0.684  5.761   1.00 19.06 ? 141 PHE A CA  1 
ATOM   436 C  C   . PHE A 1 59 ? 7.144   -1.018  6.853   1.00 17.06 ? 141 PHE A C   1 
ATOM   437 O  O   . PHE A 1 59 ? 7.030   -0.551  7.986   1.00 22.62 ? 141 PHE A O   1 
ATOM   438 C  CB  . PHE A 1 59 ? 6.193   0.792   5.364   1.00 20.87 ? 141 PHE A CB  1 
ATOM   439 C  CG  . PHE A 1 59 ? 5.405   1.101   4.128   1.00 16.13 ? 141 PHE A CG  1 
ATOM   440 C  CD1 . PHE A 1 59 ? 5.956   0.885   2.878   1.00 14.30 ? 141 PHE A CD1 1 
ATOM   441 C  CD2 . PHE A 1 59 ? 4.108   1.578   4.212   1.00 13.21 ? 141 PHE A CD2 1 
ATOM   442 C  CE1 . PHE A 1 59 ? 5.236   1.150   1.735   1.00 16.15 ? 141 PHE A CE1 1 
ATOM   443 C  CE2 . PHE A 1 59 ? 3.382   1.846   3.070   1.00 16.92 ? 141 PHE A CE2 1 
ATOM   444 C  CZ  . PHE A 1 59 ? 3.948   1.632   1.831   1.00 13.72 ? 141 PHE A CZ  1 
ATOM   445 N  N   . LYS A 1 60 ? 8.125   -1.842  6.494   1.00 15.33 ? 142 LYS A N   1 
ATOM   446 C  CA  . LYS A 1 60 ? 9.178   -2.253  7.415   1.00 21.46 ? 142 LYS A CA  1 
ATOM   447 C  C   . LYS A 1 60 ? 9.889   -1.033  7.978   1.00 27.17 ? 142 LYS A C   1 
ATOM   448 O  O   . LYS A 1 60 ? 10.268  -1.002  9.150   1.00 23.51 ? 142 LYS A O   1 
ATOM   449 C  CB  . LYS A 1 60 ? 10.180  -3.162  6.702   1.00 20.86 ? 142 LYS A CB  1 
ATOM   450 N  N   . ASP A 1 61 ? 10.072  -0.030  7.124   1.00 23.37 ? 143 ASP A N   1 
ATOM   451 C  CA  . ASP A 1 61 ? 10.612  1.257   7.535   1.00 22.20 ? 143 ASP A CA  1 
ATOM   452 C  C   . ASP A 1 61 ? 9.537   2.320   7.337   1.00 19.84 ? 143 ASP A C   1 
ATOM   453 O  O   . ASP A 1 61 ? 9.443   2.929   6.273   1.00 19.54 ? 143 ASP A O   1 
ATOM   454 C  CB  . ASP A 1 61 ? 11.859  1.595   6.718   1.00 25.63 ? 143 ASP A CB  1 
ATOM   455 C  CG  . ASP A 1 61 ? 12.436  2.953   7.066   1.00 29.32 ? 143 ASP A CG  1 
ATOM   456 O  OD1 . ASP A 1 61 ? 11.941  3.587   8.021   1.00 30.35 ? 143 ASP A OD1 1 
ATOM   457 O  OD2 . ASP A 1 61 ? 13.387  3.387   6.383   1.00 37.72 ? 143 ASP A OD2 1 
ATOM   458 N  N   . GLY A 1 62 ? 8.729   2.532   8.372   1.00 13.56 ? 144 GLY A N   1 
ATOM   459 C  CA  . GLY A 1 62 ? 7.575   3.412   8.299   1.00 17.97 ? 144 GLY A CA  1 
ATOM   460 C  C   . GLY A 1 62 ? 7.838   4.794   7.730   1.00 19.08 ? 144 GLY A C   1 
ATOM   461 O  O   . GLY A 1 62 ? 6.931   5.436   7.200   1.00 17.49 ? 144 GLY A O   1 
ATOM   462 N  N   . THR A 1 63 ? 9.077   5.258   7.847   1.00 17.27 ? 145 THR A N   1 
ATOM   463 C  CA  A THR A 1 63 ? 9.473   6.556   7.319   0.70 18.39 ? 145 THR A CA  1 
ATOM   464 C  CA  B THR A 1 63 ? 9.442   6.568   7.325   0.30 18.26 ? 145 THR A CA  1 
ATOM   465 C  C   . THR A 1 63 ? 9.209   6.639   5.818   1.00 11.82 ? 145 THR A C   1 
ATOM   466 O  O   . THR A 1 63 ? 8.919   7.707   5.280   1.00 15.05 ? 145 THR A O   1 
ATOM   467 C  CB  A THR A 1 63 ? 10.968  6.824   7.585   0.70 15.22 ? 145 THR A CB  1 
ATOM   468 C  CB  B THR A 1 63 ? 10.912  6.917   7.628   0.30 15.30 ? 145 THR A CB  1 
ATOM   469 O  OG1 A THR A 1 63 ? 11.175  7.071   8.981   0.70 16.57 ? 145 THR A OG1 1 
ATOM   470 O  OG1 B THR A 1 63 ? 11.775  6.127   6.802   0.30 17.32 ? 145 THR A OG1 1 
ATOM   471 C  CG2 A THR A 1 63 ? 11.452  8.024   6.787   0.70 14.47 ? 145 THR A CG2 1 
ATOM   472 C  CG2 B THR A 1 63 ? 11.232  6.655   9.090   0.30 16.90 ? 145 THR A CG2 1 
ATOM   473 N  N   . GLN A 1 64 ? 9.317   5.495   5.150   1.00 12.94 ? 146 GLN A N   1 
ATOM   474 C  CA  . GLN A 1 64 ? 9.172   5.418   3.699   1.00 14.10 ? 146 GLN A CA  1 
ATOM   475 C  C   . GLN A 1 64 ? 7.723   5.470   3.216   1.00 15.62 ? 146 GLN A C   1 
ATOM   476 O  O   . GLN A 1 64 ? 7.470   5.515   2.011   1.00 15.43 ? 146 GLN A O   1 
ATOM   477 C  CB  . GLN A 1 64 ? 9.826   4.137   3.176   1.00 13.97 ? 146 GLN A CB  1 
ATOM   478 C  CG  . GLN A 1 64 ? 11.314  4.028   3.456   1.00 19.68 ? 146 GLN A CG  1 
ATOM   479 C  CD  . GLN A 1 64 ? 11.920  2.769   2.870   1.00 17.39 ? 146 GLN A CD  1 
ATOM   480 O  OE1 . GLN A 1 64 ? 11.436  1.662   3.111   1.00 17.87 ? 146 GLN A OE1 1 
ATOM   481 N  NE2 . GLN A 1 64 ? 12.985  2.932   2.095   1.00 21.88 ? 146 GLN A NE2 1 
ATOM   482 N  N   . ALA A 1 65 ? 6.777   5.463   4.149   1.00 13.98 ? 147 ALA A N   1 
ATOM   483 C  CA  . ALA A 1 65 ? 5.360   5.360   3.802   1.00 16.21 ? 147 ALA A CA  1 
ATOM   484 C  C   . ALA A 1 65 ? 4.871   6.471   2.872   1.00 14.97 ? 147 ALA A C   1 
ATOM   485 O  O   . ALA A 1 65 ? 4.028   6.236   2.006   1.00 12.57 ? 147 ALA A O   1 
ATOM   486 C  CB  . ALA A 1 65 ? 4.507   5.308   5.064   1.00 14.84 ? 147 ALA A CB  1 
ATOM   487 N  N   . TRP A 1 66 ? 5.397   7.677   3.053   1.00 16.42 ? 148 TRP A N   1 
ATOM   488 C  CA  . TRP A 1 66 ? 4.955   8.819   2.257   1.00 16.45 ? 148 TRP A CA  1 
ATOM   489 C  C   . TRP A 1 66 ? 5.496   8.783   0.828   1.00 13.37 ? 148 TRP A C   1 
ATOM   490 O  O   . TRP A 1 66 ? 4.806   9.171   -0.113  1.00 14.40 ? 148 TRP A O   1 
ATOM   491 C  CB  . TRP A 1 66 ? 5.312   10.135  2.954   1.00 14.40 ? 148 TRP A CB  1 
ATOM   492 C  CG  . TRP A 1 66 ? 4.501   10.367  4.194   1.00 14.82 ? 148 TRP A CG  1 
ATOM   493 C  CD1 . TRP A 1 66 ? 3.365   11.115  4.303   1.00 18.51 ? 148 TRP A CD1 1 
ATOM   494 C  CD2 . TRP A 1 66 ? 4.753   9.827   5.497   1.00 13.75 ? 148 TRP A CD2 1 
ATOM   495 N  NE1 . TRP A 1 66 ? 2.899   11.081  5.596   1.00 15.92 ? 148 TRP A NE1 1 
ATOM   496 C  CE2 . TRP A 1 66 ? 3.732   10.298  6.348   1.00 15.35 ? 148 TRP A CE2 1 
ATOM   497 C  CE3 . TRP A 1 66 ? 5.744   8.995   6.028   1.00 13.69 ? 148 TRP A CE3 1 
ATOM   498 C  CZ2 . TRP A 1 66 ? 3.676   9.965   7.700   1.00 16.12 ? 148 TRP A CZ2 1 
ATOM   499 C  CZ3 . TRP A 1 66 ? 5.685   8.666   7.369   1.00 14.45 ? 148 TRP A CZ3 1 
ATOM   500 C  CH2 . TRP A 1 66 ? 4.658   9.150   8.190   1.00 19.61 ? 148 TRP A CH2 1 
ATOM   501 N  N   . ASP A 1 67 ? 6.729   8.312   0.670   1.00 19.06 ? 149 ASP A N   1 
ATOM   502 C  CA  . ASP A 1 67 ? 7.302   8.125   -0.657  1.00 16.63 ? 149 ASP A CA  1 
ATOM   503 C  C   . ASP A 1 67 ? 6.540   7.036   -1.400  1.00 15.64 ? 149 ASP A C   1 
ATOM   504 O  O   . ASP A 1 67 ? 6.248   7.167   -2.589  1.00 14.60 ? 149 ASP A O   1 
ATOM   505 C  CB  . ASP A 1 67 ? 8.784   7.759   -0.563  1.00 19.03 ? 149 ASP A CB  1 
ATOM   506 C  CG  . ASP A 1 67 ? 9.671   8.972   -0.373  1.00 22.31 ? 149 ASP A CG  1 
ATOM   507 O  OD1 . ASP A 1 67 ? 9.403   10.010  -1.013  1.00 24.08 ? 149 ASP A OD1 1 
ATOM   508 O  OD2 . ASP A 1 67 ? 10.639  8.884   0.411   1.00 25.49 ? 149 ASP A OD2 1 
ATOM   509 N  N   . ALA A 1 68 ? 6.224   5.959   -0.690  1.00 14.47 ? 150 ALA A N   1 
ATOM   510 C  CA  . ALA A 1 68 ? 5.441   4.873   -1.258  1.00 13.25 ? 150 ALA A CA  1 
ATOM   511 C  C   . ALA A 1 68 ? 4.070   5.391   -1.673  1.00 14.17 ? 150 ALA A C   1 
ATOM   512 O  O   . ALA A 1 68 ? 3.555   5.030   -2.730  1.00 13.90 ? 150 ALA A O   1 
ATOM   513 C  CB  . ALA A 1 68 ? 5.300   3.750   -0.255  1.00 10.51 ? 150 ALA A CB  1 
ATOM   514 N  N   . LYS A 1 69 ? 3.483   6.236   -0.830  1.00 12.68 ? 151 LYS A N   1 
ATOM   515 C  CA  . LYS A 1 69 ? 2.176   6.824   -1.107  1.00 14.36 ? 151 LYS A CA  1 
ATOM   516 C  C   . LYS A 1 69 ? 2.198   7.650   -2.389  1.00 12.79 ? 151 LYS A C   1 
ATOM   517 O  O   . LYS A 1 69 ? 1.255   7.612   -3.181  1.00 11.22 ? 151 LYS A O   1 
ATOM   518 C  CB  . LYS A 1 69 ? 1.707   7.676   0.078   1.00 14.02 ? 151 LYS A CB  1 
ATOM   519 C  CG  . LYS A 1 69 ? 0.398   8.413   -0.145  1.00 17.51 ? 151 LYS A CG  1 
ATOM   520 C  CD  . LYS A 1 69 ? 0.635   9.812   -0.707  1.00 15.60 ? 151 LYS A CD  1 
ATOM   521 C  CE  . LYS A 1 69 ? 1.471   10.644  0.254   1.00 18.29 ? 151 LYS A CE  1 
ATOM   522 N  NZ  . LYS A 1 69 ? 1.741   12.014  -0.274  1.00 14.89 ? 151 LYS A NZ  1 
ATOM   523 N  N   . ASP A 1 70 ? 3.277   8.400   -2.584  1.00 13.96 ? 152 ASP A N   1 
ATOM   524 C  CA  . ASP A 1 70 ? 3.440   9.195   -3.796  1.00 18.32 ? 152 ASP A CA  1 
ATOM   525 C  C   . ASP A 1 70 ? 3.422   8.306   -5.032  1.00 15.42 ? 152 ASP A C   1 
ATOM   526 O  O   . ASP A 1 70 ? 2.815   8.647   -6.048  1.00 17.50 ? 152 ASP A O   1 
ATOM   527 C  CB  . ASP A 1 70 ? 4.735   10.008  -3.744  1.00 17.40 ? 152 ASP A CB  1 
ATOM   528 C  CG  . ASP A 1 70 ? 4.640   11.195  -2.807  1.00 19.30 ? 152 ASP A CG  1 
ATOM   529 O  OD1 . ASP A 1 70 ? 3.505   11.600  -2.471  1.00 20.89 ? 152 ASP A OD1 1 
ATOM   530 O  OD2 . ASP A 1 70 ? 5.697   11.730  -2.412  1.00 31.01 ? 152 ASP A OD2 1 
ATOM   531 N  N   . PHE A 1 71 ? 4.093   7.163   -4.945  1.00 12.50 ? 153 PHE A N   1 
ATOM   532 C  CA  . PHE A 1 71 ? 4.103   6.205   -6.043  1.00 13.32 ? 153 PHE A CA  1 
ATOM   533 C  C   . PHE A 1 71 ? 2.718   5.607   -6.257  1.00 13.31 ? 153 PHE A C   1 
ATOM   534 O  O   . PHE A 1 71 ? 2.229   5.538   -7.383  1.00 13.01 ? 153 PHE A O   1 
ATOM   535 C  CB  . PHE A 1 71 ? 5.108   5.083   -5.777  1.00 15.53 ? 153 PHE A CB  1 
ATOM   536 C  CG  . PHE A 1 71 ? 4.951   3.902   -6.692  1.00 13.44 ? 153 PHE A CG  1 
ATOM   537 C  CD1 . PHE A 1 71 ? 5.406   3.955   -7.999  1.00 18.36 ? 153 PHE A CD1 1 
ATOM   538 C  CD2 . PHE A 1 71 ? 4.341   2.739   -6.248  1.00 15.92 ? 153 PHE A CD2 1 
ATOM   539 C  CE1 . PHE A 1 71 ? 5.260   2.872   -8.845  1.00 19.67 ? 153 PHE A CE1 1 
ATOM   540 C  CE2 . PHE A 1 71 ? 4.193   1.652   -7.089  1.00 20.00 ? 153 PHE A CE2 1 
ATOM   541 C  CZ  . PHE A 1 71 ? 4.653   1.719   -8.389  1.00 18.84 ? 153 PHE A CZ  1 
ATOM   542 N  N   . LEU A 1 72 ? 2.093   5.182   -5.164  1.00 12.04 ? 154 LEU A N   1 
ATOM   543 C  CA  . LEU A 1 72 ? 0.821   4.470   -5.227  1.00 12.12 ? 154 LEU A CA  1 
ATOM   544 C  C   . LEU A 1 72 ? -0.312  5.275   -5.866  1.00 12.44 ? 154 LEU A C   1 
ATOM   545 O  O   . LEU A 1 72 ? -1.031  4.762   -6.721  1.00 13.89 ? 154 LEU A O   1 
ATOM   546 C  CB  . LEU A 1 72 ? 0.413   3.984   -3.833  1.00 12.16 ? 154 LEU A CB  1 
ATOM   547 C  CG  . LEU A 1 72 ? 1.289   2.876   -3.241  1.00 13.98 ? 154 LEU A CG  1 
ATOM   548 C  CD1 . LEU A 1 72 ? 0.979   2.656   -1.767  1.00 11.97 ? 154 LEU A CD1 1 
ATOM   549 C  CD2 . LEU A 1 72 ? 1.120   1.584   -4.027  1.00 12.63 ? 154 LEU A CD2 1 
ATOM   550 N  N   . ILE A 1 73 ? -0.470  6.530   -5.457  1.00 14.42 ? 155 ILE A N   1 
ATOM   551 C  CA  . ILE A 1 73 ? -1.579  7.346   -5.955  1.00 14.16 ? 155 ILE A CA  1 
ATOM   552 C  C   . ILE A 1 73 ? -1.430  7.711   -7.433  1.00 12.69 ? 155 ILE A C   1 
ATOM   553 O  O   . ILE A 1 73 ? -2.378  8.181   -8.061  1.00 13.33 ? 155 ILE A O   1 
ATOM   554 C  CB  . ILE A 1 73 ? -1.800  8.623   -5.107  1.00 17.87 ? 155 ILE A CB  1 
ATOM   555 C  CG1 . ILE A 1 73 ? -0.566  9.527   -5.143  1.00 18.76 ? 155 ILE A CG1 1 
ATOM   556 C  CG2 . ILE A 1 73 ? -2.161  8.259   -3.673  1.00 20.03 ? 155 ILE A CG2 1 
ATOM   557 C  CD1 . ILE A 1 73 ? -0.750  10.832  -4.395  1.00 29.76 ? 155 ILE A CD1 1 
ATOM   558 N  N   . GLU A 1 74 ? -0.241  7.486   -7.985  1.00 15.53 ? 156 GLU A N   1 
ATOM   559 C  CA  . GLU A 1 74 ? -0.003  7.732   -9.404  1.00 18.20 ? 156 GLU A CA  1 
ATOM   560 C  C   . GLU A 1 74 ? -0.510  6.576   -10.262 1.00 15.68 ? 156 GLU A C   1 
ATOM   561 O  O   . GLU A 1 74 ? -0.533  6.666   -11.488 1.00 17.01 ? 156 GLU A O   1 
ATOM   562 C  CB  . GLU A 1 74 ? 1.486   7.961   -9.675  1.00 20.99 ? 156 GLU A CB  1 
ATOM   563 C  CG  . GLU A 1 74 ? 1.996   9.338   -9.282  1.00 22.58 ? 156 GLU A CG  1 
ATOM   564 C  CD  . GLU A 1 74 ? 3.493   9.479   -9.485  1.00 42.37 ? 156 GLU A CD  1 
ATOM   565 O  OE1 . GLU A 1 74 ? 4.142   8.473   -9.838  1.00 46.02 ? 156 GLU A OE1 1 
ATOM   566 O  OE2 . GLU A 1 74 ? 4.020   10.595  -9.290  1.00 53.35 ? 156 GLU A OE2 1 
ATOM   567 N  N   . GLN A 1 75 ? -0.916  5.490   -9.611  1.00 13.44 ? 157 GLN A N   1 
ATOM   568 C  CA  . GLN A 1 75 ? -1.371  4.301   -10.322 1.00 13.28 ? 157 GLN A CA  1 
ATOM   569 C  C   . GLN A 1 75 ? -2.860  4.377   -10.652 1.00 11.40 ? 157 GLN A C   1 
ATOM   570 O  O   . GLN A 1 75 ? -3.668  4.797   -9.823  1.00 14.71 ? 157 GLN A O   1 
ATOM   571 C  CB  . GLN A 1 75 ? -1.062  3.042   -9.512  1.00 14.11 ? 157 GLN A CB  1 
ATOM   572 C  CG  . GLN A 1 75 ? 0.387   2.951   -9.065  1.00 11.98 ? 157 GLN A CG  1 
ATOM   573 C  CD  . GLN A 1 75 ? 1.362   3.207   -10.197 1.00 16.84 ? 157 GLN A CD  1 
ATOM   574 O  OE1 . GLN A 1 75 ? 1.234   2.640   -11.282 1.00 13.54 ? 157 GLN A OE1 1 
ATOM   575 N  NE2 . GLN A 1 75 ? 2.345   4.065   -9.950  1.00 12.85 ? 157 GLN A NE2 1 
ATOM   576 N  N   . GLU A 1 76 ? -3.212  3.964   -11.865 1.00 14.70 ? 158 GLU A N   1 
ATOM   577 C  CA  . GLU A 1 76 ? -4.582  4.085   -12.358 1.00 12.27 ? 158 GLU A CA  1 
ATOM   578 C  C   . GLU A 1 76 ? -5.615  3.403   -11.461 1.00 12.49 ? 158 GLU A C   1 
ATOM   579 O  O   . GLU A 1 76 ? -6.676  3.965   -11.192 1.00 14.53 ? 158 GLU A O   1 
ATOM   580 C  CB  . GLU A 1 76 ? -4.685  3.546   -13.789 1.00 14.61 ? 158 GLU A CB  1 
ATOM   581 C  CG  . GLU A 1 76 ? -6.086  3.612   -14.376 1.00 15.99 ? 158 GLU A CG  1 
ATOM   582 C  CD  . GLU A 1 76 ? -6.110  3.320   -15.864 1.00 22.98 ? 158 GLU A CD  1 
ATOM   583 O  OE1 . GLU A 1 76 ? -5.120  3.639   -16.554 1.00 28.11 ? 158 GLU A OE1 1 
ATOM   584 O  OE2 . GLU A 1 76 ? -7.125  2.775   -16.347 1.00 26.99 ? 158 GLU A OE2 1 
ATOM   585 N  N   . ARG A 1 77 ? -5.308  2.195   -11.002 1.00 12.52 ? 159 ARG A N   1 
ATOM   586 C  CA  . ARG A 1 77 ? -6.261  1.432   -10.203 1.00 14.59 ? 159 ARG A CA  1 
ATOM   587 C  C   . ARG A 1 77 ? -6.170  1.737   -8.707  1.00 14.85 ? 159 ARG A C   1 
ATOM   588 O  O   . ARG A 1 77 ? -6.822  1.079   -7.896  1.00 12.75 ? 159 ARG A O   1 
ATOM   589 C  CB  . ARG A 1 77 ? -6.096  -0.071  -10.444 1.00 13.55 ? 159 ARG A CB  1 
ATOM   590 C  CG  . ARG A 1 77 ? -6.431  -0.525  -11.859 1.00 11.40 ? 159 ARG A CG  1 
ATOM   591 C  CD  . ARG A 1 77 ? -7.883  -0.238  -12.222 1.00 19.69 ? 159 ARG A CD  1 
ATOM   592 N  NE  . ARG A 1 77 ? -8.827  -0.861  -11.297 1.00 19.20 ? 159 ARG A NE  1 
ATOM   593 C  CZ  . ARG A 1 77 ? -9.320  -2.089  -11.439 1.00 20.18 ? 159 ARG A CZ  1 
ATOM   594 N  NH1 . ARG A 1 77 ? -8.956  -2.841  -12.469 1.00 17.83 ? 159 ARG A NH1 1 
ATOM   595 N  NH2 . ARG A 1 77 ? -10.175 -2.568  -10.547 1.00 26.50 ? 159 ARG A NH2 1 
ATOM   596 N  N   . CYS A 1 78 ? -5.363  2.727   -8.339  1.00 14.07 ? 160 CYS A N   1 
ATOM   597 C  CA  . CYS A 1 78 ? -5.273  3.129   -6.940  1.00 12.28 ? 160 CYS A CA  1 
ATOM   598 C  C   . CYS A 1 78 ? -6.315  4.189   -6.614  1.00 15.45 ? 160 CYS A C   1 
ATOM   599 O  O   . CYS A 1 78 ? -6.251  5.316   -7.107  1.00 15.03 ? 160 CYS A O   1 
ATOM   600 C  CB  . CYS A 1 78 ? -3.874  3.637   -6.590  1.00 10.68 ? 160 CYS A CB  1 
ATOM   601 S  SG  . CYS A 1 78 ? -3.683  4.089   -4.844  1.00 13.87 ? 160 CYS A SG  1 
ATOM   602 N  N   . LYS A 1 79 ? -7.276  3.810   -5.780  1.00 11.08 ? 161 LYS A N   1 
ATOM   603 C  CA  . LYS A 1 79 ? -8.366  4.690   -5.383  1.00 13.04 ? 161 LYS A CA  1 
ATOM   604 C  C   . LYS A 1 79 ? -7.871  5.746   -4.408  1.00 18.09 ? 161 LYS A C   1 
ATOM   605 O  O   . LYS A 1 79 ? -8.329  6.888   -4.425  1.00 12.35 ? 161 LYS A O   1 
ATOM   606 C  CB  . LYS A 1 79 ? -9.473  3.864   -4.732  1.00 16.29 ? 161 LYS A CB  1 
ATOM   607 C  CG  . LYS A 1 79 ? -10.790 4.589   -4.545  1.00 25.29 ? 161 LYS A CG  1 
ATOM   608 C  CD  . LYS A 1 79 ? -11.803 3.657   -3.905  1.00 23.27 ? 161 LYS A CD  1 
ATOM   609 C  CE  . LYS A 1 79 ? -13.226 4.048   -4.251  1.00 35.14 ? 161 LYS A CE  1 
ATOM   610 N  NZ  . LYS A 1 79 ? -14.167 2.927   -3.982  1.00 40.61 ? 161 LYS A NZ  1 
ATOM   611 N  N   . GLY A 1 80 ? -6.933  5.354   -3.554  1.00 13.57 ? 162 GLY A N   1 
ATOM   612 C  CA  . GLY A 1 80 ? -6.375  6.260   -2.570  1.00 16.59 ? 162 GLY A CA  1 
ATOM   613 C  C   . GLY A 1 80 ? -5.544  5.538   -1.529  1.00 13.44 ? 162 GLY A C   1 
ATOM   614 O  O   . GLY A 1 80 ? -5.559  4.310   -1.449  1.00 12.70 ? 162 GLY A O   1 
ATOM   615 N  N   . VAL A 1 81 ? -4.814  6.310   -0.733  1.00 14.46 ? 163 VAL A N   1 
ATOM   616 C  CA  . VAL A 1 81 ? -3.999  5.754   0.340   1.00 14.50 ? 163 VAL A CA  1 
ATOM   617 C  C   . VAL A 1 81 ? -4.288  6.486   1.643   1.00 19.31 ? 163 VAL A C   1 
ATOM   618 O  O   . VAL A 1 81 ? -4.444  7.706   1.657   1.00 17.40 ? 163 VAL A O   1 
ATOM   619 C  CB  . VAL A 1 81 ? -2.493  5.867   0.026   1.00 18.87 ? 163 VAL A CB  1 
ATOM   620 C  CG1 . VAL A 1 81 ? -1.662  5.301   1.169   1.00 14.88 ? 163 VAL A CG1 1 
ATOM   621 C  CG2 . VAL A 1 81 ? -2.167  5.159   -1.279  1.00 10.73 ? 163 VAL A CG2 1 
ATOM   622 N  N   . THR A 1 82 ? -4.366  5.737   2.736   1.00 19.05 ? 164 THR A N   1 
ATOM   623 C  CA  . THR A 1 82 ? -4.584  6.335   4.045   1.00 17.88 ? 164 THR A CA  1 
ATOM   624 C  C   . THR A 1 82 ? -3.381  6.109   4.952   1.00 19.71 ? 164 THR A C   1 
ATOM   625 O  O   . THR A 1 82 ? -2.923  4.981   5.126   1.00 13.34 ? 164 THR A O   1 
ATOM   626 C  CB  . THR A 1 82 ? -5.847  5.775   4.724   1.00 21.42 ? 164 THR A CB  1 
ATOM   627 O  OG1 . THR A 1 82 ? -6.997  6.079   3.924   1.00 24.93 ? 164 THR A OG1 1 
ATOM   628 C  CG2 . THR A 1 82 ? -6.021  6.386   6.103   1.00 25.78 ? 164 THR A CG2 1 
ATOM   629 N  N   . ILE A 1 83 ? -2.867  7.195   5.521   1.00 16.36 ? 165 ILE A N   1 
ATOM   630 C  CA  . ILE A 1 83 ? -1.755  7.115   6.456   1.00 24.89 ? 165 ILE A CA  1 
ATOM   631 C  C   . ILE A 1 83 ? -2.125  7.777   7.776   1.00 26.01 ? 165 ILE A C   1 
ATOM   632 O  O   . ILE A 1 83 ? -2.195  9.004   7.865   1.00 25.99 ? 165 ILE A O   1 
ATOM   633 C  CB  . ILE A 1 83 ? -0.489  7.786   5.896   1.00 16.15 ? 165 ILE A CB  1 
ATOM   634 C  CG1 . ILE A 1 83 ? -0.174  7.253   4.497   1.00 17.26 ? 165 ILE A CG1 1 
ATOM   635 C  CG2 . ILE A 1 83 ? 0.691   7.568   6.833   1.00 18.45 ? 165 ILE A CG2 1 
ATOM   636 C  CD1 . ILE A 1 83 ? 1.135   7.759   3.936   1.00 23.03 ? 165 ILE A CD1 1 
ATOM   637 N  N   . GLU A 1 84 ? -2.362  6.959   8.798   1.00 29.83 ? 166 GLU A N   1 
ATOM   638 C  CA  . GLU A 1 84 ? -2.736  7.455   10.117  1.00 37.70 ? 166 GLU A CA  1 
ATOM   639 C  C   . GLU A 1 84 ? -3.969  8.349   10.052  1.00 31.03 ? 166 GLU A C   1 
ATOM   640 O  O   . GLU A 1 84 ? -3.927  9.504   10.479  1.00 39.14 ? 166 GLU A O   1 
ATOM   641 C  CB  . GLU A 1 84 ? -1.560  8.193   10.772  1.00 33.29 ? 166 GLU A CB  1 
ATOM   642 C  CG  . GLU A 1 84 ? -0.404  7.285   11.146  1.00 39.13 ? 166 GLU A CG  1 
ATOM   643 C  CD  . GLU A 1 84 ? -0.797  6.230   12.162  1.00 42.36 ? 166 GLU A CD  1 
ATOM   644 O  OE1 . GLU A 1 84 ? -0.504  5.040   11.926  1.00 44.69 ? 166 GLU A OE1 1 
ATOM   645 O  OE2 . GLU A 1 84 ? -1.405  6.591   13.194  1.00 48.05 ? 166 GLU A OE2 1 
ATOM   646 N  N   . ASN A 1 85 ? -5.059  7.808   9.513   1.00 33.15 ? 167 ASN A N   1 
ATOM   647 C  CA  . ASN A 1 85 ? -6.332  8.525   9.446   1.00 39.76 ? 167 ASN A CA  1 
ATOM   648 C  C   . ASN A 1 85 ? -6.309  9.745   8.530   1.00 39.39 ? 167 ASN A C   1 
ATOM   649 O  O   . ASN A 1 85 ? -7.216  10.577  8.567   1.00 39.27 ? 167 ASN A O   1 
ATOM   650 C  CB  . ASN A 1 85 ? -6.813  8.928   10.845  1.00 42.70 ? 167 ASN A CB  1 
ATOM   651 N  N   . LYS A 1 86 ? -5.274  9.849   7.704   1.00 30.51 ? 168 LYS A N   1 
ATOM   652 C  CA  . LYS A 1 86 ? -5.180  10.932  6.733   1.00 33.44 ? 168 LYS A CA  1 
ATOM   653 C  C   . LYS A 1 86 ? -5.259  10.315  5.340   1.00 26.79 ? 168 LYS A C   1 
ATOM   654 O  O   . LYS A 1 86 ? -4.469  9.430   4.996   1.00 25.37 ? 168 LYS A O   1 
ATOM   655 C  CB  . LYS A 1 86 ? -3.869  11.706  6.918   1.00 29.82 ? 168 LYS A CB  1 
ATOM   656 C  CG  . LYS A 1 86 ? -3.966  13.223  6.704   1.00 44.52 ? 168 LYS A CG  1 
ATOM   657 C  CD  . LYS A 1 86 ? -3.452  13.630  5.325   1.00 39.44 ? 168 LYS A CD  1 
ATOM   658 C  CE  . LYS A 1 86 ? -3.235  15.133  5.239   1.00 37.93 ? 168 LYS A CE  1 
ATOM   659 N  NZ  . LYS A 1 86 ? -2.288  15.496  4.145   1.00 33.65 ? 168 LYS A NZ  1 
ATOM   660 N  N   . GLU A 1 87 ? -6.226  10.763  4.548   1.00 24.24 ? 169 GLU A N   1 
ATOM   661 C  CA  . GLU A 1 87 ? -6.474  10.161  3.244   1.00 28.33 ? 169 GLU A CA  1 
ATOM   662 C  C   . GLU A 1 87 ? -5.824  10.945  2.108   1.00 18.15 ? 169 GLU A C   1 
ATOM   663 O  O   . GLU A 1 87 ? -5.934  12.172  2.039   1.00 22.26 ? 169 GLU A O   1 
ATOM   664 C  CB  . GLU A 1 87 ? -7.977  10.036  2.991   1.00 23.71 ? 169 GLU A CB  1 
ATOM   665 N  N   . TYR A 1 88 ? -5.142  10.224  1.224   1.00 20.40 ? 170 TYR A N   1 
ATOM   666 C  CA  . TYR A 1 88 ? -4.562  10.811  0.025   1.00 15.63 ? 170 TYR A CA  1 
ATOM   667 C  C   . TYR A 1 88 ? -5.246  10.210  -1.194  1.00 17.51 ? 170 TYR A C   1 
ATOM   668 O  O   . TYR A 1 88 ? -4.944  9.082   -1.587  1.00 17.44 ? 170 TYR A O   1 
ATOM   669 C  CB  . TYR A 1 88 ? -3.057  10.552  -0.031  1.00 20.13 ? 170 TYR A CB  1 
ATOM   670 C  CG  . TYR A 1 88 ? -2.288  11.201  1.097   1.00 15.95 ? 170 TYR A CG  1 
ATOM   671 C  CD1 . TYR A 1 88 ? -1.701  12.446  0.933   1.00 19.98 ? 170 TYR A CD1 1 
ATOM   672 C  CD2 . TYR A 1 88 ? -2.148  10.566  2.324   1.00 19.95 ? 170 TYR A CD2 1 
ATOM   673 C  CE1 . TYR A 1 88 ? -0.996  13.045  1.960   1.00 19.98 ? 170 TYR A CE1 1 
ATOM   674 C  CE2 . TYR A 1 88 ? -1.447  11.154  3.356   1.00 21.43 ? 170 TYR A CE2 1 
ATOM   675 C  CZ  . TYR A 1 88 ? -0.873  12.394  3.170   1.00 20.58 ? 170 TYR A CZ  1 
ATOM   676 O  OH  . TYR A 1 88 ? -0.174  12.983  4.196   1.00 23.87 ? 170 TYR A OH  1 
ATOM   677 N  N   . PRO A 1 89 ? -6.177  10.963  -1.795  1.00 17.54 ? 171 PRO A N   1 
ATOM   678 C  CA  . PRO A 1 89 ? -6.967  10.485  -2.934  1.00 21.72 ? 171 PRO A CA  1 
ATOM   679 C  C   . PRO A 1 89 ? -6.095  10.132  -4.134  1.00 20.10 ? 171 PRO A C   1 
ATOM   680 O  O   . PRO A 1 89 ? -5.103  10.811  -4.402  1.00 17.95 ? 171 PRO A O   1 
ATOM   681 C  CB  . PRO A 1 89 ? -7.857  11.688  -3.273  1.00 19.81 ? 171 PRO A CB  1 
ATOM   682 C  CG  . PRO A 1 89 ? -7.902  12.501  -2.023  1.00 24.05 ? 171 PRO A CG  1 
ATOM   683 C  CD  . PRO A 1 89 ? -6.553  12.331  -1.399  1.00 18.37 ? 171 PRO A CD  1 
ATOM   684 N  N   . GLY A 1 90 ? -6.469  9.075   -4.847  1.00 20.41 ? 172 GLY A N   1 
ATOM   685 C  CA  . GLY A 1 90 ? -5.784  8.703   -6.070  1.00 19.28 ? 172 GLY A CA  1 
ATOM   686 C  C   . GLY A 1 90 ? -6.298  9.526   -7.234  1.00 31.33 ? 172 GLY A C   1 
ATOM   687 O  O   . GLY A 1 90 ? -5.942  9.296   -8.387  1.00 24.43 ? 172 GLY A O   1 
ATOM   688 O  OXT . GLY A 1 90 ? -7.093  10.447  -7.050  1.00 29.84 ? 172 GLY A OXT 1 
HETATM 689 S  S   . SO4 B 2 .  ? -14.084 4.442   -8.441  0.90 34.50 ? 1   SO4 A S   1 
HETATM 690 O  O1  . SO4 B 2 .  ? -15.431 4.986   -8.299  0.90 43.45 ? 1   SO4 A O1  1 
HETATM 691 O  O2  . SO4 B 2 .  ? -13.890 4.341   -9.884  0.90 47.88 ? 1   SO4 A O2  1 
HETATM 692 O  O3  . SO4 B 2 .  ? -13.088 5.348   -7.877  0.90 47.89 ? 1   SO4 A O3  1 
HETATM 693 O  O4  . SO4 B 2 .  ? -13.948 3.146   -7.784  0.90 43.49 ? 1   SO4 A O4  1 
HETATM 694 S  S   . SO4 C 2 .  ? 14.906  6.339   2.779   0.72 59.95 ? 2   SO4 A S   1 
HETATM 695 O  O1  . SO4 C 2 .  ? 14.021  7.145   3.616   0.72 44.94 ? 2   SO4 A O1  1 
HETATM 696 O  O2  . SO4 C 2 .  ? 14.134  5.721   1.704   0.72 44.44 ? 2   SO4 A O2  1 
HETATM 697 O  O3  . SO4 C 2 .  ? 15.948  7.185   2.205   0.72 52.64 ? 2   SO4 A O3  1 
HETATM 698 O  O4  . SO4 C 2 .  ? 15.523  5.297   3.594   0.72 47.74 ? 2   SO4 A O4  1 
HETATM 699 S  S   . SO4 D 2 .  ? -14.567 -2.690  -12.495 0.74 74.08 ? 3   SO4 A S   1 
HETATM 700 O  O1  . SO4 D 2 .  ? -15.569 -1.887  -11.798 0.74 56.20 ? 3   SO4 A O1  1 
HETATM 701 O  O2  . SO4 D 2 .  ? -15.028 -4.071  -12.604 0.74 56.83 ? 3   SO4 A O2  1 
HETATM 702 O  O3  . SO4 D 2 .  ? -14.363 -2.152  -13.837 0.74 43.93 ? 3   SO4 A O3  1 
HETATM 703 O  O4  . SO4 D 2 .  ? -13.309 -2.662  -11.756 0.74 49.15 ? 3   SO4 A O4  1 
HETATM 704 C  C   . ACT E 3 .  ? 7.247   -1.516  15.722  0.97 47.35 ? 173 ACT A C   1 
HETATM 705 O  O   . ACT E 3 .  ? 6.617   -0.707  15.006  0.97 42.25 ? 173 ACT A O   1 
HETATM 706 O  OXT . ACT E 3 .  ? 8.398   -1.814  15.332  0.97 45.72 ? 173 ACT A OXT 1 
HETATM 707 C  CH3 . ACT E 3 .  ? 6.658   -2.095  16.975  0.97 40.67 ? 173 ACT A CH3 1 
HETATM 708 NA NA  . NA  F 4 .  ? -11.190 6.356   -10.573 0.50 39.29 ? 174 NA  A NA  1 
HETATM 709 O  O   . HOH G 5 .  ? -0.222  0.467   -11.700 1.00 13.86 ? 4   HOH A O   1 
HETATM 710 O  O   . HOH G 5 .  ? -1.107  3.749   -13.805 1.00 14.10 ? 5   HOH A O   1 
HETATM 711 O  O   . HOH G 5 .  ? 16.301  -2.806  -0.038  1.00 32.60 ? 6   HOH A O   1 
HETATM 712 O  O   . HOH G 5 .  ? 0.431   12.206  6.664   1.00 18.28 ? 7   HOH A O   1 
HETATM 713 O  O   . HOH G 5 .  ? -2.997  0.591   -11.757 1.00 13.71 ? 8   HOH A O   1 
HETATM 714 O  O   . HOH G 5 .  ? -15.051 -4.355  -4.442  1.00 26.96 ? 9   HOH A O   1 
HETATM 715 O  O   . HOH G 5 .  ? -7.506  3.539   1.616   1.00 29.08 ? 10  HOH A O   1 
HETATM 716 O  O   . HOH G 5 .  ? -13.406 0.344   -5.268  1.00 24.98 ? 11  HOH A O   1 
HETATM 717 O  O   . HOH G 5 .  ? -9.913  7.886   -6.350  1.00 29.03 ? 12  HOH A O   1 
HETATM 718 O  O   . HOH G 5 .  ? 11.585  6.484   0.887   1.00 28.61 ? 13  HOH A O   1 
HETATM 719 O  O   . HOH G 5 .  ? -7.966  12.878  5.578   1.00 29.35 ? 14  HOH A O   1 
HETATM 720 O  O   . HOH G 5 .  ? 3.110   2.817   -13.500 1.00 31.09 ? 15  HOH A O   1 
HETATM 721 O  O   . HOH G 5 .  ? 9.347   0.312   4.313   1.00 19.30 ? 16  HOH A O   1 
HETATM 722 O  O   . HOH G 5 .  ? -4.793  7.127   -9.128  1.00 22.88 ? 17  HOH A O   1 
HETATM 723 O  O   . HOH G 5 .  ? -9.681  10.581  -6.174  1.00 27.28 ? 18  HOH A O   1 
HETATM 724 O  O   . HOH G 5 .  ? 4.226   5.330   -11.714 1.00 33.64 ? 19  HOH A O   1 
HETATM 725 O  O   . HOH G 5 .  ? -11.183 1.365   -12.292 1.00 28.63 ? 20  HOH A O   1 
HETATM 726 O  O   . HOH G 5 .  ? -12.626 7.531   -6.485  1.00 30.94 ? 21  HOH A O   1 
HETATM 727 O  O   . HOH G 5 .  ? -6.806  -7.736  -11.361 1.00 27.70 ? 22  HOH A O   1 
HETATM 728 O  O   . HOH G 5 .  ? 4.594   3.378   14.107  1.00 32.17 ? 23  HOH A O   1 
HETATM 729 O  O   . HOH G 5 .  ? 0.676   -9.677  -9.419  1.00 22.01 ? 24  HOH A O   1 
HETATM 730 O  O   . HOH G 5 .  ? 11.633  11.125  1.216   1.00 26.96 ? 25  HOH A O   1 
HETATM 731 O  O   . HOH G 5 .  ? -1.765  4.478   9.177   1.00 33.49 ? 26  HOH A O   1 
HETATM 732 O  O   . HOH G 5 .  ? -0.090  13.830  -1.654  1.00 31.12 ? 27  HOH A O   1 
HETATM 733 O  O   . HOH G 5 .  ? 8.319   10.906  -3.389  1.00 26.16 ? 28  HOH A O   1 
HETATM 734 O  O   . HOH G 5 .  ? -0.079  -12.281 -8.298  1.00 26.07 ? 29  HOH A O   1 
HETATM 735 O  O   . HOH G 5 .  ? 14.413  -4.517  -1.301  1.00 31.99 ? 30  HOH A O   1 
HETATM 736 O  O   . HOH G 5 .  ? 7.860   7.796   -4.722  1.00 27.22 ? 31  HOH A O   1 
HETATM 737 O  O   . HOH G 5 .  ? -3.369  12.737  -2.551  1.00 29.83 ? 32  HOH A O   1 
HETATM 738 O  O   . HOH G 5 .  ? -11.973 -4.877  -11.382 1.00 41.34 ? 33  HOH A O   1 
HETATM 739 O  O   . HOH G 5 .  ? 3.366   -9.379  2.108   1.00 27.15 ? 34  HOH A O   1 
HETATM 740 O  O   . HOH G 5 .  ? 11.399  3.982   10.922  1.00 27.76 ? 35  HOH A O   1 
HETATM 741 O  O   . HOH G 5 .  ? -13.901 2.561   -0.962  1.00 39.69 ? 36  HOH A O   1 
HETATM 742 O  O   . HOH G 5 .  ? -3.558  -11.344 1.951   1.00 29.98 ? 37  HOH A O   1 
HETATM 743 O  O   . HOH G 5 .  ? 16.020  1.290   1.818   1.00 32.85 ? 38  HOH A O   1 
HETATM 744 O  O   . HOH G 5 .  ? -2.105  7.685   -13.798 1.00 40.99 ? 39  HOH A O   1 
HETATM 745 O  O   . HOH G 5 .  ? -8.654  7.561   -8.907  1.00 31.38 ? 40  HOH A O   1 
HETATM 746 O  O   . HOH G 5 .  ? -4.970  12.198  10.747  1.00 36.42 ? 41  HOH A O   1 
HETATM 747 O  O   . HOH G 5 .  ? -15.502 0.326   -1.060  1.00 40.08 ? 42  HOH A O   1 
HETATM 748 O  O   . HOH G 5 .  ? -6.909  6.464   -10.549 1.00 34.62 ? 43  HOH A O   1 
HETATM 749 O  O   . HOH G 5 .  ? -2.221  5.048   -16.407 1.00 34.30 ? 44  HOH A O   1 
HETATM 750 O  O   . HOH G 5 .  ? -15.142 -6.867  0.700   1.00 32.20 ? 45  HOH A O   1 
HETATM 751 O  O   . HOH G 5 .  ? 1.179   1.660   12.262  1.00 34.33 ? 46  HOH A O   1 
HETATM 752 O  O   . HOH G 5 .  ? 1.804   3.122   14.465  1.00 39.10 ? 47  HOH A O   1 
HETATM 753 O  O   . HOH G 5 .  ? -10.667 9.775   -3.323  1.00 40.69 ? 48  HOH A O   1 
HETATM 754 O  O   . HOH G 5 .  ? -14.398 -11.336 -4.444  1.00 40.23 ? 49  HOH A O   1 
HETATM 755 O  O   . HOH G 5 .  ? 2.373   -0.934  12.952  1.00 36.87 ? 51  HOH A O   1 
HETATM 756 O  O   . HOH G 5 .  ? 15.203  -1.213  2.260   1.00 35.58 ? 52  HOH A O   1 
HETATM 757 O  O   . HOH G 5 .  ? -9.015  1.582   -15.011 1.00 28.61 ? 53  HOH A O   1 
HETATM 758 O  O   . HOH G 5 .  ? 10.677  -3.461  10.666  1.00 33.99 ? 54  HOH A O   1 
HETATM 759 O  O   . HOH G 5 .  ? -12.995 7.937   -3.956  1.00 39.70 ? 55  HOH A O   1 
HETATM 760 O  O   . HOH G 5 .  ? -9.101  -6.161  -12.411 1.00 29.46 ? 56  HOH A O   1 
HETATM 761 O  O   . HOH G 5 .  ? 8.960   1.523   -9.809  1.00 37.75 ? 57  HOH A O   1 
HETATM 762 O  O   . HOH G 5 .  ? 15.389  1.711   4.806   1.00 42.39 ? 58  HOH A O   1 
HETATM 763 O  O   . HOH G 5 .  ? -3.385  11.299  -7.965  1.00 37.08 ? 59  HOH A O   1 
HETATM 764 O  O   . HOH G 5 .  ? 2.201   11.296  -6.471  1.00 20.73 ? 60  HOH A O   1 
HETATM 765 O  O   . HOH G 5 .  ? -16.210 -0.279  -3.887  1.00 44.47 ? 61  HOH A O   1 
HETATM 766 O  O   . HOH G 5 .  ? 8.742   -8.560  7.990   1.00 41.01 ? 62  HOH A O   1 
HETATM 767 O  O   . HOH G 5 .  ? 1.709   -10.947 3.712   1.00 35.52 ? 63  HOH A O   1 
HETATM 768 O  O   . HOH G 5 .  ? 7.738   1.854   -6.801  1.00 25.94 ? 64  HOH A O   1 
HETATM 769 O  O   . HOH G 5 .  ? -6.676  -14.606 0.687   1.00 47.26 ? 65  HOH A O   1 
HETATM 770 O  O   . HOH G 5 .  ? -9.753  -17.371 2.932   1.00 46.98 ? 66  HOH A O   1 
HETATM 771 O  O   . HOH G 5 .  ? 13.705  -1.161  21.590  1.00 45.03 ? 67  HOH A O   1 
HETATM 772 O  O   . HOH G 5 .  ? -6.491  7.828   -13.825 1.00 49.93 ? 68  HOH A O   1 
HETATM 773 O  O   . HOH G 5 .  ? 21.941  -0.788  20.519  1.00 48.69 ? 69  HOH A O   1 
HETATM 774 O  O   . HOH G 5 .  ? 19.969  -1.087  18.179  1.00 55.63 ? 70  HOH A O   1 
HETATM 775 O  O   . HOH G 5 .  ? 10.552  -0.704  -9.068  1.00 31.99 ? 72  HOH A O   1 
HETATM 776 O  O   . HOH G 5 .  ? 1.950   -13.821 -6.209  1.00 49.30 ? 73  HOH A O   1 
HETATM 777 O  O   . HOH G 5 .  ? -12.199 -13.078 -5.378  1.00 43.68 ? 74  HOH A O   1 
HETATM 778 O  O   . HOH G 5 .  ? -11.662 2.618   0.934   1.00 45.49 ? 75  HOH A O   1 
HETATM 779 O  O   . HOH G 5 .  ? -11.630 -12.776 -9.632  1.00 35.86 ? 76  HOH A O   1 
HETATM 780 O  O   . HOH G 5 .  ? 2.143   -10.597 -0.552  1.00 38.08 ? 77  HOH A O   1 
HETATM 781 O  O   . HOH G 5 .  ? -9.245  8.676   -0.505  1.00 41.75 ? 78  HOH A O   1 
HETATM 782 O  O   . HOH G 5 .  ? 8.602   8.860   2.913   1.00 11.31 ? 175 HOH A O   1 
HETATM 783 O  O   . HOH G 5 .  ? 7.228   -3.536  -0.878  1.00 15.90 ? 176 HOH A O   1 
HETATM 784 O  O   . HOH G 5 .  ? 12.558  -0.830  3.041   1.00 16.88 ? 177 HOH A O   1 
# 
